data_3AEO
#
_entry.id   3AEO
#
_cell.length_a   99.057
_cell.length_b   85.703
_cell.length_c   115.135
_cell.angle_alpha   90.000
_cell.angle_beta   101.390
_cell.angle_gamma   90.000
#
_symmetry.space_group_name_H-M   'P 1 21 1'
#
loop_
_entity.id
_entity.type
_entity.pdbx_description
1 polymer 'Methionine gamma-lyase'
2 non-polymer '(2E)-2-[({3-hydroxy-2-methyl-5-[(phosphonooxy)methyl]pyridin-4-yl}methyl)amino]-4-(methylsulfanyl)but-2-enoic acid'
3 non-polymer 'SULFATE ION'
4 non-polymer GLYCEROL
5 water water
#
_entity_poly.entity_id   1
_entity_poly.type   'polypeptide(L)'
_entity_poly.pdbx_seq_one_letter_code
;MTAQDITTTLLHPKGDHVLHSHAYPIFQTSTFCFDSTQQGADLFMGKGEGHIYSRLGNPTVEQFEEMVCSIEGAAGSAAF
GSGMGAISSSTLAFLQKGDHLIAGDTLYGCTVSLFTHWLPRFGIEVDLIDTSDVEKVKAAWKPNTKMVYLESPANPTCKV
SDIKGIAVVCHERGARLVVDATFTSPCFLKPLELGADIALHSVSKYINGHGDVIGGVSSAKTAEDIATIKFYRKDAGSLM
APMDAFLCARGMKTLPIRMQIHMENGLKVAKFLEQHEKIVKVNHPGLESFPGHDIAKKQMTGYGSTFLFEMKSFEAAKKL
MEHLKVCTLAVSLGCVDTLIEHPASMTHAAVPENIMRKQGITPELVRISVGIENVDDIIADLKQALELW
;
_entity_poly.pdbx_strand_id   A,B,C,D
#
loop_
_chem_comp.id
_chem_comp.type
_chem_comp.name
_chem_comp.formula
3LM non-polymer '(2E)-2-[({3-hydroxy-2-methyl-5-[(phosphonooxy)methyl]pyridin-4-yl}methyl)amino]-4-(methylsulfanyl)but-2-enoic acid' 'C13 H19 N2 O7 P S'
GOL non-polymer GLYCEROL 'C3 H8 O3'
SO4 non-polymer 'SULFATE ION' 'O4 S -2'
#
# COMPACT_ATOMS: atom_id res chain seq x y z
N ALA A 3 -23.15 9.93 -27.62
CA ALA A 3 -23.01 9.59 -26.16
C ALA A 3 -21.85 8.62 -25.86
N GLN A 4 -20.83 9.14 -25.20
CA GLN A 4 -19.68 8.33 -24.75
C GLN A 4 -20.10 7.12 -23.86
N ASP A 5 -19.53 5.96 -24.15
CA ASP A 5 -19.80 4.72 -23.39
C ASP A 5 -19.27 4.80 -21.95
N ILE A 6 -20.01 4.14 -21.06
CA ILE A 6 -19.61 4.01 -19.65
C ILE A 6 -18.17 3.46 -19.49
N THR A 7 -17.75 2.52 -20.36
CA THR A 7 -16.38 2.01 -20.26
C THR A 7 -15.39 3.15 -20.43
N THR A 8 -15.66 4.03 -21.42
CA THR A 8 -14.79 5.17 -21.69
C THR A 8 -14.81 6.20 -20.56
N THR A 9 -15.99 6.49 -20.04
CA THR A 9 -16.14 7.44 -18.92
C THR A 9 -15.31 7.03 -17.66
N LEU A 10 -15.37 5.77 -17.29
CA LEU A 10 -14.70 5.25 -16.07
C LEU A 10 -13.17 5.30 -16.20
N LEU A 11 -12.72 5.11 -17.42
CA LEU A 11 -11.30 5.14 -17.79
C LEU A 11 -10.79 6.55 -17.98
N HIS A 12 -11.69 7.54 -18.08
CA HIS A 12 -11.28 8.97 -18.32
C HIS A 12 -12.03 9.92 -17.39
N PRO A 13 -11.80 9.79 -16.08
CA PRO A 13 -12.64 10.57 -15.19
C PRO A 13 -12.19 12.03 -15.23
N LYS A 14 -13.11 12.95 -14.91
CA LYS A 14 -12.79 14.37 -14.85
C LYS A 14 -11.77 14.67 -13.74
N GLY A 15 -11.06 15.78 -13.90
CA GLY A 15 -10.06 16.18 -12.90
C GLY A 15 -8.74 16.53 -13.54
N ASP A 16 -7.96 17.35 -12.85
CA ASP A 16 -6.63 17.64 -13.30
C ASP A 16 -5.67 16.53 -12.85
N HIS A 17 -4.70 16.21 -13.69
CA HIS A 17 -3.64 15.27 -13.29
C HIS A 17 -2.84 15.92 -12.18
N VAL A 18 -2.14 15.12 -11.39
CA VAL A 18 -1.30 15.59 -10.31
C VAL A 18 0.17 15.35 -10.65
N LEU A 19 0.94 16.43 -10.81
CA LEU A 19 2.32 16.35 -11.27
C LEU A 19 2.44 15.49 -12.54
N HIS A 20 1.43 15.56 -13.42
CA HIS A 20 1.40 14.83 -14.69
C HIS A 20 1.36 13.32 -14.53
N SER A 21 1.06 12.83 -13.33
CA SER A 21 1.02 11.39 -13.10
C SER A 21 -0.14 10.79 -13.89
N HIS A 22 0.10 9.70 -14.59
CA HIS A 22 -0.97 9.05 -15.33
C HIS A 22 -1.98 8.37 -14.37
N ALA A 23 -1.48 7.55 -13.47
CA ALA A 23 -2.37 7.03 -12.40
C ALA A 23 -2.53 8.09 -11.28
N TYR A 24 -3.72 8.16 -10.71
CA TYR A 24 -3.96 9.17 -9.67
C TYR A 24 -3.21 8.73 -8.40
N PRO A 25 -2.36 9.61 -7.83
CA PRO A 25 -1.55 9.28 -6.64
C PRO A 25 -2.37 8.92 -5.40
N ILE A 26 -1.74 8.20 -4.49
CA ILE A 26 -2.34 7.79 -3.23
C ILE A 26 -1.94 8.85 -2.21
N PHE A 27 -2.91 9.64 -1.79
CA PHE A 27 -2.68 10.65 -0.78
C PHE A 27 -2.76 10.09 0.64
N GLN A 28 -1.72 9.37 1.01
CA GLN A 28 -1.66 8.78 2.33
C GLN A 28 -1.17 9.86 3.28
N THR A 29 -2.13 10.69 3.71
CA THR A 29 -1.87 11.85 4.53
C THR A 29 -3.05 12.09 5.47
N SER A 30 -2.78 12.64 6.64
CA SER A 30 -3.88 13.02 7.49
C SER A 30 -4.21 14.48 7.20
N THR A 31 -3.22 15.35 7.23
CA THR A 31 -3.47 16.79 7.10
C THR A 31 -2.91 17.44 5.82
N PHE A 32 -3.29 18.71 5.64
CA PHE A 32 -2.90 19.54 4.51
C PHE A 32 -2.44 20.91 4.98
N CYS A 33 -1.43 21.45 4.31
CA CYS A 33 -0.87 22.74 4.70
CA CYS A 33 -0.89 22.75 4.71
C CYS A 33 -1.66 23.91 4.10
N PHE A 34 -1.70 25.03 4.82
CA PHE A 34 -2.33 26.24 4.33
C PHE A 34 -1.28 27.23 3.86
N ASP A 35 -1.62 28.05 2.86
CA ASP A 35 -0.75 29.14 2.38
C ASP A 35 -0.69 30.32 3.38
N SER A 36 -1.80 30.53 4.08
CA SER A 36 -2.03 31.70 4.94
C SER A 36 -3.20 31.36 5.86
N THR A 37 -3.34 32.09 6.96
CA THR A 37 -4.48 31.88 7.86
C THR A 37 -5.81 32.09 7.13
N GLN A 38 -5.87 33.10 6.27
CA GLN A 38 -7.09 33.44 5.52
C GLN A 38 -7.53 32.34 4.53
N GLN A 39 -6.59 31.82 3.74
CA GLN A 39 -6.89 30.73 2.82
C GLN A 39 -7.41 29.50 3.58
N GLY A 40 -6.82 29.22 4.75
CA GLY A 40 -7.24 28.12 5.63
C GLY A 40 -8.58 28.40 6.32
N ALA A 41 -8.75 29.63 6.82
CA ALA A 41 -10.04 30.08 7.34
C ALA A 41 -11.14 29.97 6.29
N ASP A 42 -10.84 30.40 5.05
CA ASP A 42 -11.80 30.34 3.91
C ASP A 42 -12.23 28.91 3.56
N LEU A 43 -11.28 27.98 3.53
CA LEU A 43 -11.58 26.59 3.20
C LEU A 43 -12.53 26.03 4.25
N PHE A 44 -12.33 26.41 5.50
CA PHE A 44 -13.21 25.96 6.59
C PHE A 44 -14.68 26.42 6.45
N MET A 45 -14.91 27.59 5.83
CA MET A 45 -16.29 28.05 5.60
CA MET A 45 -16.27 28.11 5.58
C MET A 45 -16.80 27.75 4.17
N GLY A 46 -16.15 26.80 3.51
CA GLY A 46 -16.54 26.34 2.18
C GLY A 46 -16.21 27.27 1.03
N LYS A 47 -15.31 28.23 1.27
CA LYS A 47 -14.93 29.20 0.26
C LYS A 47 -13.60 28.81 -0.38
N GLY A 48 -13.57 28.68 -1.70
CA GLY A 48 -12.37 28.33 -2.43
C GLY A 48 -12.24 26.85 -2.69
N GLU A 49 -11.17 26.47 -3.39
CA GLU A 49 -10.94 25.06 -3.72
C GLU A 49 -9.65 24.59 -3.07
N GLY A 50 -9.67 23.38 -2.55
CA GLY A 50 -8.53 22.86 -1.79
C GLY A 50 -8.91 21.86 -0.70
N HIS A 51 -7.94 21.55 0.16
CA HIS A 51 -8.12 20.49 1.14
C HIS A 51 -7.68 20.93 2.54
N ILE A 52 -8.23 20.25 3.56
CA ILE A 52 -7.97 20.59 4.96
C ILE A 52 -7.38 19.39 5.72
N TYR A 53 -8.10 18.26 5.62
CA TYR A 53 -7.92 17.14 6.51
C TYR A 53 -8.71 15.99 5.92
N SER A 54 -8.08 14.83 5.87
CA SER A 54 -8.61 13.68 5.11
C SER A 54 -10.02 13.19 5.52
N ARG A 55 -10.36 13.32 6.80
CA ARG A 55 -11.73 13.02 7.24
C ARG A 55 -12.76 13.92 6.52
N LEU A 56 -12.36 15.16 6.20
CA LEU A 56 -13.25 16.12 5.49
C LEU A 56 -13.18 15.93 3.97
N GLY A 57 -12.00 15.55 3.45
CA GLY A 57 -11.84 15.33 2.02
C GLY A 57 -10.43 14.94 1.65
N ASN A 58 -10.28 13.83 0.94
CA ASN A 58 -8.96 13.35 0.48
C ASN A 58 -8.99 13.24 -1.03
N PRO A 59 -7.98 13.80 -1.71
CA PRO A 59 -7.97 13.74 -3.19
C PRO A 59 -8.17 12.34 -3.82
N THR A 60 -7.53 11.31 -3.28
CA THR A 60 -7.64 9.99 -3.87
C THR A 60 -9.06 9.46 -3.65
N VAL A 61 -9.62 9.72 -2.47
CA VAL A 61 -10.98 9.28 -2.18
C VAL A 61 -12.00 10.00 -3.06
N GLU A 62 -11.87 11.32 -3.17
CA GLU A 62 -12.71 12.14 -4.05
C GLU A 62 -12.70 11.71 -5.52
N GLN A 63 -11.53 11.30 -6.06
CA GLN A 63 -11.47 10.72 -7.40
C GLN A 63 -12.37 9.48 -7.52
N PHE A 64 -12.30 8.59 -6.52
CA PHE A 64 -13.20 7.43 -6.52
C PHE A 64 -14.66 7.90 -6.45
N GLU A 65 -14.96 8.89 -5.61
CA GLU A 65 -16.34 9.41 -5.53
C GLU A 65 -16.88 9.92 -6.87
N GLU A 66 -16.03 10.65 -7.60
CA GLU A 66 -16.40 11.21 -8.89
CA GLU A 66 -16.41 11.20 -8.91
C GLU A 66 -16.71 10.10 -9.92
N MET A 67 -15.91 9.05 -9.91
CA MET A 67 -16.18 7.92 -10.80
C MET A 67 -17.59 7.34 -10.56
N VAL A 68 -17.92 7.14 -9.29
CA VAL A 68 -19.23 6.53 -8.95
C VAL A 68 -20.36 7.52 -9.30
N CYS A 69 -20.12 8.80 -8.99
CA CYS A 69 -21.10 9.86 -9.28
C CYS A 69 -21.41 9.90 -10.79
N SER A 70 -20.38 9.75 -11.61
CA SER A 70 -20.57 9.76 -13.06
C SER A 70 -21.39 8.55 -13.52
N ILE A 71 -21.29 7.40 -12.88
CA ILE A 71 -22.12 6.30 -13.41
C ILE A 71 -23.57 6.30 -12.84
N GLU A 72 -23.74 6.80 -11.61
CA GLU A 72 -25.06 6.85 -10.96
C GLU A 72 -25.93 7.95 -11.54
N GLY A 73 -25.29 8.97 -12.11
CA GLY A 73 -26.03 10.15 -12.59
C GLY A 73 -26.45 11.03 -11.41
N ALA A 74 -25.60 11.11 -10.38
CA ALA A 74 -25.91 11.82 -9.12
C ALA A 74 -25.42 13.27 -9.06
N ALA A 75 -25.86 13.98 -8.02
CA ALA A 75 -25.32 15.30 -7.73
C ALA A 75 -23.96 15.19 -6.99
N GLY A 76 -23.72 14.09 -6.26
CA GLY A 76 -22.43 13.85 -5.57
C GLY A 76 -22.47 12.45 -4.95
N SER A 77 -21.28 11.93 -4.63
CA SER A 77 -21.10 10.65 -3.98
C SER A 77 -20.19 10.78 -2.78
N ALA A 78 -20.42 9.93 -1.80
CA ALA A 78 -19.58 9.85 -0.61
C ALA A 78 -19.11 8.41 -0.42
N ALA A 79 -17.81 8.22 -0.21
CA ALA A 79 -17.22 6.90 0.03
C ALA A 79 -17.10 6.66 1.53
N PHE A 80 -17.16 5.41 1.96
CA PHE A 80 -17.15 5.03 3.40
C PHE A 80 -16.26 3.84 3.62
N GLY A 81 -15.97 3.53 4.88
CA GLY A 81 -15.15 2.39 5.25
C GLY A 81 -15.83 1.05 5.00
N SER A 82 -17.14 1.03 4.75
CA SER A 82 -17.84 -0.24 4.50
C SER A 82 -19.22 0.07 3.93
N GLY A 83 -19.85 -0.91 3.27
CA GLY A 83 -21.25 -0.82 2.90
C GLY A 83 -22.11 -0.38 4.09
N MET A 84 -21.87 -0.98 5.26
CA MET A 84 -22.66 -0.65 6.42
C MET A 84 -22.48 0.83 6.82
N GLY A 85 -21.27 1.39 6.65
CA GLY A 85 -21.06 2.82 6.87
C GLY A 85 -21.93 3.64 5.89
N ALA A 86 -21.99 3.24 4.62
CA ALA A 86 -22.84 3.92 3.61
C ALA A 86 -24.33 3.83 4.00
N ILE A 87 -24.77 2.66 4.48
CA ILE A 87 -26.17 2.45 4.88
C ILE A 87 -26.55 3.24 6.14
N SER A 88 -25.76 3.15 7.20
CA SER A 88 -25.96 3.98 8.39
C SER A 88 -26.00 5.47 8.08
N SER A 89 -25.02 5.95 7.32
CA SER A 89 -24.96 7.37 6.97
C SER A 89 -26.05 7.82 6.00
N SER A 90 -26.67 6.92 5.22
CA SER A 90 -27.72 7.29 4.29
C SER A 90 -29.09 7.23 4.98
N THR A 91 -29.16 6.67 6.19
CA THR A 91 -30.44 6.57 6.86
C THR A 91 -30.43 7.53 8.03
N LEU A 92 -29.45 7.40 8.92
CA LEU A 92 -29.38 8.16 10.18
C LEU A 92 -28.96 9.64 10.00
N ALA A 93 -28.47 9.99 8.82
CA ALA A 93 -28.26 11.39 8.52
C ALA A 93 -29.56 12.13 8.34
N PHE A 94 -30.67 11.44 8.11
CA PHE A 94 -31.96 12.05 7.87
C PHE A 94 -33.01 11.69 8.92
N LEU A 95 -32.99 10.45 9.41
CA LEU A 95 -34.02 10.00 10.34
C LEU A 95 -33.72 10.43 11.75
N GLN A 96 -34.75 10.88 12.46
CA GLN A 96 -34.57 11.27 13.82
C GLN A 96 -35.74 10.73 14.63
N LYS A 97 -35.66 10.92 15.94
CA LYS A 97 -36.64 10.37 16.85
C LYS A 97 -38.04 10.90 16.47
N GLY A 98 -39.01 9.98 16.42
CA GLY A 98 -40.38 10.30 15.99
C GLY A 98 -40.65 10.04 14.51
N ASP A 99 -39.59 9.83 13.71
CA ASP A 99 -39.75 9.50 12.28
C ASP A 99 -40.04 8.02 12.11
N HIS A 100 -40.60 7.67 10.96
CA HIS A 100 -40.90 6.27 10.65
C HIS A 100 -40.20 5.87 9.33
N LEU A 101 -39.67 4.65 9.33
CA LEU A 101 -39.00 4.06 8.20
C LEU A 101 -39.77 2.83 7.77
N ILE A 102 -40.06 2.71 6.48
CA ILE A 102 -40.52 1.44 5.89
C ILE A 102 -39.33 0.81 5.19
N ALA A 103 -38.95 -0.42 5.59
CA ALA A 103 -37.87 -1.12 4.87
C ALA A 103 -38.33 -2.48 4.33
N GLY A 104 -37.68 -2.97 3.29
CA GLY A 104 -37.97 -4.33 2.80
C GLY A 104 -37.79 -5.40 3.87
N ASP A 105 -38.60 -6.45 3.79
CA ASP A 105 -38.49 -7.52 4.77
C ASP A 105 -37.35 -8.46 4.45
N THR A 106 -36.81 -8.42 3.24
CA THR A 106 -35.63 -9.25 2.97
C THR A 106 -34.46 -8.41 2.62
N LEU A 107 -33.50 -8.41 3.54
CA LEU A 107 -32.35 -7.53 3.46
C LEU A 107 -31.16 -8.31 3.95
N TYR A 108 -29.98 -7.85 3.54
CA TYR A 108 -28.71 -8.24 4.12
C TYR A 108 -28.78 -8.29 5.67
N GLY A 109 -28.16 -9.33 6.25
CA GLY A 109 -28.39 -9.65 7.68
C GLY A 109 -28.04 -8.49 8.61
N CYS A 110 -26.97 -7.75 8.32
CA CYS A 110 -26.48 -6.69 9.25
C CYS A 110 -27.29 -5.41 9.04
N THR A 111 -27.91 -5.28 7.86
CA THR A 111 -28.92 -4.21 7.67
C THR A 111 -30.12 -4.51 8.56
N VAL A 112 -30.55 -5.77 8.58
CA VAL A 112 -31.63 -6.15 9.51
C VAL A 112 -31.21 -5.79 10.94
N SER A 113 -29.96 -6.07 11.29
CA SER A 113 -29.47 -5.75 12.64
C SER A 113 -29.53 -4.24 12.93
N LEU A 114 -29.04 -3.43 12.01
CA LEU A 114 -29.03 -1.98 12.16
C LEU A 114 -30.45 -1.42 12.35
N PHE A 115 -31.41 -1.89 11.54
CA PHE A 115 -32.76 -1.31 11.52
C PHE A 115 -33.59 -1.81 12.71
N THR A 116 -33.17 -2.93 13.24
CA THR A 116 -34.03 -3.66 14.15
C THR A 116 -33.49 -3.60 15.57
N HIS A 117 -32.19 -3.42 15.71
CA HIS A 117 -31.60 -3.18 17.04
C HIS A 117 -31.28 -1.68 17.29
N TRP A 118 -30.49 -1.06 16.40
CA TRP A 118 -30.06 0.33 16.63
C TRP A 118 -31.11 1.43 16.40
N LEU A 119 -31.78 1.47 15.24
CA LEU A 119 -32.74 2.57 15.02
C LEU A 119 -33.81 2.78 16.10
N PRO A 120 -34.46 1.69 16.59
CA PRO A 120 -35.46 1.84 17.67
C PRO A 120 -34.86 2.43 18.92
N ARG A 121 -33.57 2.22 19.15
CA ARG A 121 -32.92 2.76 20.34
C ARG A 121 -32.82 4.26 20.23
N PHE A 122 -32.82 4.77 18.99
CA PHE A 122 -32.76 6.19 18.74
C PHE A 122 -34.14 6.83 18.49
N GLY A 123 -35.21 6.12 18.88
CA GLY A 123 -36.58 6.62 18.80
C GLY A 123 -37.14 6.60 17.39
N ILE A 124 -36.51 5.81 16.51
CA ILE A 124 -36.96 5.73 15.13
C ILE A 124 -37.88 4.53 14.98
N GLU A 125 -39.09 4.74 14.44
CA GLU A 125 -40.04 3.65 14.24
C GLU A 125 -39.73 2.96 12.92
N VAL A 126 -39.67 1.63 12.95
CA VAL A 126 -39.28 0.85 11.78
C VAL A 126 -40.28 -0.28 11.53
N ASP A 127 -40.74 -0.41 10.29
CA ASP A 127 -41.50 -1.60 9.89
C ASP A 127 -40.88 -2.28 8.67
N LEU A 128 -40.67 -3.59 8.76
CA LEU A 128 -40.17 -4.40 7.64
C LEU A 128 -41.37 -4.96 6.88
N ILE A 129 -41.45 -4.68 5.58
CA ILE A 129 -42.68 -4.86 4.78
C ILE A 129 -42.32 -5.60 3.50
N ASP A 130 -43.24 -6.38 2.97
CA ASP A 130 -43.00 -6.97 1.66
C ASP A 130 -43.10 -5.88 0.58
N THR A 131 -41.95 -5.38 0.11
CA THR A 131 -41.94 -4.26 -0.81
C THR A 131 -42.09 -4.68 -2.26
N SER A 132 -42.28 -5.98 -2.49
CA SER A 132 -42.69 -6.48 -3.80
C SER A 132 -44.16 -6.14 -4.11
N ASP A 133 -44.90 -5.63 -3.11
CA ASP A 133 -46.31 -5.26 -3.28
C ASP A 133 -46.49 -3.81 -2.86
N VAL A 134 -46.64 -2.92 -3.83
CA VAL A 134 -46.81 -1.49 -3.59
C VAL A 134 -47.95 -1.17 -2.61
N GLU A 135 -49.00 -2.00 -2.62
CA GLU A 135 -50.16 -1.79 -1.76
C GLU A 135 -49.87 -2.10 -0.30
N LYS A 136 -48.99 -3.06 -0.07
CA LYS A 136 -48.51 -3.33 1.26
C LYS A 136 -47.64 -2.15 1.77
N VAL A 137 -46.86 -1.52 0.89
CA VAL A 137 -46.11 -0.30 1.29
C VAL A 137 -47.09 0.86 1.64
N LYS A 138 -48.07 1.08 0.79
CA LYS A 138 -49.09 2.11 1.08
C LYS A 138 -49.84 1.84 2.40
N ALA A 139 -50.13 0.57 2.67
CA ALA A 139 -50.93 0.23 3.86
C ALA A 139 -50.10 0.42 5.15
N ALA A 140 -48.77 0.35 4.99
CA ALA A 140 -47.85 0.53 6.12
C ALA A 140 -47.51 2.01 6.34
N TRP A 141 -47.98 2.88 5.46
CA TRP A 141 -47.60 4.31 5.50
C TRP A 141 -48.32 4.98 6.66
N LYS A 142 -47.63 5.91 7.33
CA LYS A 142 -48.17 6.69 8.44
C LYS A 142 -47.87 8.18 8.22
N PRO A 143 -48.56 9.08 9.00
CA PRO A 143 -48.30 10.52 8.85
C PRO A 143 -46.82 10.90 9.02
N ASN A 144 -46.07 10.11 9.81
CA ASN A 144 -44.67 10.44 10.11
C ASN A 144 -43.66 9.60 9.29
N THR A 145 -44.14 8.85 8.28
CA THR A 145 -43.22 8.10 7.41
C THR A 145 -42.27 9.08 6.64
N LYS A 146 -40.96 8.95 6.79
CA LYS A 146 -39.97 9.86 6.16
C LYS A 146 -39.04 9.18 5.15
N MET A 147 -39.01 7.85 5.16
CA MET A 147 -38.09 7.13 4.32
C MET A 147 -38.61 5.73 3.99
N VAL A 148 -38.33 5.30 2.77
CA VAL A 148 -38.48 3.88 2.36
C VAL A 148 -37.08 3.42 1.95
N TYR A 149 -36.67 2.27 2.44
CA TYR A 149 -35.35 1.70 2.14
C TYR A 149 -35.57 0.37 1.47
N LEU A 150 -35.04 0.19 0.26
CA LEU A 150 -35.20 -1.07 -0.53
C LEU A 150 -33.84 -1.65 -0.90
N GLU A 151 -33.80 -2.97 -1.05
CA GLU A 151 -32.69 -3.73 -1.62
C GLU A 151 -33.41 -4.55 -2.67
N SER A 152 -33.06 -4.40 -3.93
CA SER A 152 -33.71 -5.20 -4.98
C SER A 152 -32.72 -5.45 -6.14
N PRO A 153 -32.54 -6.73 -6.55
CA PRO A 153 -32.97 -7.99 -5.95
C PRO A 153 -32.35 -8.14 -4.55
N ALA A 154 -33.14 -8.64 -3.60
CA ALA A 154 -32.74 -8.72 -2.18
C ALA A 154 -31.70 -9.81 -1.89
N ASN A 155 -30.84 -9.58 -0.90
CA ASN A 155 -29.87 -10.54 -0.47
C ASN A 155 -30.57 -11.38 0.64
N PRO A 156 -30.70 -12.72 0.46
CA PRO A 156 -30.09 -13.53 -0.59
C PRO A 156 -31.08 -14.15 -1.58
N THR A 157 -32.38 -13.91 -1.39
CA THR A 157 -33.41 -14.62 -2.17
C THR A 157 -33.72 -13.99 -3.56
N CYS A 158 -33.12 -12.84 -3.83
CA CYS A 158 -33.29 -12.15 -5.09
C CYS A 158 -34.69 -11.55 -5.29
N LYS A 159 -35.45 -11.47 -4.20
CA LYS A 159 -36.80 -10.91 -4.27
C LYS A 159 -36.76 -9.52 -4.88
N VAL A 160 -37.65 -9.31 -5.84
CA VAL A 160 -37.65 -8.08 -6.62
C VAL A 160 -38.72 -7.12 -6.12
N SER A 161 -38.33 -5.87 -5.89
CA SER A 161 -39.29 -4.81 -5.56
C SER A 161 -39.51 -3.84 -6.71
N ASP A 162 -40.70 -3.27 -6.75
CA ASP A 162 -41.08 -2.35 -7.80
C ASP A 162 -40.58 -0.98 -7.37
N ILE A 163 -39.36 -0.65 -7.80
CA ILE A 163 -38.70 0.57 -7.39
C ILE A 163 -39.42 1.81 -7.92
N LYS A 164 -39.77 1.82 -9.21
CA LYS A 164 -40.48 2.95 -9.83
C LYS A 164 -41.80 3.18 -9.13
N GLY A 165 -42.60 2.12 -9.00
CA GLY A 165 -43.91 2.23 -8.38
C GLY A 165 -43.84 2.78 -6.96
N ILE A 166 -42.88 2.30 -6.19
CA ILE A 166 -42.74 2.79 -4.81
C ILE A 166 -42.23 4.26 -4.76
N ALA A 167 -41.37 4.65 -5.72
CA ALA A 167 -40.86 6.04 -5.81
C ALA A 167 -41.98 7.07 -5.99
N VAL A 168 -42.96 6.73 -6.85
CA VAL A 168 -44.13 7.57 -7.03
C VAL A 168 -44.77 7.89 -5.67
N VAL A 169 -44.97 6.86 -4.84
CA VAL A 169 -45.59 7.06 -3.53
C VAL A 169 -44.68 7.92 -2.62
N CYS A 170 -43.36 7.64 -2.57
CA CYS A 170 -42.46 8.49 -1.81
C CYS A 170 -42.52 9.95 -2.27
N HIS A 171 -42.57 10.17 -3.57
CA HIS A 171 -42.51 11.52 -4.10
C HIS A 171 -43.79 12.27 -3.75
N GLU A 172 -44.94 11.60 -3.81
CA GLU A 172 -46.19 12.23 -3.47
C GLU A 172 -46.34 12.52 -2.00
N ARG A 173 -45.66 11.78 -1.13
CA ARG A 173 -45.93 11.89 0.30
C ARG A 173 -44.77 12.50 1.09
N GLY A 174 -43.74 12.99 0.42
CA GLY A 174 -42.62 13.63 1.11
C GLY A 174 -41.66 12.64 1.78
N ALA A 175 -41.48 11.43 1.23
CA ALA A 175 -40.50 10.52 1.83
C ALA A 175 -39.26 10.31 0.89
N ARG A 176 -38.07 10.17 1.44
CA ARG A 176 -36.90 9.78 0.65
C ARG A 176 -36.93 8.30 0.33
N LEU A 177 -36.59 7.95 -0.91
CA LEU A 177 -36.41 6.56 -1.27
C LEU A 177 -34.90 6.25 -1.37
N VAL A 178 -34.44 5.29 -0.56
CA VAL A 178 -33.06 4.90 -0.58
C VAL A 178 -32.98 3.47 -1.12
N VAL A 179 -32.06 3.22 -2.06
CA VAL A 179 -31.92 1.88 -2.66
C VAL A 179 -30.49 1.37 -2.57
N ASP A 180 -30.36 0.20 -1.97
CA ASP A 180 -29.11 -0.57 -1.98
C ASP A 180 -29.04 -1.41 -3.25
N ALA A 181 -28.17 -1.01 -4.16
CA ALA A 181 -28.06 -1.69 -5.47
C ALA A 181 -26.82 -2.62 -5.58
N THR A 182 -26.20 -2.92 -4.45
CA THR A 182 -25.01 -3.79 -4.35
C THR A 182 -25.06 -5.02 -5.26
N PHE A 183 -26.21 -5.72 -5.30
CA PHE A 183 -26.34 -7.03 -5.96
C PHE A 183 -26.32 -6.95 -7.48
N THR A 184 -26.55 -5.77 -8.01
CA THR A 184 -26.66 -5.58 -9.45
C THR A 184 -25.56 -4.73 -10.09
N SER A 185 -24.95 -3.84 -9.29
CA SER A 185 -23.95 -2.88 -9.72
C SER A 185 -24.62 -1.73 -10.46
N PRO A 186 -23.94 -0.55 -10.48
CA PRO A 186 -24.43 0.60 -11.23
C PRO A 186 -24.36 0.46 -12.76
N CYS A 187 -23.73 -0.59 -13.29
CA CYS A 187 -23.83 -0.88 -14.72
C CYS A 187 -25.25 -1.27 -15.15
N PHE A 188 -25.96 -1.92 -14.24
CA PHE A 188 -27.24 -2.55 -14.58
C PHE A 188 -28.43 -1.97 -13.86
N LEU A 189 -28.23 -1.30 -12.73
CA LEU A 189 -29.35 -0.75 -11.95
C LEU A 189 -28.96 0.65 -11.53
N LYS A 190 -29.74 1.63 -11.94
CA LYS A 190 -29.44 3.01 -11.62
C LYS A 190 -30.67 3.59 -10.91
N PRO A 191 -30.68 3.51 -9.57
CA PRO A 191 -31.91 3.88 -8.86
C PRO A 191 -32.33 5.33 -9.02
N LEU A 192 -31.36 6.24 -9.14
CA LEU A 192 -31.68 7.66 -9.45
C LEU A 192 -32.45 7.85 -10.75
N GLU A 193 -32.27 6.96 -11.73
CA GLU A 193 -33.10 7.06 -12.94
C GLU A 193 -34.50 6.48 -12.74
N LEU A 194 -34.71 5.69 -11.67
CA LEU A 194 -36.01 5.09 -11.41
C LEU A 194 -36.83 5.91 -10.40
N GLY A 195 -36.31 7.05 -9.93
CA GLY A 195 -36.99 7.83 -8.92
C GLY A 195 -36.42 7.78 -7.51
N ALA A 196 -35.40 6.98 -7.25
CA ALA A 196 -34.80 6.99 -5.90
C ALA A 196 -34.10 8.34 -5.59
N ASP A 197 -34.03 8.71 -4.30
CA ASP A 197 -33.27 9.88 -3.87
C ASP A 197 -31.79 9.56 -3.57
N ILE A 198 -31.53 8.32 -3.16
CA ILE A 198 -30.19 7.89 -2.79
C ILE A 198 -29.98 6.48 -3.32
N ALA A 199 -28.83 6.24 -3.95
CA ALA A 199 -28.43 4.92 -4.42
C ALA A 199 -27.13 4.57 -3.68
N LEU A 200 -27.00 3.37 -3.09
CA LEU A 200 -25.76 3.05 -2.38
C LEU A 200 -25.30 1.63 -2.68
N HIS A 201 -24.06 1.34 -2.37
CA HIS A 201 -23.44 0.05 -2.63
C HIS A 201 -22.48 -0.32 -1.55
N SER A 202 -22.40 -1.61 -1.27
CA SER A 202 -21.19 -2.13 -0.72
C SER A 202 -20.20 -2.23 -1.90
N VAL A 203 -19.18 -1.36 -1.89
CA VAL A 203 -18.09 -1.38 -2.87
C VAL A 203 -17.26 -2.64 -2.74
N SER A 204 -17.35 -3.31 -1.59
CA SER A 204 -16.65 -4.56 -1.32
C SER A 204 -17.00 -5.68 -2.31
N LYS A 205 -18.13 -5.52 -3.00
CA LYS A 205 -18.58 -6.60 -3.89
C LYS A 205 -18.13 -6.26 -5.33
N TYR A 206 -19.08 -6.10 -6.26
CA TYR A 206 -18.79 -5.89 -7.69
C TYR A 206 -17.92 -4.66 -8.00
N ILE A 207 -18.18 -3.50 -7.37
CA ILE A 207 -17.48 -2.30 -7.82
C ILE A 207 -15.97 -2.46 -7.72
N ASN A 208 -15.50 -2.82 -6.54
CA ASN A 208 -14.10 -3.14 -6.40
C ASN A 208 -13.82 -4.44 -7.15
N GLY A 209 -14.63 -5.46 -6.85
CA GLY A 209 -14.61 -6.69 -7.64
C GLY A 209 -13.48 -7.67 -7.37
N HIS A 210 -12.49 -7.32 -6.55
CA HIS A 210 -11.30 -8.13 -6.46
C HIS A 210 -11.15 -8.77 -5.08
N GLY A 211 -12.20 -8.67 -4.26
CA GLY A 211 -12.22 -9.37 -2.97
C GLY A 211 -11.11 -8.93 -2.02
N ASP A 212 -10.61 -7.69 -2.12
CA ASP A 212 -9.46 -7.28 -1.30
C ASP A 212 -9.68 -5.94 -0.60
N VAL A 213 -10.91 -5.39 -0.67
CA VAL A 213 -11.27 -4.16 -0.01
C VAL A 213 -12.67 -4.22 0.61
N ILE A 214 -12.83 -3.66 1.81
CA ILE A 214 -14.15 -3.40 2.36
C ILE A 214 -14.44 -1.91 2.18
N GLY A 215 -15.59 -1.54 1.60
CA GLY A 215 -15.85 -0.13 1.43
C GLY A 215 -17.28 0.08 1.06
N GLY A 216 -17.74 1.34 1.12
CA GLY A 216 -19.11 1.65 0.79
C GLY A 216 -19.17 2.93 -0.01
N VAL A 217 -20.29 3.17 -0.70
CA VAL A 217 -20.50 4.44 -1.39
C VAL A 217 -22.00 4.76 -1.40
N SER A 218 -22.32 6.04 -1.30
CA SER A 218 -23.69 6.50 -1.39
C SER A 218 -23.73 7.72 -2.30
N SER A 219 -24.73 7.76 -3.19
CA SER A 219 -24.88 8.86 -4.14
C SER A 219 -26.30 9.47 -4.03
N ALA A 220 -26.41 10.79 -4.04
CA ALA A 220 -27.68 11.46 -3.82
C ALA A 220 -28.08 12.25 -5.06
N LYS A 221 -29.38 12.33 -5.31
CA LYS A 221 -29.89 13.11 -6.43
C LYS A 221 -29.64 14.63 -6.25
N THR A 222 -29.53 15.08 -5.03
CA THR A 222 -29.55 16.51 -4.72
C THR A 222 -28.25 16.91 -4.01
N ALA A 223 -27.74 18.11 -4.29
CA ALA A 223 -26.52 18.57 -3.64
C ALA A 223 -26.75 18.71 -2.13
N GLU A 224 -27.94 19.09 -1.73
CA GLU A 224 -28.17 19.23 -0.31
C GLU A 224 -28.10 17.87 0.41
N ASP A 225 -28.63 16.81 -0.22
CA ASP A 225 -28.63 15.50 0.46
C ASP A 225 -27.23 14.93 0.54
N ILE A 226 -26.44 15.07 -0.52
CA ILE A 226 -25.04 14.62 -0.41
C ILE A 226 -24.23 15.42 0.64
N ALA A 227 -24.46 16.72 0.75
CA ALA A 227 -23.78 17.49 1.81
C ALA A 227 -24.15 17.02 3.24
N THR A 228 -25.44 16.74 3.45
CA THR A 228 -25.95 16.21 4.70
C THR A 228 -25.29 14.84 5.02
N ILE A 229 -25.25 13.96 4.02
CA ILE A 229 -24.60 12.66 4.14
C ILE A 229 -23.13 12.82 4.61
N LYS A 230 -22.37 13.68 3.93
CA LYS A 230 -20.96 13.93 4.28
C LYS A 230 -20.81 14.66 5.62
N PHE A 231 -21.77 15.51 5.94
CA PHE A 231 -21.81 16.08 7.30
C PHE A 231 -21.99 14.98 8.36
N TYR A 232 -22.90 14.04 8.15
CA TYR A 232 -23.00 12.90 9.06
C TYR A 232 -21.70 12.07 9.12
N ARG A 233 -21.08 11.81 7.96
CA ARG A 233 -19.88 11.02 7.86
C ARG A 233 -18.71 11.65 8.62
N LYS A 234 -18.65 12.97 8.58
CA LYS A 234 -17.65 13.73 9.34
C LYS A 234 -17.74 13.46 10.86
N ASP A 235 -18.95 13.26 11.38
CA ASP A 235 -19.12 13.03 12.83
C ASP A 235 -19.18 11.55 13.18
N ALA A 236 -19.62 10.70 12.26
CA ALA A 236 -19.70 9.26 12.55
C ALA A 236 -18.40 8.54 12.21
N GLY A 237 -17.63 9.12 11.29
CA GLY A 237 -16.24 8.73 11.09
C GLY A 237 -16.00 7.45 10.32
N SER A 238 -16.97 7.03 9.52
CA SER A 238 -16.74 5.91 8.61
C SER A 238 -16.08 6.31 7.28
N LEU A 239 -14.76 6.29 7.22
CA LEU A 239 -14.04 6.83 6.07
C LEU A 239 -13.46 5.72 5.21
N MET A 240 -13.32 6.01 3.93
CA MET A 240 -12.58 5.14 3.05
C MET A 240 -11.10 5.56 3.11
N ALA A 241 -10.21 4.61 3.41
CA ALA A 241 -8.79 4.91 3.46
C ALA A 241 -8.24 5.19 2.05
N PRO A 242 -7.20 6.04 1.94
CA PRO A 242 -6.65 6.41 0.60
C PRO A 242 -6.23 5.18 -0.20
N MET A 243 -5.58 4.22 0.44
CA MET A 243 -5.09 3.02 -0.26
C MET A 243 -6.30 2.23 -0.77
N ASP A 244 -7.34 2.11 0.06
CA ASP A 244 -8.56 1.43 -0.35
C ASP A 244 -9.27 2.16 -1.51
N ALA A 245 -9.23 3.50 -1.50
CA ALA A 245 -9.82 4.26 -2.62
C ALA A 245 -9.03 4.05 -3.92
N PHE A 246 -7.71 4.01 -3.79
CA PHE A 246 -6.88 3.75 -4.92
C PHE A 246 -7.25 2.37 -5.48
N LEU A 247 -7.37 1.36 -4.63
CA LEU A 247 -7.75 0.00 -5.08
C LEU A 247 -9.17 -0.07 -5.66
N CYS A 248 -10.14 0.62 -5.04
CA CYS A 248 -11.50 0.63 -5.57
C CYS A 248 -11.58 1.30 -6.96
N ALA A 249 -10.87 2.42 -7.15
CA ALA A 249 -10.86 3.10 -8.47
C ALA A 249 -10.22 2.22 -9.53
N ARG A 250 -9.17 1.51 -9.13
CA ARG A 250 -8.51 0.57 -10.02
C ARG A 250 -9.45 -0.62 -10.41
N GLY A 251 -10.09 -1.24 -9.42
CA GLY A 251 -11.07 -2.31 -9.71
C GLY A 251 -12.18 -1.81 -10.64
N MET A 252 -12.66 -0.62 -10.39
CA MET A 252 -13.76 -0.06 -11.18
C MET A 252 -13.41 0.21 -12.66
N LYS A 253 -12.12 0.33 -12.99
CA LYS A 253 -11.71 0.51 -14.39
CA LYS A 253 -11.73 0.53 -14.39
C LYS A 253 -12.20 -0.64 -15.27
N THR A 254 -12.34 -1.85 -14.70
CA THR A 254 -12.81 -3.04 -15.48
C THR A 254 -14.24 -3.45 -15.12
N LEU A 255 -14.95 -2.60 -14.41
CA LEU A 255 -16.29 -2.96 -13.95
C LEU A 255 -17.25 -3.30 -15.09
N PRO A 256 -17.33 -2.47 -16.17
CA PRO A 256 -18.31 -2.82 -17.22
C PRO A 256 -18.03 -4.17 -17.88
N ILE A 257 -16.78 -4.49 -18.20
CA ILE A 257 -16.50 -5.76 -18.85
C ILE A 257 -16.66 -6.93 -17.86
N ARG A 258 -16.24 -6.76 -16.59
CA ARG A 258 -16.52 -7.80 -15.58
C ARG A 258 -18.04 -8.08 -15.46
N MET A 259 -18.84 -7.01 -15.38
CA MET A 259 -20.30 -7.19 -15.21
C MET A 259 -20.92 -7.93 -16.37
N GLN A 260 -20.43 -7.65 -17.58
CA GLN A 260 -20.91 -8.31 -18.77
C GLN A 260 -20.65 -9.83 -18.64
N ILE A 261 -19.45 -10.20 -18.22
CA ILE A 261 -19.15 -11.62 -18.02
C ILE A 261 -19.87 -12.24 -16.84
N HIS A 262 -19.91 -11.55 -15.68
CA HIS A 262 -20.74 -12.02 -14.56
C HIS A 262 -22.19 -12.28 -15.02
N MET A 263 -22.78 -11.33 -15.73
CA MET A 263 -24.19 -11.48 -16.07
C MET A 263 -24.41 -12.73 -16.89
N GLU A 264 -23.65 -12.84 -17.99
CA GLU A 264 -23.72 -14.01 -18.88
C GLU A 264 -23.43 -15.35 -18.13
N ASN A 265 -22.36 -15.39 -17.34
CA ASN A 265 -22.00 -16.61 -16.62
C ASN A 265 -23.13 -16.99 -15.66
N GLY A 266 -23.63 -16.02 -14.90
CA GLY A 266 -24.67 -16.32 -13.89
C GLY A 266 -25.96 -16.84 -14.51
N LEU A 267 -26.32 -16.33 -15.67
CA LEU A 267 -27.56 -16.83 -16.32
C LEU A 267 -27.39 -18.27 -16.81
N LYS A 268 -26.22 -18.57 -17.35
CA LYS A 268 -25.92 -19.90 -17.83
C LYS A 268 -25.86 -20.92 -16.70
N VAL A 269 -25.24 -20.53 -15.59
CA VAL A 269 -25.16 -21.42 -14.43
C VAL A 269 -26.56 -21.60 -13.85
N ALA A 270 -27.37 -20.54 -13.79
CA ALA A 270 -28.74 -20.67 -13.29
C ALA A 270 -29.59 -21.58 -14.18
N LYS A 271 -29.44 -21.50 -15.49
CA LYS A 271 -30.17 -22.41 -16.39
C LYS A 271 -29.71 -23.87 -16.23
N PHE A 272 -28.41 -24.11 -16.16
CA PHE A 272 -27.90 -25.46 -15.86
C PHE A 272 -28.54 -25.99 -14.56
N LEU A 273 -28.52 -25.19 -13.50
CA LEU A 273 -29.06 -25.65 -12.22
C LEU A 273 -30.56 -25.88 -12.33
N GLU A 274 -31.27 -24.97 -13.02
CA GLU A 274 -32.70 -25.08 -13.09
C GLU A 274 -33.14 -26.39 -13.69
N GLN A 275 -32.34 -26.96 -14.62
CA GLN A 275 -32.72 -28.20 -15.28
C GLN A 275 -32.07 -29.44 -14.61
N HIS A 276 -31.26 -29.25 -13.58
CA HIS A 276 -30.65 -30.39 -12.96
C HIS A 276 -31.63 -31.10 -11.97
N GLU A 277 -31.64 -32.43 -12.00
CA GLU A 277 -32.55 -33.27 -11.17
C GLU A 277 -32.39 -33.05 -9.65
N LYS A 278 -31.17 -32.73 -9.24
CA LYS A 278 -30.87 -32.49 -7.83
C LYS A 278 -31.43 -31.14 -7.29
N ILE A 279 -31.81 -30.24 -8.21
CA ILE A 279 -32.11 -28.88 -7.82
C ILE A 279 -33.62 -28.69 -7.84
N VAL A 280 -34.16 -28.23 -6.71
CA VAL A 280 -35.62 -28.05 -6.53
C VAL A 280 -36.09 -26.77 -7.20
N LYS A 281 -35.36 -25.69 -6.98
CA LYS A 281 -35.62 -24.46 -7.70
C LYS A 281 -34.45 -23.47 -7.63
N VAL A 282 -34.55 -22.41 -8.45
CA VAL A 282 -33.46 -21.46 -8.68
C VAL A 282 -34.09 -20.08 -8.66
N ASN A 283 -33.63 -19.23 -7.75
CA ASN A 283 -34.07 -17.86 -7.64
C ASN A 283 -33.04 -16.96 -8.32
N HIS A 284 -33.13 -16.78 -9.62
CA HIS A 284 -32.32 -15.80 -10.35
C HIS A 284 -33.36 -14.92 -11.06
N PRO A 285 -33.29 -13.58 -10.89
CA PRO A 285 -34.28 -12.65 -11.44
C PRO A 285 -34.32 -12.59 -12.98
N GLY A 286 -33.32 -13.18 -13.66
CA GLY A 286 -33.29 -13.26 -15.12
C GLY A 286 -33.98 -14.49 -15.70
N LEU A 287 -34.44 -15.43 -14.85
CA LEU A 287 -35.18 -16.63 -15.30
C LEU A 287 -36.64 -16.29 -15.50
N GLU A 288 -37.25 -16.78 -16.58
CA GLU A 288 -38.69 -16.55 -16.78
C GLU A 288 -39.58 -17.16 -15.70
N SER A 289 -39.10 -18.21 -15.03
CA SER A 289 -39.88 -18.84 -13.96
C SER A 289 -39.91 -17.94 -12.70
N PHE A 290 -39.05 -16.93 -12.58
CA PHE A 290 -38.92 -16.21 -11.30
C PHE A 290 -40.01 -15.15 -11.12
N PRO A 291 -40.73 -15.16 -9.97
CA PRO A 291 -41.75 -14.11 -9.79
C PRO A 291 -41.08 -12.74 -9.79
N GLY A 292 -41.62 -11.76 -10.48
CA GLY A 292 -40.89 -10.48 -10.52
C GLY A 292 -39.77 -10.37 -11.57
N HIS A 293 -39.59 -11.41 -12.37
CA HIS A 293 -38.79 -11.30 -13.60
C HIS A 293 -39.25 -10.13 -14.50
N ASP A 294 -40.56 -9.96 -14.67
CA ASP A 294 -41.06 -8.90 -15.55
C ASP A 294 -40.71 -7.50 -15.01
N ILE A 295 -40.81 -7.29 -13.70
CA ILE A 295 -40.34 -6.03 -13.09
C ILE A 295 -38.84 -5.86 -13.26
N ALA A 296 -38.05 -6.92 -12.94
CA ALA A 296 -36.58 -6.82 -13.05
C ALA A 296 -36.14 -6.47 -14.49
N LYS A 297 -36.72 -7.10 -15.50
CA LYS A 297 -36.29 -6.81 -16.87
C LYS A 297 -36.66 -5.41 -17.36
N LYS A 298 -37.68 -4.77 -16.81
CA LYS A 298 -38.03 -3.42 -17.20
C LYS A 298 -37.18 -2.36 -16.52
N GLN A 299 -36.81 -2.60 -15.27
CA GLN A 299 -36.22 -1.57 -14.42
C GLN A 299 -34.69 -1.67 -14.34
N MET A 300 -34.17 -2.79 -14.80
CA MET A 300 -32.73 -2.99 -14.89
C MET A 300 -32.31 -3.25 -16.33
N THR A 301 -31.02 -3.20 -16.55
CA THR A 301 -30.47 -3.23 -17.87
C THR A 301 -29.55 -4.46 -17.94
N GLY A 302 -29.58 -5.27 -16.88
CA GLY A 302 -28.82 -6.52 -16.79
C GLY A 302 -29.02 -7.13 -15.40
N TYR A 303 -28.20 -8.15 -15.06
CA TYR A 303 -28.34 -8.86 -13.79
C TYR A 303 -26.98 -9.08 -13.21
N GLY A 304 -26.86 -9.00 -11.89
CA GLY A 304 -25.62 -9.45 -11.24
C GLY A 304 -25.60 -11.00 -11.31
N SER A 305 -24.66 -11.64 -10.66
CA SER A 305 -24.50 -13.07 -10.85
C SER A 305 -24.54 -13.83 -9.53
N THR A 306 -25.11 -13.17 -8.51
CA THR A 306 -25.26 -13.74 -7.20
C THR A 306 -26.70 -14.15 -7.03
N PHE A 307 -26.98 -15.42 -6.73
CA PHE A 307 -28.38 -15.87 -6.62
C PHE A 307 -28.47 -17.12 -5.77
N LEU A 308 -29.66 -17.63 -5.58
CA LEU A 308 -29.85 -18.66 -4.65
C LEU A 308 -30.56 -19.85 -5.30
N PHE A 309 -30.24 -21.04 -4.81
CA PHE A 309 -30.99 -22.22 -5.26
C PHE A 309 -31.30 -23.17 -4.12
N GLU A 310 -32.30 -24.02 -4.33
CA GLU A 310 -32.79 -24.96 -3.29
C GLU A 310 -32.38 -26.40 -3.59
N MET A 311 -31.71 -27.04 -2.63
CA MET A 311 -31.42 -28.49 -2.74
C MET A 311 -32.55 -29.30 -2.09
N LYS A 312 -32.48 -30.62 -2.16
CA LYS A 312 -33.54 -31.46 -1.61
C LYS A 312 -33.43 -31.61 -0.11
N SER A 313 -32.27 -31.28 0.46
CA SER A 313 -32.05 -31.43 1.90
C SER A 313 -30.85 -30.62 2.34
N PHE A 314 -30.76 -30.35 3.64
CA PHE A 314 -29.58 -29.74 4.21
C PHE A 314 -28.31 -30.61 3.94
N GLU A 315 -28.42 -31.93 4.11
CA GLU A 315 -27.27 -32.77 3.84
C GLU A 315 -26.83 -32.73 2.38
N ALA A 316 -27.77 -32.62 1.44
CA ALA A 316 -27.40 -32.48 0.03
C ALA A 316 -26.70 -31.13 -0.22
N ALA A 317 -27.12 -30.09 0.48
CA ALA A 317 -26.50 -28.78 0.29
C ALA A 317 -25.05 -28.81 0.83
N LYS A 318 -24.86 -29.43 2.00
CA LYS A 318 -23.53 -29.51 2.61
C LYS A 318 -22.61 -30.34 1.71
N LYS A 319 -23.13 -31.41 1.14
CA LYS A 319 -22.33 -32.30 0.29
C LYS A 319 -21.84 -31.56 -0.96
N LEU A 320 -22.74 -30.76 -1.54
CA LEU A 320 -22.43 -29.93 -2.68
C LEU A 320 -21.36 -28.88 -2.33
N MET A 321 -21.61 -28.10 -1.29
CA MET A 321 -20.74 -26.97 -0.93
C MET A 321 -19.31 -27.41 -0.64
N GLU A 322 -19.16 -28.58 -0.05
CA GLU A 322 -17.86 -29.06 0.41
C GLU A 322 -17.09 -29.90 -0.60
N HIS A 323 -17.63 -30.10 -1.81
CA HIS A 323 -16.92 -30.91 -2.81
C HIS A 323 -16.65 -30.16 -4.11
N LEU A 324 -16.66 -28.84 -4.04
CA LEU A 324 -16.36 -28.01 -5.18
C LEU A 324 -14.86 -27.70 -5.24
N LYS A 325 -14.32 -27.62 -6.44
CA LYS A 325 -12.88 -27.37 -6.60
C LYS A 325 -12.61 -26.03 -7.20
N VAL A 326 -13.58 -25.46 -7.90
CA VAL A 326 -13.42 -24.13 -8.48
C VAL A 326 -14.08 -23.09 -7.55
N CYS A 327 -15.37 -23.28 -7.24
CA CYS A 327 -16.06 -22.42 -6.30
C CYS A 327 -15.39 -22.46 -4.92
N THR A 328 -15.35 -21.33 -4.24
CA THR A 328 -14.75 -21.27 -2.90
C THR A 328 -15.85 -21.10 -1.85
N LEU A 329 -15.81 -21.96 -0.80
CA LEU A 329 -16.73 -21.81 0.34
C LEU A 329 -16.35 -20.59 1.21
N ALA A 330 -17.17 -19.53 1.19
CA ALA A 330 -16.83 -18.26 1.87
C ALA A 330 -17.99 -17.30 1.75
N VAL A 331 -18.09 -16.34 2.68
CA VAL A 331 -19.14 -15.31 2.54
C VAL A 331 -18.65 -14.21 1.58
N SER A 332 -19.51 -13.22 1.32
CA SER A 332 -19.26 -12.15 0.33
C SER A 332 -19.64 -12.56 -1.08
N LEU A 333 -19.46 -11.65 -2.04
CA LEU A 333 -19.96 -11.88 -3.40
C LEU A 333 -19.37 -10.86 -4.30
N GLY A 334 -19.57 -11.05 -5.60
CA GLY A 334 -19.16 -10.01 -6.56
C GLY A 334 -17.66 -9.99 -6.85
N CYS A 335 -16.97 -11.07 -6.52
N CYS A 335 -16.96 -11.06 -6.51
CA CYS A 335 -15.55 -11.18 -6.74
CA CYS A 335 -15.53 -11.16 -6.73
C CYS A 335 -15.33 -11.76 -8.11
C CYS A 335 -15.32 -11.76 -8.10
N VAL A 336 -14.12 -11.61 -8.65
CA VAL A 336 -13.79 -12.21 -9.96
C VAL A 336 -13.87 -13.74 -9.92
N ASP A 337 -13.63 -14.35 -8.77
CA ASP A 337 -13.76 -15.81 -8.68
C ASP A 337 -15.03 -16.23 -7.94
N THR A 338 -15.48 -17.45 -8.19
CA THR A 338 -16.81 -17.90 -7.77
C THR A 338 -16.86 -18.28 -6.28
N LEU A 339 -17.87 -17.76 -5.58
CA LEU A 339 -18.02 -18.01 -4.17
C LEU A 339 -19.33 -18.70 -3.89
N ILE A 340 -19.37 -19.42 -2.76
CA ILE A 340 -20.58 -20.13 -2.42
C ILE A 340 -20.75 -20.15 -0.89
N GLU A 341 -21.99 -20.13 -0.40
CA GLU A 341 -22.24 -20.07 1.05
C GLU A 341 -23.65 -20.58 1.38
N HIS A 342 -23.91 -20.69 2.67
CA HIS A 342 -25.16 -21.26 3.22
C HIS A 342 -25.85 -20.17 4.09
N PRO A 343 -26.82 -19.45 3.51
CA PRO A 343 -27.39 -18.31 4.22
C PRO A 343 -27.90 -18.62 5.63
N ALA A 344 -28.55 -19.79 5.80
CA ALA A 344 -29.25 -20.10 7.04
C ALA A 344 -28.25 -20.10 8.18
N SER A 345 -27.01 -20.55 7.91
CA SER A 345 -26.01 -20.69 8.98
C SER A 345 -24.84 -19.69 8.91
N MET A 346 -24.88 -18.80 7.92
CA MET A 346 -23.76 -17.89 7.68
C MET A 346 -24.22 -16.41 7.56
N THR A 347 -24.46 -15.89 6.34
CA THR A 347 -24.77 -14.45 6.16
C THR A 347 -26.01 -13.96 6.93
N HIS A 348 -26.97 -14.88 7.10
CA HIS A 348 -28.27 -14.60 7.74
C HIS A 348 -28.53 -15.42 9.02
N ALA A 349 -27.49 -16.02 9.59
CA ALA A 349 -27.69 -16.83 10.83
C ALA A 349 -28.18 -16.01 12.04
N ALA A 350 -27.83 -14.72 12.09
CA ALA A 350 -28.20 -13.86 13.23
C ALA A 350 -29.56 -13.15 13.06
N VAL A 351 -30.19 -13.34 11.90
CA VAL A 351 -31.54 -12.80 11.65
C VAL A 351 -32.59 -13.46 12.57
N PRO A 352 -33.34 -12.61 13.33
CA PRO A 352 -34.37 -13.14 14.22
C PRO A 352 -35.31 -14.10 13.47
N GLU A 353 -35.71 -15.15 14.18
CA GLU A 353 -36.47 -16.26 13.59
C GLU A 353 -37.71 -15.86 12.78
N ASN A 354 -38.48 -14.90 13.27
CA ASN A 354 -39.69 -14.48 12.52
C ASN A 354 -39.37 -13.75 11.19
N ILE A 355 -38.27 -13.00 11.17
CA ILE A 355 -37.84 -12.29 9.96
C ILE A 355 -37.30 -13.33 8.96
N MET A 356 -36.53 -14.30 9.46
CA MET A 356 -35.94 -15.33 8.60
C MET A 356 -36.95 -16.25 7.90
N ARG A 357 -38.10 -16.49 8.54
CA ARG A 357 -39.16 -17.28 7.90
C ARG A 357 -40.01 -16.40 6.98
N LYS A 358 -40.17 -15.13 7.35
CA LYS A 358 -40.74 -14.13 6.43
C LYS A 358 -39.85 -13.97 5.16
N GLN A 359 -38.53 -14.05 5.34
CA GLN A 359 -37.60 -14.01 4.22
C GLN A 359 -37.59 -15.30 3.38
N GLY A 360 -38.11 -16.38 3.94
CA GLY A 360 -38.12 -17.70 3.28
C GLY A 360 -36.76 -18.40 3.25
N ILE A 361 -35.90 -18.14 4.23
CA ILE A 361 -34.56 -18.76 4.28
C ILE A 361 -34.58 -20.10 5.07
N THR A 362 -34.27 -21.21 4.42
CA THR A 362 -34.29 -22.52 5.04
C THR A 362 -32.92 -23.22 4.89
N PRO A 363 -32.69 -24.34 5.60
CA PRO A 363 -31.40 -25.01 5.50
C PRO A 363 -31.09 -25.67 4.16
N GLU A 364 -32.06 -25.69 3.25
CA GLU A 364 -31.82 -26.30 1.92
C GLU A 364 -31.26 -25.32 0.89
N LEU A 365 -31.14 -24.06 1.26
CA LEU A 365 -30.78 -23.03 0.28
C LEU A 365 -29.30 -22.83 0.28
N VAL A 366 -28.73 -22.65 -0.91
CA VAL A 366 -27.33 -22.34 -1.08
C VAL A 366 -27.26 -21.06 -1.93
N ARG A 367 -26.39 -20.12 -1.56
CA ARG A 367 -26.24 -18.91 -2.38
C ARG A 367 -24.92 -19.00 -3.12
N ILE A 368 -24.93 -18.71 -4.42
CA ILE A 368 -23.71 -18.74 -5.22
C ILE A 368 -23.47 -17.39 -5.86
N SER A 369 -22.21 -16.98 -5.88
CA SER A 369 -21.84 -15.73 -6.54
C SER A 369 -20.87 -16.07 -7.67
N VAL A 370 -21.38 -16.10 -8.88
CA VAL A 370 -20.63 -16.64 -9.99
C VAL A 370 -19.62 -15.60 -10.48
N GLY A 371 -18.36 -16.03 -10.64
CA GLY A 371 -17.28 -15.10 -11.03
C GLY A 371 -17.14 -15.08 -12.53
N ILE A 372 -15.95 -14.67 -12.97
CA ILE A 372 -15.66 -14.54 -14.40
C ILE A 372 -14.80 -15.67 -14.95
N GLU A 373 -14.65 -16.77 -14.19
CA GLU A 373 -14.01 -17.99 -14.76
C GLU A 373 -14.77 -18.45 -16.02
N ASN A 374 -14.13 -19.28 -16.83
CA ASN A 374 -14.81 -19.87 -17.98
C ASN A 374 -16.03 -20.61 -17.45
N VAL A 375 -17.19 -20.30 -18.03
CA VAL A 375 -18.45 -20.77 -17.50
C VAL A 375 -18.59 -22.31 -17.58
N ASP A 376 -17.96 -22.93 -18.56
CA ASP A 376 -18.00 -24.39 -18.67
C ASP A 376 -17.19 -25.09 -17.55
N ASP A 377 -16.09 -24.46 -17.09
CA ASP A 377 -15.34 -24.98 -15.96
C ASP A 377 -16.19 -24.86 -14.70
N ILE A 378 -16.94 -23.75 -14.54
CA ILE A 378 -17.85 -23.59 -13.39
C ILE A 378 -18.95 -24.62 -13.41
N ILE A 379 -19.60 -24.80 -14.56
CA ILE A 379 -20.69 -25.80 -14.66
C ILE A 379 -20.12 -27.22 -14.43
N ALA A 380 -18.92 -27.50 -14.95
CA ALA A 380 -18.35 -28.85 -14.77
C ALA A 380 -18.08 -29.11 -13.27
N ASP A 381 -17.71 -28.07 -12.53
CA ASP A 381 -17.34 -28.22 -11.11
C ASP A 381 -18.61 -28.55 -10.32
N LEU A 382 -19.69 -27.85 -10.62
CA LEU A 382 -20.99 -28.08 -9.99
C LEU A 382 -21.55 -29.44 -10.37
N LYS A 383 -21.46 -29.78 -11.63
CA LYS A 383 -22.00 -31.03 -12.12
C LYS A 383 -21.30 -32.21 -11.41
N GLN A 384 -19.97 -32.18 -11.32
CA GLN A 384 -19.28 -33.31 -10.70
C GLN A 384 -19.69 -33.50 -9.25
N ALA A 385 -19.81 -32.39 -8.53
CA ALA A 385 -20.21 -32.42 -7.13
C ALA A 385 -21.68 -32.89 -6.95
N LEU A 386 -22.58 -32.44 -7.83
CA LEU A 386 -23.99 -32.88 -7.84
C LEU A 386 -24.10 -34.36 -8.19
N GLU A 387 -23.11 -34.91 -8.87
CA GLU A 387 -23.22 -36.30 -9.28
C GLU A 387 -22.40 -37.30 -8.44
N LEU A 388 -21.98 -36.87 -7.26
CA LEU A 388 -21.17 -37.67 -6.39
C LEU A 388 -21.82 -38.95 -5.95
N TRP A 389 -20.99 -40.00 -5.86
CA TRP A 389 -21.35 -41.21 -5.10
C TRP A 389 -22.01 -40.83 -3.77
N ALA B 3 24.19 25.57 13.11
CA ALA B 3 23.38 25.16 11.91
C ALA B 3 22.22 24.20 12.22
N GLN B 4 21.21 24.23 11.37
CA GLN B 4 20.05 23.35 11.50
C GLN B 4 20.51 21.90 11.78
N ASP B 5 19.96 21.32 12.85
CA ASP B 5 20.26 19.93 13.24
C ASP B 5 19.68 18.90 12.26
N ILE B 6 20.36 17.75 12.15
CA ILE B 6 19.94 16.64 11.28
C ILE B 6 18.49 16.18 11.53
N THR B 7 18.11 16.03 12.80
CA THR B 7 16.71 15.71 13.16
C THR B 7 15.73 16.62 12.42
N THR B 8 16.01 17.93 12.44
CA THR B 8 15.17 18.95 11.80
C THR B 8 15.21 18.85 10.26
N THR B 9 16.41 18.61 9.72
CA THR B 9 16.62 18.46 8.28
C THR B 9 15.81 17.30 7.69
N LEU B 10 15.87 16.13 8.33
CA LEU B 10 15.11 14.97 7.88
C LEU B 10 13.59 15.18 7.94
N LEU B 11 13.15 15.95 8.92
CA LEU B 11 11.71 16.24 9.12
C LEU B 11 11.17 17.34 8.19
N HIS B 12 12.07 18.12 7.60
CA HIS B 12 11.69 19.24 6.73
C HIS B 12 12.46 19.21 5.41
N PRO B 13 12.22 18.16 4.59
CA PRO B 13 13.01 18.07 3.36
C PRO B 13 12.66 19.21 2.39
N LYS B 14 13.60 19.55 1.50
CA LYS B 14 13.35 20.57 0.47
C LYS B 14 12.33 20.07 -0.58
N GLY B 15 11.74 20.99 -1.34
CA GLY B 15 10.74 20.63 -2.35
C GLY B 15 9.34 21.16 -2.07
N ASP B 16 8.55 21.24 -3.13
CA ASP B 16 7.18 21.75 -3.05
C ASP B 16 6.25 20.65 -2.55
N HIS B 17 5.25 21.07 -1.81
CA HIS B 17 4.13 20.21 -1.48
C HIS B 17 3.35 19.83 -2.76
N VAL B 18 2.65 18.71 -2.71
CA VAL B 18 1.81 18.28 -3.81
C VAL B 18 0.37 18.45 -3.37
N LEU B 19 -0.37 19.32 -4.05
CA LEU B 19 -1.72 19.66 -3.65
C LEU B 19 -1.86 19.95 -2.15
N HIS B 20 -0.86 20.61 -1.55
CA HIS B 20 -0.91 20.94 -0.12
C HIS B 20 -0.87 19.76 0.85
N SER B 21 -0.59 18.57 0.34
CA SER B 21 -0.50 17.41 1.20
C SER B 21 0.70 17.55 2.14
N HIS B 22 0.44 17.36 3.43
CA HIS B 22 1.50 17.38 4.45
C HIS B 22 2.49 16.21 4.28
N ALA B 23 1.97 14.99 4.28
CA ALA B 23 2.78 13.82 3.92
C ALA B 23 2.92 13.78 2.39
N TYR B 24 4.10 13.45 1.89
CA TYR B 24 4.34 13.35 0.45
C TYR B 24 3.61 12.15 -0.15
N PRO B 25 2.81 12.34 -1.24
CA PRO B 25 1.95 11.31 -1.84
C PRO B 25 2.75 10.17 -2.39
N ILE B 26 2.09 9.03 -2.51
CA ILE B 26 2.74 7.86 -3.06
C ILE B 26 2.36 7.83 -4.54
N PHE B 27 3.34 8.11 -5.40
CA PHE B 27 3.05 8.11 -6.83
C PHE B 27 3.14 6.72 -7.36
N GLN B 28 2.07 5.95 -7.15
CA GLN B 28 1.97 4.60 -7.66
C GLN B 28 1.52 4.62 -9.13
N THR B 29 2.47 4.91 -10.01
CA THR B 29 2.21 5.06 -11.45
C THR B 29 3.41 4.56 -12.23
N SER B 30 3.18 4.09 -13.44
CA SER B 30 4.29 3.77 -14.31
C SER B 30 4.65 4.98 -15.14
N THR B 31 3.67 5.59 -15.80
CA THR B 31 3.96 6.63 -16.75
C THR B 31 3.39 8.02 -16.37
N PHE B 32 3.84 9.04 -17.12
CA PHE B 32 3.43 10.45 -16.94
C PHE B 32 2.97 11.03 -18.25
N CYS B 33 1.97 11.91 -18.21
CA CYS B 33 1.42 12.56 -19.39
CA CYS B 33 1.45 12.51 -19.42
C CYS B 33 2.25 13.75 -19.81
N PHE B 34 2.27 14.02 -21.11
CA PHE B 34 2.93 15.20 -21.63
C PHE B 34 1.89 16.27 -22.01
N ASP B 35 2.29 17.54 -21.91
CA ASP B 35 1.44 18.64 -22.35
C ASP B 35 1.42 18.77 -23.87
N SER B 36 2.50 18.31 -24.52
CA SER B 36 2.71 18.56 -25.95
C SER B 36 3.85 17.67 -26.37
N THR B 37 3.96 17.43 -27.67
CA THR B 37 5.07 16.68 -28.24
C THR B 37 6.47 17.24 -27.83
N GLN B 38 6.60 18.57 -27.94
CA GLN B 38 7.82 19.31 -27.64
C GLN B 38 8.23 19.16 -26.17
N GLN B 39 7.25 19.31 -25.28
CA GLN B 39 7.46 19.14 -23.84
C GLN B 39 7.98 17.72 -23.51
N GLY B 40 7.37 16.69 -24.10
CA GLY B 40 7.82 15.30 -23.95
C GLY B 40 9.22 15.11 -24.57
N ALA B 41 9.43 15.58 -25.79
CA ALA B 41 10.77 15.53 -26.41
C ALA B 41 11.85 16.26 -25.59
N ASP B 42 11.48 17.40 -25.01
CA ASP B 42 12.40 18.17 -24.19
C ASP B 42 12.80 17.40 -22.93
N LEU B 43 11.83 16.79 -22.26
CA LEU B 43 12.19 15.95 -21.10
C LEU B 43 13.13 14.81 -21.47
N PHE B 44 12.91 14.18 -22.62
CA PHE B 44 13.81 13.11 -23.05
C PHE B 44 15.26 13.60 -23.32
N MET B 45 15.40 14.90 -23.62
CA MET B 45 16.69 15.55 -23.85
CA MET B 45 16.72 15.50 -23.85
C MET B 45 17.29 16.14 -22.57
N GLY B 46 16.58 15.96 -21.44
CA GLY B 46 16.98 16.56 -20.16
C GLY B 46 16.73 18.05 -19.98
N LYS B 47 15.67 18.58 -20.57
CA LYS B 47 15.22 19.95 -20.25
C LYS B 47 13.69 20.10 -20.22
N GLY B 48 13.10 20.97 -19.40
CA GLY B 48 13.62 21.44 -18.14
C GLY B 48 13.09 20.47 -17.10
N GLU B 49 11.93 20.74 -16.50
CA GLU B 49 11.54 20.05 -15.24
C GLU B 49 10.31 19.16 -15.41
N GLY B 50 10.34 17.96 -14.83
CA GLY B 50 9.20 17.06 -14.95
C GLY B 50 9.58 15.59 -14.99
N HIS B 51 8.58 14.77 -15.31
CA HIS B 51 8.71 13.33 -15.27
C HIS B 51 8.22 12.70 -16.56
N ILE B 52 8.73 11.50 -16.82
CA ILE B 52 8.44 10.74 -18.01
C ILE B 52 7.85 9.35 -17.67
N TYR B 53 8.56 8.62 -16.81
CA TYR B 53 8.31 7.19 -16.60
C TYR B 53 9.05 6.80 -15.34
N SER B 54 8.41 6.05 -14.45
CA SER B 54 8.98 5.80 -13.09
C SER B 54 10.37 5.16 -13.05
N ARG B 55 10.69 4.31 -14.04
CA ARG B 55 12.04 3.76 -14.11
C ARG B 55 13.10 4.88 -14.27
N LEU B 56 12.75 5.93 -15.00
CA LEU B 56 13.62 7.09 -15.15
C LEU B 56 13.61 8.02 -13.93
N GLY B 57 12.44 8.14 -13.28
CA GLY B 57 12.30 9.03 -12.13
C GLY B 57 10.84 9.07 -11.64
N ASN B 58 10.68 8.84 -10.34
CA ASN B 58 9.41 8.84 -9.65
C ASN B 58 9.46 9.85 -8.50
N PRO B 59 8.43 10.69 -8.37
CA PRO B 59 8.54 11.76 -7.37
C PRO B 59 8.68 11.24 -5.94
N THR B 60 7.95 10.19 -5.58
CA THR B 60 8.09 9.61 -4.24
C THR B 60 9.51 9.08 -3.98
N VAL B 61 10.09 8.39 -4.96
CA VAL B 61 11.42 7.85 -4.82
C VAL B 61 12.45 8.99 -4.76
N GLU B 62 12.31 10.01 -5.61
CA GLU B 62 13.23 11.15 -5.58
C GLU B 62 13.18 11.92 -4.25
N GLN B 63 12.02 11.98 -3.60
CA GLN B 63 11.93 12.61 -2.29
C GLN B 63 12.85 11.83 -1.32
N PHE B 64 12.78 10.50 -1.32
CA PHE B 64 13.63 9.71 -0.44
C PHE B 64 15.12 9.90 -0.77
N GLU B 65 15.45 9.88 -2.07
CA GLU B 65 16.79 10.19 -2.54
C GLU B 65 17.34 11.53 -2.02
N GLU B 66 16.49 12.55 -1.99
CA GLU B 66 16.92 13.86 -1.55
CA GLU B 66 16.88 13.88 -1.54
C GLU B 66 17.25 13.87 -0.06
N MET B 67 16.47 13.12 0.73
CA MET B 67 16.71 12.99 2.17
C MET B 67 18.07 12.33 2.48
N VAL B 68 18.41 11.29 1.74
CA VAL B 68 19.67 10.62 1.94
C VAL B 68 20.80 11.51 1.45
N CYS B 69 20.65 12.07 0.26
CA CYS B 69 21.61 13.01 -0.29
C CYS B 69 21.90 14.15 0.70
N SER B 70 20.88 14.68 1.35
CA SER B 70 21.11 15.75 2.34
C SER B 70 21.98 15.32 3.52
N ILE B 71 21.80 14.09 4.02
CA ILE B 71 22.60 13.64 5.16
C ILE B 71 24.01 13.19 4.76
N GLU B 72 24.16 12.62 3.57
CA GLU B 72 25.50 12.21 3.09
C GLU B 72 26.37 13.40 2.67
N GLY B 73 25.77 14.54 2.38
CA GLY B 73 26.48 15.68 1.77
C GLY B 73 26.95 15.41 0.33
N ALA B 74 26.09 14.77 -0.47
CA ALA B 74 26.44 14.35 -1.83
C ALA B 74 25.97 15.30 -2.96
N ALA B 75 26.52 15.12 -4.17
CA ALA B 75 25.97 15.76 -5.37
C ALA B 75 24.62 15.16 -5.74
N GLY B 76 24.39 13.91 -5.35
CA GLY B 76 23.12 13.26 -5.62
C GLY B 76 23.06 11.83 -5.10
N SER B 77 21.84 11.30 -4.96
CA SER B 77 21.60 9.92 -4.49
C SER B 77 20.67 9.14 -5.41
N ALA B 78 20.85 7.83 -5.43
CA ALA B 78 19.99 6.93 -6.18
C ALA B 78 19.53 5.75 -5.32
N ALA B 79 18.22 5.47 -5.34
CA ALA B 79 17.59 4.39 -4.59
C ALA B 79 17.42 3.18 -5.49
N PHE B 80 17.50 1.99 -4.89
CA PHE B 80 17.39 0.73 -5.62
C PHE B 80 16.45 -0.23 -4.92
N GLY B 81 16.10 -1.30 -5.63
CA GLY B 81 15.30 -2.43 -5.08
C GLY B 81 15.95 -3.20 -3.92
N SER B 82 17.25 -3.01 -3.69
CA SER B 82 17.95 -3.70 -2.61
C SER B 82 19.34 -3.11 -2.46
N GLY B 83 19.98 -3.41 -1.34
CA GLY B 83 21.40 -3.07 -1.16
C GLY B 83 22.31 -3.69 -2.21
N MET B 84 22.06 -4.94 -2.59
CA MET B 84 22.79 -5.57 -3.68
C MET B 84 22.62 -4.82 -5.01
N GLY B 85 21.45 -4.25 -5.29
CA GLY B 85 21.28 -3.38 -6.46
C GLY B 85 22.14 -2.10 -6.37
N ALA B 86 22.20 -1.48 -5.19
CA ALA B 86 23.11 -0.33 -5.00
C ALA B 86 24.59 -0.72 -5.15
N ILE B 87 24.98 -1.85 -4.57
CA ILE B 87 26.37 -2.29 -4.74
C ILE B 87 26.70 -2.63 -6.22
N SER B 88 25.87 -3.45 -6.87
CA SER B 88 26.04 -3.77 -8.27
C SER B 88 26.09 -2.51 -9.12
N SER B 89 25.19 -1.57 -8.87
CA SER B 89 25.16 -0.36 -9.69
C SER B 89 26.30 0.60 -9.37
N SER B 90 26.92 0.48 -8.20
CA SER B 90 27.96 1.43 -7.80
C SER B 90 29.31 0.96 -8.24
N THR B 91 29.40 -0.29 -8.72
CA THR B 91 30.69 -0.87 -9.12
C THR B 91 30.71 -1.11 -10.63
N LEU B 92 29.72 -1.81 -11.14
CA LEU B 92 29.67 -2.19 -12.55
C LEU B 92 29.26 -1.02 -13.42
N ALA B 93 28.78 0.06 -12.81
CA ALA B 93 28.54 1.27 -13.59
C ALA B 93 29.87 1.85 -14.09
N PHE B 94 30.99 1.46 -13.44
CA PHE B 94 32.31 2.06 -13.70
C PHE B 94 33.35 1.06 -14.21
N LEU B 95 33.34 -0.14 -13.61
CA LEU B 95 34.30 -1.17 -13.96
C LEU B 95 33.93 -1.81 -15.28
N GLN B 96 34.96 -2.07 -16.09
CA GLN B 96 34.82 -2.80 -17.35
C GLN B 96 35.99 -3.78 -17.53
N LYS B 97 35.85 -4.65 -18.53
CA LYS B 97 36.83 -5.69 -18.82
C LYS B 97 38.23 -5.09 -18.86
N GLY B 98 39.16 -5.70 -18.15
CA GLY B 98 40.55 -5.19 -18.07
C GLY B 98 40.84 -4.29 -16.88
N ASP B 99 39.78 -3.86 -16.16
CA ASP B 99 39.94 -3.12 -14.91
C ASP B 99 40.24 -4.07 -13.75
N HIS B 100 40.79 -3.52 -12.68
CA HIS B 100 41.14 -4.25 -11.46
C HIS B 100 40.48 -3.59 -10.26
N LEU B 101 39.96 -4.41 -9.35
CA LEU B 101 39.25 -3.94 -8.16
C LEU B 101 39.90 -4.50 -6.91
N ILE B 102 40.15 -3.62 -5.93
CA ILE B 102 40.64 -4.02 -4.61
C ILE B 102 39.46 -3.93 -3.63
N ALA B 103 39.11 -5.04 -2.99
CA ALA B 103 38.01 -5.07 -2.05
C ALA B 103 38.46 -5.64 -0.70
N GLY B 104 37.81 -5.18 0.37
CA GLY B 104 38.10 -5.71 1.73
C GLY B 104 37.92 -7.21 1.74
N ASP B 105 38.72 -7.89 2.56
CA ASP B 105 38.64 -9.35 2.61
C ASP B 105 37.45 -9.86 3.41
N THR B 106 36.86 -8.99 4.23
CA THR B 106 35.67 -9.33 5.00
C THR B 106 34.48 -8.50 4.48
N LEU B 107 33.53 -9.15 3.82
CA LEU B 107 32.38 -8.44 3.27
C LEU B 107 31.13 -9.25 3.50
N TYR B 108 29.97 -8.59 3.41
CA TYR B 108 28.70 -9.31 3.35
C TYR B 108 28.83 -10.45 2.32
N GLY B 109 28.32 -11.63 2.69
CA GLY B 109 28.37 -12.84 1.85
C GLY B 109 27.92 -12.67 0.40
N CYS B 110 26.81 -11.97 0.16
CA CYS B 110 26.34 -11.80 -1.22
C CYS B 110 27.26 -10.86 -2.05
N THR B 111 27.89 -9.89 -1.37
CA THR B 111 28.92 -9.05 -2.00
C THR B 111 30.12 -9.88 -2.43
N VAL B 112 30.59 -10.76 -1.54
CA VAL B 112 31.59 -11.75 -1.92
C VAL B 112 31.14 -12.52 -3.19
N SER B 113 29.88 -12.96 -3.22
CA SER B 113 29.37 -13.70 -4.37
C SER B 113 29.41 -12.83 -5.67
N LEU B 114 28.95 -11.59 -5.57
CA LEU B 114 29.07 -10.64 -6.69
C LEU B 114 30.53 -10.50 -7.19
N PHE B 115 31.45 -10.21 -6.26
CA PHE B 115 32.83 -9.91 -6.62
C PHE B 115 33.63 -11.14 -7.08
N THR B 116 33.15 -12.31 -6.71
CA THR B 116 33.90 -13.56 -6.82
C THR B 116 33.37 -14.41 -7.97
N HIS B 117 32.07 -14.37 -8.19
CA HIS B 117 31.45 -15.11 -9.29
C HIS B 117 31.17 -14.23 -10.51
N TRP B 118 30.46 -13.12 -10.34
CA TRP B 118 30.04 -12.34 -11.51
C TRP B 118 31.12 -11.44 -12.15
N LEU B 119 31.75 -10.55 -11.37
CA LEU B 119 32.77 -9.63 -11.92
C LEU B 119 33.86 -10.32 -12.76
N PRO B 120 34.40 -11.48 -12.31
CA PRO B 120 35.40 -12.12 -13.19
C PRO B 120 34.86 -12.64 -14.53
N ARG B 121 33.57 -12.96 -14.58
CA ARG B 121 32.94 -13.38 -15.82
C ARG B 121 32.84 -12.20 -16.80
N PHE B 122 32.77 -10.99 -16.26
CA PHE B 122 32.76 -9.80 -17.11
C PHE B 122 34.17 -9.21 -17.39
N GLY B 123 35.22 -9.97 -17.06
CA GLY B 123 36.62 -9.59 -17.38
C GLY B 123 37.24 -8.64 -16.39
N ILE B 124 36.61 -8.49 -15.22
CA ILE B 124 37.14 -7.63 -14.15
C ILE B 124 37.94 -8.44 -13.13
N GLU B 125 39.20 -8.03 -12.90
CA GLU B 125 40.06 -8.69 -11.93
C GLU B 125 39.78 -8.17 -10.54
N VAL B 126 39.65 -9.08 -9.58
CA VAL B 126 39.31 -8.75 -8.21
C VAL B 126 40.27 -9.40 -7.21
N ASP B 127 40.83 -8.56 -6.34
CA ASP B 127 41.62 -9.03 -5.21
C ASP B 127 40.98 -8.67 -3.86
N LEU B 128 40.73 -9.69 -3.05
CA LEU B 128 40.25 -9.49 -1.70
C LEU B 128 41.46 -9.41 -0.77
N ILE B 129 41.69 -8.23 -0.19
CA ILE B 129 42.80 -8.05 0.72
C ILE B 129 42.39 -7.40 2.04
N ASP B 130 43.26 -7.51 3.05
CA ASP B 130 43.00 -6.94 4.37
C ASP B 130 43.14 -5.40 4.32
N THR B 131 42.00 -4.71 4.28
CA THR B 131 42.03 -3.25 4.13
C THR B 131 42.18 -2.51 5.45
N SER B 132 42.41 -3.24 6.54
CA SER B 132 42.64 -2.59 7.82
C SER B 132 44.12 -2.12 7.92
N ASP B 133 44.92 -2.51 6.92
CA ASP B 133 46.32 -2.11 6.81
C ASP B 133 46.56 -1.45 5.44
N VAL B 134 46.77 -0.13 5.46
CA VAL B 134 46.87 0.69 4.25
C VAL B 134 48.07 0.32 3.36
N GLU B 135 49.15 -0.19 3.95
CA GLU B 135 50.32 -0.63 3.17
C GLU B 135 50.04 -1.89 2.33
N LYS B 136 49.17 -2.77 2.85
CA LYS B 136 48.65 -3.92 2.09
C LYS B 136 47.81 -3.50 0.88
N VAL B 137 47.09 -2.39 1.02
CA VAL B 137 46.35 -1.80 -0.11
C VAL B 137 47.30 -1.29 -1.19
N LYS B 138 48.33 -0.56 -0.76
CA LYS B 138 49.38 -0.07 -1.64
C LYS B 138 50.09 -1.22 -2.36
N ALA B 139 50.37 -2.31 -1.63
CA ALA B 139 51.08 -3.47 -2.19
C ALA B 139 50.26 -4.30 -3.19
N ALA B 140 48.93 -4.26 -3.05
CA ALA B 140 48.05 -4.96 -3.97
C ALA B 140 47.82 -4.16 -5.25
N TRP B 141 48.23 -2.89 -5.24
CA TRP B 141 47.94 -1.97 -6.35
C TRP B 141 48.53 -2.40 -7.70
N LYS B 142 47.80 -2.11 -8.78
CA LYS B 142 48.25 -2.44 -10.14
C LYS B 142 48.07 -1.27 -11.10
N PRO B 143 48.71 -1.34 -12.28
CA PRO B 143 48.54 -0.24 -13.23
C PRO B 143 47.10 -0.06 -13.68
N ASN B 144 46.29 -1.12 -13.57
CA ASN B 144 44.90 -1.05 -14.00
C ASN B 144 43.90 -0.96 -12.84
N THR B 145 44.37 -0.77 -11.62
CA THR B 145 43.47 -0.61 -10.47
C THR B 145 42.61 0.64 -10.67
N LYS B 146 41.29 0.46 -10.73
CA LYS B 146 40.35 1.57 -10.95
C LYS B 146 39.41 1.83 -9.77
N MET B 147 39.38 0.91 -8.81
CA MET B 147 38.44 1.03 -7.71
C MET B 147 38.93 0.35 -6.45
N VAL B 148 38.59 0.95 -5.30
CA VAL B 148 38.67 0.27 -4.01
C VAL B 148 37.26 0.21 -3.38
N TYR B 149 36.85 -0.97 -2.92
CA TYR B 149 35.57 -1.16 -2.24
C TYR B 149 35.78 -1.60 -0.77
N LEU B 150 35.19 -0.83 0.15
CA LEU B 150 35.36 -1.03 1.62
C LEU B 150 34.00 -1.20 2.31
N GLU B 151 33.97 -2.08 3.34
CA GLU B 151 32.94 -2.05 4.40
C GLU B 151 33.65 -1.86 5.72
N SER B 152 33.19 -0.91 6.53
CA SER B 152 33.81 -0.67 7.80
C SER B 152 32.85 0.02 8.74
N PRO B 153 32.60 -0.57 9.93
CA PRO B 153 33.08 -1.88 10.37
C PRO B 153 32.50 -3.00 9.54
N ALA B 154 33.28 -4.08 9.35
CA ALA B 154 32.90 -5.15 8.44
C ALA B 154 31.78 -6.05 8.95
N ASN B 155 30.99 -6.60 8.04
CA ASN B 155 29.98 -7.61 8.34
C ASN B 155 30.63 -8.99 8.17
N PRO B 156 30.74 -9.78 9.26
CA PRO B 156 30.12 -9.60 10.57
C PRO B 156 31.08 -9.33 11.74
N THR B 157 32.38 -9.45 11.51
CA THR B 157 33.40 -9.36 12.57
C THR B 157 33.60 -7.95 13.13
N CYS B 158 33.06 -6.95 12.43
CA CYS B 158 33.22 -5.54 12.76
C CYS B 158 34.64 -5.00 12.52
N LYS B 159 35.43 -5.65 11.67
CA LYS B 159 36.81 -5.19 11.45
C LYS B 159 36.82 -3.82 10.79
N VAL B 160 37.62 -2.92 11.36
CA VAL B 160 37.65 -1.51 10.95
C VAL B 160 38.75 -1.28 9.91
N SER B 161 38.47 -0.45 8.91
CA SER B 161 39.50 -0.03 7.96
C SER B 161 39.70 1.47 8.02
N ASP B 162 40.90 1.90 7.65
CA ASP B 162 41.28 3.31 7.64
C ASP B 162 40.78 3.97 6.36
N ILE B 163 39.52 4.36 6.36
CA ILE B 163 38.87 4.95 5.18
C ILE B 163 39.59 6.22 4.71
N LYS B 164 39.97 7.07 5.66
CA LYS B 164 40.66 8.32 5.38
C LYS B 164 42.03 8.09 4.70
N GLY B 165 42.87 7.24 5.29
CA GLY B 165 44.18 6.90 4.72
C GLY B 165 44.07 6.30 3.32
N ILE B 166 43.12 5.39 3.14
CA ILE B 166 42.90 4.73 1.86
C ILE B 166 42.37 5.69 0.79
N ALA B 167 41.54 6.65 1.20
CA ALA B 167 41.06 7.68 0.28
C ALA B 167 42.19 8.56 -0.28
N VAL B 168 43.18 8.89 0.55
CA VAL B 168 44.36 9.63 0.08
C VAL B 168 45.08 8.84 -1.04
N VAL B 169 45.35 7.56 -0.80
CA VAL B 169 45.91 6.68 -1.84
C VAL B 169 45.03 6.67 -3.11
N CYS B 170 43.72 6.55 -2.93
CA CYS B 170 42.81 6.54 -4.06
C CYS B 170 42.87 7.84 -4.85
N HIS B 171 42.91 8.96 -4.15
CA HIS B 171 43.04 10.26 -4.77
C HIS B 171 44.41 10.40 -5.47
N GLU B 172 45.47 9.89 -4.83
CA GLU B 172 46.81 9.91 -5.43
C GLU B 172 46.89 9.15 -6.75
N ARG B 173 46.29 7.95 -6.78
CA ARG B 173 46.56 6.98 -7.85
C ARG B 173 45.45 6.88 -8.92
N GLY B 174 44.42 7.72 -8.78
CA GLY B 174 43.33 7.79 -9.76
C GLY B 174 42.32 6.65 -9.71
N ALA B 175 41.88 6.30 -8.51
CA ALA B 175 40.88 5.24 -8.35
C ALA B 175 39.71 5.75 -7.50
N ARG B 176 38.52 5.21 -7.75
CA ARG B 176 37.35 5.57 -6.99
C ARG B 176 37.33 4.80 -5.68
N LEU B 177 36.96 5.49 -4.62
CA LEU B 177 36.70 4.83 -3.35
C LEU B 177 35.18 4.71 -3.07
N VAL B 178 34.73 3.45 -2.90
CA VAL B 178 33.32 3.13 -2.63
C VAL B 178 33.23 2.46 -1.26
N VAL B 179 32.34 2.97 -0.41
CA VAL B 179 32.20 2.49 0.96
C VAL B 179 30.77 2.12 1.30
N ASP B 180 30.61 0.87 1.75
CA ASP B 180 29.32 0.40 2.22
C ASP B 180 29.25 0.72 3.71
N ALA B 181 28.39 1.67 4.06
CA ALA B 181 28.28 2.16 5.42
C ALA B 181 27.02 1.63 6.12
N THR B 182 26.47 0.55 5.57
CA THR B 182 25.24 -0.08 6.08
C THR B 182 25.25 -0.25 7.61
N PHE B 183 26.35 -0.77 8.15
CA PHE B 183 26.42 -1.15 9.57
C PHE B 183 26.44 0.01 10.58
N THR B 184 26.69 1.22 10.13
CA THR B 184 26.83 2.35 11.02
C THR B 184 25.76 3.42 10.82
N SER B 185 25.15 3.43 9.64
CA SER B 185 24.16 4.44 9.22
C SER B 185 24.85 5.78 8.90
N PRO B 186 24.19 6.63 8.09
CA PRO B 186 24.79 7.93 7.79
C PRO B 186 24.72 8.94 8.93
N CYS B 187 24.01 8.64 10.02
CA CYS B 187 24.10 9.48 11.22
C CYS B 187 25.51 9.46 11.77
N PHE B 188 26.17 8.29 11.72
CA PHE B 188 27.47 8.13 12.42
C PHE B 188 28.68 7.95 11.51
N LEU B 189 28.44 7.49 10.28
CA LEU B 189 29.53 7.36 9.31
C LEU B 189 29.17 8.06 8.01
N LYS B 190 30.00 9.01 7.62
CA LYS B 190 29.79 9.85 6.45
C LYS B 190 30.99 9.76 5.53
N PRO B 191 31.10 8.67 4.75
CA PRO B 191 32.29 8.38 3.95
C PRO B 191 32.72 9.50 2.99
N LEU B 192 31.74 10.22 2.41
CA LEU B 192 32.07 11.34 1.54
C LEU B 192 32.86 12.45 2.24
N GLU B 193 32.70 12.60 3.56
CA GLU B 193 33.54 13.55 4.35
C GLU B 193 34.95 13.01 4.53
N LEU B 194 35.12 11.70 4.38
CA LEU B 194 36.39 11.06 4.62
C LEU B 194 37.24 10.94 3.36
N GLY B 195 36.69 11.36 2.22
CA GLY B 195 37.41 11.29 0.96
C GLY B 195 36.87 10.29 -0.05
N ALA B 196 35.90 9.46 0.36
CA ALA B 196 35.30 8.47 -0.56
C ALA B 196 34.59 9.18 -1.68
N ASP B 197 34.43 8.49 -2.80
CA ASP B 197 33.72 9.02 -3.95
C ASP B 197 32.26 8.60 -3.92
N ILE B 198 31.99 7.44 -3.36
CA ILE B 198 30.63 6.88 -3.31
C ILE B 198 30.37 6.26 -1.94
N ALA B 199 29.18 6.56 -1.39
CA ALA B 199 28.71 5.99 -0.13
C ALA B 199 27.38 5.25 -0.31
N LEU B 200 27.29 4.03 0.19
CA LEU B 200 26.07 3.26 -0.07
C LEU B 200 25.59 2.51 1.17
N HIS B 201 24.29 2.18 1.17
CA HIS B 201 23.64 1.45 2.26
C HIS B 201 22.63 0.48 1.73
N SER B 202 22.55 -0.68 2.37
CA SER B 202 21.30 -1.43 2.35
C SER B 202 20.34 -0.61 3.23
N VAL B 203 19.28 -0.09 2.62
CA VAL B 203 18.33 0.72 3.33
C VAL B 203 17.48 -0.21 4.17
N SER B 204 17.59 -1.50 3.86
CA SER B 204 16.86 -2.55 4.55
C SER B 204 17.15 -2.59 6.02
N LYS B 205 18.31 -2.06 6.42
CA LYS B 205 18.76 -2.13 7.79
C LYS B 205 18.28 -0.87 8.50
N TYR B 206 19.20 -0.06 9.03
CA TYR B 206 18.86 1.04 9.93
C TYR B 206 18.04 2.17 9.30
N ILE B 207 18.35 2.55 8.05
CA ILE B 207 17.74 3.73 7.44
C ILE B 207 16.23 3.60 7.48
N ASN B 208 15.71 2.49 6.95
CA ASN B 208 14.30 2.17 7.16
C ASN B 208 14.02 1.75 8.60
N GLY B 209 14.85 0.82 9.10
CA GLY B 209 14.86 0.39 10.49
C GLY B 209 13.63 -0.30 11.08
N HIS B 210 12.64 -0.64 10.25
CA HIS B 210 11.45 -1.28 10.77
C HIS B 210 11.25 -2.73 10.29
N GLY B 211 12.26 -3.30 9.64
CA GLY B 211 12.23 -4.67 9.15
C GLY B 211 11.15 -4.98 8.11
N ASP B 212 10.64 -3.97 7.42
CA ASP B 212 9.53 -4.25 6.53
C ASP B 212 9.79 -3.85 5.07
N VAL B 213 11.04 -3.52 4.76
CA VAL B 213 11.42 -3.09 3.41
C VAL B 213 12.81 -3.61 3.01
N ILE B 214 12.95 -4.04 1.74
CA ILE B 214 14.27 -4.24 1.16
C ILE B 214 14.55 -3.10 0.17
N GLY B 215 15.73 -2.52 0.24
CA GLY B 215 16.08 -1.43 -0.62
C GLY B 215 17.54 -1.06 -0.45
N GLY B 216 18.04 -0.28 -1.41
CA GLY B 216 19.42 0.19 -1.40
C GLY B 216 19.47 1.66 -1.77
N VAL B 217 20.57 2.30 -1.42
CA VAL B 217 20.80 3.64 -1.85
C VAL B 217 22.28 3.84 -2.07
N SER B 218 22.63 4.60 -3.10
CA SER B 218 24.03 5.00 -3.32
C SER B 218 24.11 6.50 -3.55
N SER B 219 25.10 7.16 -2.94
CA SER B 219 25.31 8.63 -3.01
C SER B 219 26.70 8.96 -3.51
N ALA B 220 26.80 9.91 -4.45
CA ALA B 220 28.09 10.18 -5.11
C ALA B 220 28.58 11.59 -4.86
N LYS B 221 29.88 11.75 -4.84
CA LYS B 221 30.51 13.05 -4.61
C LYS B 221 30.28 13.98 -5.81
N THR B 222 30.32 13.46 -7.04
CA THR B 222 30.18 14.32 -8.22
C THR B 222 28.88 14.07 -8.94
N ALA B 223 28.37 15.13 -9.58
CA ALA B 223 27.14 15.04 -10.38
C ALA B 223 27.32 14.10 -11.56
N GLU B 224 28.55 14.00 -12.10
CA GLU B 224 28.78 13.07 -13.20
C GLU B 224 28.68 11.62 -12.74
N ASP B 225 29.25 11.30 -11.58
CA ASP B 225 29.19 9.93 -11.08
C ASP B 225 27.73 9.49 -10.78
N ILE B 226 26.94 10.34 -10.13
CA ILE B 226 25.56 9.93 -9.87
C ILE B 226 24.75 9.80 -11.17
N ALA B 227 25.06 10.61 -12.19
CA ALA B 227 24.39 10.42 -13.48
C ALA B 227 24.76 9.09 -14.14
N THR B 228 26.00 8.64 -13.98
CA THR B 228 26.45 7.35 -14.51
C THR B 228 25.75 6.21 -13.78
N ILE B 229 25.65 6.31 -12.46
CA ILE B 229 24.94 5.29 -11.66
C ILE B 229 23.49 5.18 -12.08
N LYS B 230 22.82 6.31 -12.27
CA LYS B 230 21.41 6.31 -12.73
C LYS B 230 21.23 5.79 -14.16
N PHE B 231 22.22 6.04 -15.00
CA PHE B 231 22.19 5.57 -16.35
C PHE B 231 22.31 4.03 -16.35
N TYR B 232 23.18 3.51 -15.48
CA TYR B 232 23.29 2.07 -15.27
C TYR B 232 21.98 1.49 -14.70
N ARG B 233 21.38 2.17 -13.72
CA ARG B 233 20.14 1.71 -13.11
C ARG B 233 19.02 1.62 -14.13
N LYS B 234 19.00 2.56 -15.08
CA LYS B 234 17.98 2.60 -16.14
C LYS B 234 18.00 1.31 -17.00
N ASP B 235 19.20 0.75 -17.20
CA ASP B 235 19.39 -0.45 -18.02
C ASP B 235 19.41 -1.74 -17.20
N ALA B 236 19.95 -1.66 -15.97
CA ALA B 236 19.98 -2.81 -15.07
C ALA B 236 18.63 -3.04 -14.35
N GLY B 237 17.91 -1.97 -14.05
CA GLY B 237 16.51 -2.12 -13.57
C GLY B 237 16.25 -2.47 -12.12
N SER B 238 17.23 -2.23 -11.24
CA SER B 238 16.99 -2.35 -9.80
C SER B 238 16.38 -1.04 -9.26
N LEU B 239 15.05 -1.00 -9.17
CA LEU B 239 14.34 0.18 -8.77
C LEU B 239 13.74 -0.03 -7.37
N MET B 240 13.71 1.03 -6.57
CA MET B 240 12.88 1.09 -5.38
C MET B 240 11.42 1.40 -5.76
N ALA B 241 10.46 0.58 -5.31
CA ALA B 241 9.05 0.79 -5.64
C ALA B 241 8.51 2.01 -4.89
N PRO B 242 7.50 2.71 -5.45
CA PRO B 242 7.01 3.94 -4.80
C PRO B 242 6.60 3.68 -3.33
N MET B 243 5.88 2.57 -3.08
CA MET B 243 5.45 2.24 -1.71
C MET B 243 6.65 2.04 -0.74
N ASP B 244 7.67 1.35 -1.22
CA ASP B 244 8.86 1.13 -0.41
C ASP B 244 9.59 2.47 -0.13
N ALA B 245 9.61 3.39 -1.09
CA ALA B 245 10.21 4.73 -0.88
C ALA B 245 9.41 5.52 0.14
N PHE B 246 8.08 5.46 0.04
CA PHE B 246 7.22 6.07 1.07
C PHE B 246 7.60 5.48 2.43
N LEU B 247 7.75 4.17 2.53
CA LEU B 247 8.08 3.55 3.84
C LEU B 247 9.48 3.91 4.32
N CYS B 248 10.44 4.03 3.40
CA CYS B 248 11.83 4.36 3.81
C CYS B 248 11.93 5.79 4.27
N ALA B 249 11.29 6.70 3.54
CA ALA B 249 11.25 8.11 3.98
C ALA B 249 10.67 8.24 5.40
N ARG B 250 9.57 7.52 5.61
CA ARG B 250 8.86 7.50 6.87
C ARG B 250 9.73 6.93 7.98
N GLY B 251 10.37 5.78 7.72
CA GLY B 251 11.29 5.23 8.71
C GLY B 251 12.42 6.19 9.02
N MET B 252 12.86 6.93 8.02
CA MET B 252 14.01 7.80 8.20
C MET B 252 13.70 9.01 9.08
N LYS B 253 12.43 9.40 9.16
CA LYS B 253 12.03 10.50 10.03
C LYS B 253 12.50 10.33 11.48
N THR B 254 12.66 9.09 11.95
CA THR B 254 13.14 8.83 13.30
C THR B 254 14.52 8.20 13.34
N LEU B 255 15.25 8.26 12.24
CA LEU B 255 16.57 7.67 12.22
C LEU B 255 17.49 8.25 13.33
N PRO B 256 17.60 9.59 13.41
CA PRO B 256 18.55 10.10 14.42
C PRO B 256 18.26 9.60 15.84
N ILE B 257 17.02 9.72 16.30
CA ILE B 257 16.71 9.21 17.65
C ILE B 257 16.84 7.67 17.75
N ARG B 258 16.49 6.92 16.71
CA ARG B 258 16.73 5.46 16.76
C ARG B 258 18.21 5.08 16.86
N MET B 259 19.05 5.71 16.04
CA MET B 259 20.49 5.45 16.08
C MET B 259 21.08 5.73 17.46
N GLN B 260 20.64 6.80 18.09
CA GLN B 260 21.10 7.19 19.43
C GLN B 260 20.86 6.07 20.46
N ILE B 261 19.67 5.49 20.44
CA ILE B 261 19.31 4.38 21.32
C ILE B 261 20.03 3.08 20.94
N HIS B 262 20.01 2.72 19.65
CA HIS B 262 20.81 1.60 19.14
C HIS B 262 22.26 1.67 19.62
N MET B 263 22.88 2.83 19.49
CA MET B 263 24.26 2.98 19.91
C MET B 263 24.43 2.73 21.40
N GLU B 264 23.64 3.40 22.21
CA GLU B 264 23.79 3.28 23.66
C GLU B 264 23.41 1.87 24.07
N ASN B 265 22.30 1.35 23.55
CA ASN B 265 21.91 -0.02 23.84
C ASN B 265 23.01 -1.02 23.49
N GLY B 266 23.52 -0.96 22.27
CA GLY B 266 24.57 -1.87 21.84
C GLY B 266 25.78 -1.86 22.76
N LEU B 267 26.21 -0.66 23.14
CA LEU B 267 27.39 -0.50 23.95
C LEU B 267 27.27 -1.23 25.26
N LYS B 268 26.09 -1.13 25.88
CA LYS B 268 25.89 -1.72 27.20
C LYS B 268 25.78 -3.24 27.14
N VAL B 269 25.08 -3.75 26.12
CA VAL B 269 25.02 -5.19 25.87
C VAL B 269 26.43 -5.77 25.65
N ALA B 270 27.22 -5.09 24.80
CA ALA B 270 28.59 -5.50 24.53
C ALA B 270 29.47 -5.55 25.78
N LYS B 271 29.33 -4.57 26.68
CA LYS B 271 30.08 -4.59 27.96
C LYS B 271 29.60 -5.69 28.90
N PHE B 272 28.31 -5.97 28.91
CA PHE B 272 27.79 -7.14 29.63
C PHE B 272 28.43 -8.44 29.15
N LEU B 273 28.45 -8.65 27.82
CA LEU B 273 29.05 -9.85 27.26
C LEU B 273 30.57 -9.95 27.48
N GLU B 274 31.28 -8.83 27.39
CA GLU B 274 32.75 -8.85 27.56
C GLU B 274 33.20 -9.30 28.95
N GLN B 275 32.35 -9.09 29.96
CA GLN B 275 32.68 -9.50 31.34
C GLN B 275 32.01 -10.83 31.79
N HIS B 276 31.20 -11.43 30.92
CA HIS B 276 30.54 -12.71 31.23
C HIS B 276 31.51 -13.86 30.99
N GLU B 277 31.56 -14.81 31.94
CA GLU B 277 32.55 -15.89 31.90
C GLU B 277 32.34 -16.96 30.81
N LYS B 278 31.15 -16.98 30.20
CA LYS B 278 30.88 -17.91 29.08
C LYS B 278 31.30 -17.34 27.71
N ILE B 279 31.74 -16.08 27.70
CA ILE B 279 32.11 -15.38 26.46
C ILE B 279 33.62 -15.14 26.32
N VAL B 280 34.21 -15.70 25.25
CA VAL B 280 35.64 -15.54 24.97
C VAL B 280 36.01 -14.10 24.56
N LYS B 281 35.30 -13.53 23.58
CA LYS B 281 35.57 -12.13 23.16
C LYS B 281 34.37 -11.45 22.48
N VAL B 282 34.33 -10.13 22.58
CA VAL B 282 33.33 -9.31 21.92
C VAL B 282 33.99 -8.40 20.90
N ASN B 283 33.51 -8.48 19.67
CA ASN B 283 33.98 -7.65 18.58
C ASN B 283 33.07 -6.43 18.42
N HIS B 284 33.18 -5.46 19.33
CA HIS B 284 32.45 -4.21 19.19
C HIS B 284 33.45 -3.06 19.06
N PRO B 285 33.38 -2.31 17.93
CA PRO B 285 34.37 -1.28 17.57
C PRO B 285 34.44 -0.12 18.56
N GLY B 286 33.45 -0.04 19.45
CA GLY B 286 33.38 1.00 20.47
C GLY B 286 33.99 0.58 21.79
N LEU B 287 34.48 -0.65 21.86
CA LEU B 287 35.20 -1.14 23.05
C LEU B 287 36.67 -0.80 22.97
N GLU B 288 37.17 -0.19 24.05
CA GLU B 288 38.58 0.19 24.20
C GLU B 288 39.53 -0.99 23.93
N SER B 289 39.04 -2.21 24.17
CA SER B 289 39.81 -3.44 23.94
C SER B 289 39.99 -3.73 22.45
N PHE B 290 38.92 -3.60 21.69
CA PHE B 290 38.88 -3.96 20.27
C PHE B 290 39.95 -3.28 19.40
N PRO B 291 40.62 -4.06 18.53
CA PRO B 291 41.61 -3.52 17.59
C PRO B 291 40.98 -2.56 16.59
N GLY B 292 41.60 -1.39 16.41
CA GLY B 292 41.07 -0.40 15.49
C GLY B 292 39.93 0.44 16.06
N HIS B 293 39.74 0.36 17.37
CA HIS B 293 38.87 1.27 18.10
C HIS B 293 39.33 2.72 17.90
N ASP B 294 40.64 2.94 17.92
CA ASP B 294 41.28 4.26 17.76
C ASP B 294 40.90 4.93 16.43
N ILE B 295 40.89 4.15 15.35
CA ILE B 295 40.51 4.64 14.02
C ILE B 295 39.00 4.94 13.96
N ALA B 296 38.22 4.04 14.54
CA ALA B 296 36.76 4.13 14.49
C ALA B 296 36.26 5.34 15.29
N LYS B 297 36.95 5.65 16.39
CA LYS B 297 36.57 6.79 17.22
C LYS B 297 36.84 8.11 16.51
N LYS B 298 37.93 8.17 15.76
CA LYS B 298 38.29 9.33 14.93
C LYS B 298 37.44 9.49 13.67
N GLN B 299 37.19 8.40 12.96
CA GLN B 299 36.45 8.48 11.67
C GLN B 299 34.93 8.49 11.75
N MET B 300 34.40 8.05 12.88
CA MET B 300 32.93 7.96 13.03
C MET B 300 32.43 8.79 14.22
N THR B 301 31.20 9.29 14.14
CA THR B 301 30.65 10.09 15.26
C THR B 301 29.77 9.24 16.19
N GLY B 302 29.63 7.96 15.83
CA GLY B 302 28.97 6.99 16.68
C GLY B 302 29.19 5.58 16.17
N TYR B 303 28.40 4.64 16.68
CA TYR B 303 28.53 3.23 16.34
C TYR B 303 27.16 2.62 16.13
N GLY B 304 27.06 1.68 15.19
CA GLY B 304 25.87 0.86 15.03
C GLY B 304 25.73 -0.12 16.18
N SER B 305 24.65 -0.87 16.19
CA SER B 305 24.31 -1.72 17.32
C SER B 305 24.48 -3.21 16.99
N THR B 306 25.09 -3.51 15.84
CA THR B 306 25.33 -4.89 15.42
C THR B 306 26.79 -5.30 15.62
N PHE B 307 27.01 -6.41 16.31
CA PHE B 307 28.35 -6.91 16.52
C PHE B 307 28.33 -8.42 16.76
N LEU B 308 29.54 -8.95 17.01
CA LEU B 308 29.79 -10.36 17.02
C LEU B 308 30.49 -10.74 18.32
N PHE B 309 30.35 -11.99 18.75
CA PHE B 309 31.05 -12.48 19.96
C PHE B 309 31.23 -14.00 19.94
N GLU B 310 32.29 -14.47 20.60
CA GLU B 310 32.70 -15.89 20.56
C GLU B 310 32.21 -16.70 21.78
N MET B 311 31.60 -17.85 21.50
CA MET B 311 31.23 -18.83 22.54
C MET B 311 32.32 -19.90 22.63
N LYS B 312 32.33 -20.65 23.75
CA LYS B 312 33.31 -21.73 23.96
C LYS B 312 33.23 -22.88 22.94
N SER B 313 32.03 -23.22 22.47
CA SER B 313 31.85 -24.21 21.39
C SER B 313 30.61 -23.93 20.52
N PHE B 314 30.44 -24.76 19.48
CA PHE B 314 29.24 -24.70 18.61
C PHE B 314 28.00 -25.09 19.39
N GLU B 315 28.12 -26.09 20.27
CA GLU B 315 27.03 -26.55 21.11
C GLU B 315 26.50 -25.43 22.02
N ALA B 316 27.43 -24.68 22.62
CA ALA B 316 27.11 -23.52 23.47
C ALA B 316 26.46 -22.35 22.69
N ALA B 317 26.99 -22.07 21.50
CA ALA B 317 26.40 -21.10 20.59
C ALA B 317 24.97 -21.49 20.21
N LYS B 318 24.76 -22.77 19.89
CA LYS B 318 23.45 -23.33 19.56
C LYS B 318 22.49 -23.18 20.74
N LYS B 319 22.99 -23.42 21.96
CA LYS B 319 22.17 -23.37 23.17
C LYS B 319 21.71 -21.95 23.47
N LEU B 320 22.63 -20.99 23.30
CA LEU B 320 22.31 -19.57 23.47
C LEU B 320 21.16 -19.16 22.57
N MET B 321 21.40 -19.28 21.27
CA MET B 321 20.51 -18.79 20.20
C MET B 321 19.13 -19.41 20.19
N GLU B 322 19.01 -20.61 20.75
CA GLU B 322 17.75 -21.35 20.72
C GLU B 322 16.94 -21.24 22.01
N HIS B 323 17.53 -20.67 23.07
CA HIS B 323 16.79 -20.48 24.33
C HIS B 323 16.60 -19.01 24.75
N LEU B 324 16.50 -18.13 23.76
CA LEU B 324 16.19 -16.73 24.01
C LEU B 324 14.71 -16.50 23.85
N LYS B 325 14.15 -15.62 24.68
CA LYS B 325 12.71 -15.31 24.65
C LYS B 325 12.37 -13.98 23.99
N VAL B 326 13.31 -13.03 24.02
CA VAL B 326 13.08 -11.70 23.45
C VAL B 326 13.77 -11.55 22.08
N CYS B 327 15.06 -11.88 22.02
CA CYS B 327 15.78 -11.90 20.75
C CYS B 327 15.15 -12.91 19.77
N THR B 328 15.13 -12.54 18.50
CA THR B 328 14.58 -13.39 17.44
C THR B 328 15.70 -13.99 16.59
N LEU B 329 15.66 -15.31 16.44
CA LEU B 329 16.56 -16.00 15.50
C LEU B 329 16.13 -15.64 14.07
N ALA B 330 16.98 -14.88 13.38
CA ALA B 330 16.70 -14.38 12.03
C ALA B 330 17.91 -13.64 11.45
N VAL B 331 18.00 -13.61 10.12
CA VAL B 331 19.05 -12.83 9.46
C VAL B 331 18.58 -11.38 9.31
N SER B 332 19.47 -10.53 8.81
CA SER B 332 19.29 -9.10 8.70
C SER B 332 19.70 -8.40 9.98
N LEU B 333 19.53 -7.07 10.01
CA LEU B 333 19.99 -6.28 11.17
C LEU B 333 19.43 -4.87 11.12
N GLY B 334 19.66 -4.11 12.18
CA GLY B 334 19.25 -2.71 12.22
C GLY B 334 17.76 -2.48 12.28
N CYS B 335 17.02 -3.50 12.72
CA CYS B 335 15.58 -3.40 12.96
CA CYS B 335 15.59 -3.37 12.95
C CYS B 335 15.33 -2.83 14.36
N VAL B 336 14.09 -2.42 14.65
CA VAL B 336 13.78 -1.87 15.98
C VAL B 336 13.89 -2.88 17.13
N ASP B 337 13.73 -4.16 16.83
CA ASP B 337 13.84 -5.20 17.85
C ASP B 337 15.14 -6.01 17.67
N THR B 338 15.47 -6.87 18.63
CA THR B 338 16.77 -7.57 18.61
C THR B 338 16.79 -8.87 17.78
N LEU B 339 17.74 -8.92 16.83
CA LEU B 339 17.94 -10.09 15.97
C LEU B 339 19.24 -10.80 16.34
N ILE B 340 19.24 -12.11 16.17
CA ILE B 340 20.41 -12.91 16.44
C ILE B 340 20.58 -13.98 15.36
N GLU B 341 21.81 -14.34 15.08
CA GLU B 341 22.18 -15.00 13.84
C GLU B 341 23.49 -15.77 14.02
N HIS B 342 23.71 -16.79 13.19
CA HIS B 342 24.93 -17.64 13.22
C HIS B 342 25.57 -17.62 11.84
N PRO B 343 26.58 -16.74 11.64
CA PRO B 343 27.14 -16.41 10.32
C PRO B 343 27.70 -17.60 9.53
N ALA B 344 28.39 -18.49 10.23
CA ALA B 344 29.02 -19.66 9.58
C ALA B 344 28.04 -20.53 8.78
N SER B 345 26.80 -20.65 9.25
CA SER B 345 25.82 -21.51 8.58
C SER B 345 24.64 -20.73 7.95
N MET B 346 24.71 -19.41 7.98
CA MET B 346 23.64 -18.56 7.48
C MET B 346 24.13 -17.45 6.52
N THR B 347 24.22 -16.19 6.97
CA THR B 347 24.64 -15.05 6.11
C THR B 347 25.93 -15.30 5.29
N HIS B 348 26.85 -16.08 5.84
CA HIS B 348 28.15 -16.34 5.20
C HIS B 348 28.40 -17.82 4.87
N ALA B 349 27.31 -18.59 4.74
CA ALA B 349 27.40 -20.03 4.46
C ALA B 349 27.95 -20.32 3.07
N ALA B 350 27.59 -19.47 2.12
CA ALA B 350 27.99 -19.59 0.70
C ALA B 350 29.44 -19.15 0.43
N VAL B 351 30.02 -18.38 1.35
CA VAL B 351 31.39 -17.91 1.24
C VAL B 351 32.36 -19.11 1.14
N PRO B 352 33.21 -19.14 0.09
CA PRO B 352 34.20 -20.20 -0.12
C PRO B 352 35.14 -20.37 1.08
N GLU B 353 35.30 -21.62 1.54
CA GLU B 353 36.13 -21.94 2.71
C GLU B 353 37.43 -21.13 2.77
N ASN B 354 38.11 -21.01 1.62
CA ASN B 354 39.39 -20.30 1.52
C ASN B 354 39.32 -18.85 2.02
N ILE B 355 38.37 -18.09 1.49
CA ILE B 355 38.21 -16.68 1.87
C ILE B 355 37.48 -16.53 3.23
N MET B 356 36.77 -17.58 3.62
CA MET B 356 36.12 -17.71 4.95
C MET B 356 37.15 -17.88 6.07
N ARG B 357 38.14 -18.74 5.82
CA ARG B 357 39.25 -18.93 6.72
C ARG B 357 39.83 -17.56 7.09
N LYS B 358 40.26 -16.79 6.09
CA LYS B 358 40.97 -15.54 6.35
C LYS B 358 40.13 -14.32 6.78
N GLN B 359 38.80 -14.42 6.69
CA GLN B 359 37.95 -13.42 7.36
C GLN B 359 37.67 -13.79 8.84
N GLY B 360 38.22 -14.93 9.27
CA GLY B 360 38.12 -15.39 10.66
C GLY B 360 36.72 -15.69 11.18
N ILE B 361 35.92 -16.36 10.35
CA ILE B 361 34.56 -16.73 10.74
C ILE B 361 34.52 -18.22 11.04
N THR B 362 34.05 -18.56 12.23
CA THR B 362 34.09 -19.93 12.72
C THR B 362 32.72 -20.35 13.23
N PRO B 363 32.49 -21.67 13.43
CA PRO B 363 31.20 -22.11 13.99
C PRO B 363 30.89 -21.64 15.43
N GLU B 364 31.87 -21.06 16.13
CA GLU B 364 31.66 -20.56 17.50
C GLU B 364 31.20 -19.09 17.57
N LEU B 365 31.15 -18.40 16.43
CA LEU B 365 30.76 -16.98 16.37
C LEU B 365 29.26 -16.80 16.24
N VAL B 366 28.73 -15.83 17.00
CA VAL B 366 27.30 -15.44 16.99
C VAL B 366 27.15 -13.92 16.77
N ARG B 367 26.30 -13.52 15.83
CA ARG B 367 26.14 -12.10 15.55
C ARG B 367 24.84 -11.64 16.17
N ILE B 368 24.89 -10.52 16.91
CA ILE B 368 23.69 -9.91 17.50
C ILE B 368 23.46 -8.51 16.95
N SER B 369 22.18 -8.18 16.71
CA SER B 369 21.78 -6.83 16.30
C SER B 369 20.86 -6.22 17.37
N VAL B 370 21.42 -5.37 18.24
CA VAL B 370 20.66 -4.83 19.39
C VAL B 370 19.61 -3.79 18.97
N GLY B 371 18.35 -4.02 19.36
CA GLY B 371 17.26 -3.10 19.05
C GLY B 371 17.12 -1.94 20.01
N ILE B 372 15.96 -1.29 19.97
CA ILE B 372 15.70 -0.11 20.81
C ILE B 372 14.76 -0.44 21.99
N GLU B 373 14.64 -1.73 22.30
CA GLU B 373 14.03 -2.17 23.56
C GLU B 373 14.78 -1.53 24.72
N ASN B 374 14.15 -1.49 25.89
CA ASN B 374 14.85 -1.21 27.15
C ASN B 374 16.01 -2.22 27.26
N VAL B 375 17.24 -1.72 27.42
CA VAL B 375 18.43 -2.59 27.47
C VAL B 375 18.33 -3.66 28.56
N ASP B 376 17.76 -3.29 29.69
CA ASP B 376 17.65 -4.17 30.85
C ASP B 376 16.95 -5.48 30.48
N ASP B 377 15.91 -5.37 29.64
CA ASP B 377 15.17 -6.53 29.16
C ASP B 377 15.99 -7.42 28.23
N ILE B 378 16.87 -6.79 27.45
CA ILE B 378 17.75 -7.50 26.51
C ILE B 378 18.84 -8.25 27.27
N ILE B 379 19.41 -7.58 28.27
CA ILE B 379 20.40 -8.19 29.14
C ILE B 379 19.82 -9.40 29.89
N ALA B 380 18.63 -9.23 30.49
CA ALA B 380 17.95 -10.32 31.19
C ALA B 380 17.67 -11.55 30.30
N ASP B 381 17.18 -11.30 29.09
CA ASP B 381 17.01 -12.39 28.09
C ASP B 381 18.31 -13.19 27.84
N LEU B 382 19.40 -12.46 27.56
CA LEU B 382 20.73 -13.06 27.41
C LEU B 382 21.20 -13.77 28.68
N LYS B 383 21.03 -13.11 29.83
CA LYS B 383 21.49 -13.63 31.12
C LYS B 383 20.82 -14.96 31.48
N GLN B 384 19.50 -15.01 31.33
CA GLN B 384 18.70 -16.20 31.60
C GLN B 384 19.15 -17.42 30.78
N ALA B 385 19.51 -17.16 29.52
CA ALA B 385 19.89 -18.21 28.57
C ALA B 385 21.32 -18.71 28.78
N LEU B 386 22.16 -17.87 29.38
CA LEU B 386 23.54 -18.23 29.70
C LEU B 386 23.65 -18.97 31.04
N GLU B 387 22.56 -19.63 31.43
CA GLU B 387 22.54 -20.43 32.66
C GLU B 387 21.97 -21.84 32.47
N LEU B 388 21.41 -22.11 31.29
CA LEU B 388 20.90 -23.44 30.96
C LEU B 388 22.03 -24.40 30.58
N ALA C 3 -9.85 -29.71 -20.89
CA ALA C 3 -8.77 -28.82 -20.32
C ALA C 3 -9.29 -27.48 -19.75
N GLN C 4 -8.89 -27.17 -18.53
CA GLN C 4 -9.35 -25.95 -17.86
C GLN C 4 -8.86 -24.66 -18.53
N ASP C 5 -9.79 -23.71 -18.73
CA ASP C 5 -9.44 -22.42 -19.35
C ASP C 5 -8.41 -21.59 -18.58
N ILE C 6 -7.60 -20.84 -19.33
CA ILE C 6 -6.60 -19.93 -18.72
C ILE C 6 -7.26 -18.92 -17.73
N THR C 7 -8.46 -18.45 -18.07
CA THR C 7 -9.18 -17.57 -17.19
C THR C 7 -9.35 -18.21 -15.80
N THR C 8 -9.80 -19.48 -15.78
CA THR C 8 -10.00 -20.18 -14.53
C THR C 8 -8.67 -20.41 -13.80
N THR C 9 -7.64 -20.83 -14.52
CA THR C 9 -6.30 -21.06 -13.91
C THR C 9 -5.75 -19.83 -13.20
N LEU C 10 -5.89 -18.67 -13.83
CA LEU C 10 -5.35 -17.44 -13.24
C LEU C 10 -6.11 -17.05 -11.96
N LEU C 11 -7.41 -17.36 -11.94
CA LEU C 11 -8.27 -17.03 -10.80
C LEU C 11 -8.14 -18.04 -9.68
N HIS C 12 -7.52 -19.20 -9.95
CA HIS C 12 -7.37 -20.31 -8.97
C HIS C 12 -5.96 -20.86 -8.90
N PRO C 13 -5.01 -20.03 -8.46
CA PRO C 13 -3.63 -20.51 -8.53
C PRO C 13 -3.36 -21.54 -7.42
N LYS C 14 -2.49 -22.50 -7.71
CA LYS C 14 -2.10 -23.49 -6.71
C LYS C 14 -1.43 -22.81 -5.49
N GLY C 15 -1.42 -23.46 -4.36
CA GLY C 15 -0.78 -22.91 -3.16
C GLY C 15 -1.72 -23.00 -1.98
N ASP C 16 -1.18 -23.01 -0.77
CA ASP C 16 -2.04 -22.96 0.42
C ASP C 16 -2.53 -21.55 0.70
N HIS C 17 -3.75 -21.45 1.19
CA HIS C 17 -4.22 -20.19 1.74
C HIS C 17 -3.38 -19.82 3.00
N VAL C 18 -3.30 -18.54 3.33
CA VAL C 18 -2.59 -18.08 4.51
C VAL C 18 -3.62 -17.54 5.52
N LEU C 19 -3.71 -18.20 6.69
CA LEU C 19 -4.76 -17.93 7.70
C LEU C 19 -6.15 -17.84 7.08
N HIS C 20 -6.42 -18.70 6.08
CA HIS C 20 -7.71 -18.75 5.41
C HIS C 20 -8.07 -17.48 4.62
N SER C 21 -7.10 -16.60 4.37
CA SER C 21 -7.38 -15.39 3.64
C SER C 21 -7.77 -15.70 2.20
N HIS C 22 -8.85 -15.08 1.74
CA HIS C 22 -9.22 -15.29 0.37
C HIS C 22 -8.21 -14.61 -0.58
N ALA C 23 -7.90 -13.33 -0.38
CA ALA C 23 -6.82 -12.67 -1.17
C ALA C 23 -5.50 -13.07 -0.50
N TYR C 24 -4.49 -13.35 -1.32
CA TYR C 24 -3.15 -13.66 -0.79
C TYR C 24 -2.56 -12.41 -0.08
N PRO C 25 -2.08 -12.55 1.18
CA PRO C 25 -1.62 -11.38 1.92
C PRO C 25 -0.38 -10.75 1.35
N ILE C 26 -0.14 -9.51 1.75
CA ILE C 26 1.04 -8.76 1.30
C ILE C 26 2.10 -8.94 2.38
N PHE C 27 3.17 -9.66 2.04
CA PHE C 27 4.25 -9.87 3.03
C PHE C 27 5.24 -8.72 2.96
N GLN C 28 4.81 -7.57 3.48
CA GLN C 28 5.67 -6.41 3.60
C GLN C 28 6.68 -6.68 4.75
N THR C 29 7.68 -7.51 4.45
CA THR C 29 8.71 -7.87 5.42
C THR C 29 10.06 -7.97 4.73
N SER C 30 11.13 -7.80 5.51
CA SER C 30 12.44 -7.99 4.96
C SER C 30 12.85 -9.42 5.31
N THR C 31 12.78 -9.74 6.60
CA THR C 31 13.28 -11.03 7.11
C THR C 31 12.19 -11.98 7.67
N PHE C 32 12.62 -13.22 7.94
CA PHE C 32 11.77 -14.27 8.47
C PHE C 32 12.45 -14.93 9.67
N CYS C 33 11.64 -15.36 10.64
CA CYS C 33 12.16 -15.98 11.86
CA CYS C 33 12.18 -15.99 11.84
C CYS C 33 12.47 -17.48 11.64
N PHE C 34 13.45 -18.00 12.37
CA PHE C 34 13.78 -19.40 12.30
C PHE C 34 13.30 -20.08 13.57
N ASP C 35 12.84 -21.33 13.44
CA ASP C 35 12.49 -22.16 14.58
C ASP C 35 13.72 -22.60 15.41
N SER C 36 14.83 -22.90 14.72
CA SER C 36 16.08 -23.42 15.33
C SER C 36 17.30 -23.07 14.48
N THR C 37 18.50 -23.30 15.03
CA THR C 37 19.74 -23.11 14.26
C THR C 37 19.74 -24.04 13.04
N GLN C 38 19.41 -25.32 13.25
CA GLN C 38 19.34 -26.33 12.19
C GLN C 38 18.35 -25.96 11.07
N GLN C 39 17.14 -25.59 11.45
CA GLN C 39 16.10 -25.28 10.46
C GLN C 39 16.55 -24.12 9.57
N GLY C 40 17.06 -23.05 10.17
CA GLY C 40 17.68 -21.92 9.45
C GLY C 40 18.87 -22.31 8.57
N ALA C 41 19.84 -23.02 9.16
CA ALA C 41 20.98 -23.57 8.41
C ALA C 41 20.52 -24.41 7.20
N ASP C 42 19.53 -25.26 7.42
CA ASP C 42 18.98 -26.12 6.36
C ASP C 42 18.40 -25.33 5.18
N LEU C 43 17.68 -24.23 5.46
CA LEU C 43 17.03 -23.43 4.43
C LEU C 43 18.06 -22.76 3.52
N PHE C 44 19.21 -22.40 4.11
CA PHE C 44 20.34 -21.90 3.33
C PHE C 44 21.01 -22.96 2.42
N MET C 45 20.66 -24.24 2.60
CA MET C 45 21.33 -25.36 1.90
C MET C 45 20.84 -25.91 0.52
N GLY C 46 19.57 -25.84 0.12
CA GLY C 46 18.41 -25.40 0.88
C GLY C 46 17.39 -26.55 0.91
N LYS C 47 17.02 -26.94 2.12
CA LYS C 47 16.00 -27.96 2.37
C LYS C 47 15.26 -27.60 3.67
N GLY C 48 13.96 -27.89 3.77
CA GLY C 48 13.10 -28.18 2.66
C GLY C 48 12.38 -26.89 2.35
N GLU C 49 11.31 -26.63 3.10
CA GLU C 49 10.33 -25.61 2.70
C GLU C 49 10.26 -24.44 3.66
N GLY C 50 10.22 -23.23 3.13
CA GLY C 50 10.19 -22.03 3.94
C GLY C 50 10.96 -20.84 3.40
N HIS C 51 11.10 -19.81 4.22
CA HIS C 51 11.60 -18.51 3.79
C HIS C 51 12.71 -17.96 4.69
N ILE C 52 13.57 -17.12 4.10
CA ILE C 52 14.74 -16.58 4.77
C ILE C 52 14.72 -15.05 4.83
N TYR C 53 14.55 -14.42 3.66
CA TYR C 53 14.80 -12.98 3.47
C TYR C 53 14.26 -12.66 2.10
N SER C 54 13.57 -11.52 1.99
CA SER C 54 12.73 -11.27 0.79
C SER C 54 13.54 -11.16 -0.51
N ARG C 55 14.82 -10.79 -0.41
CA ARG C 55 15.71 -10.83 -1.59
C ARG C 55 15.83 -12.24 -2.19
N LEU C 56 15.81 -13.27 -1.31
CA LEU C 56 15.90 -14.66 -1.76
C LEU C 56 14.51 -15.22 -2.13
N GLY C 57 13.47 -14.79 -1.40
CA GLY C 57 12.12 -15.17 -1.74
C GLY C 57 11.08 -14.58 -0.82
N ASN C 58 10.03 -14.03 -1.42
CA ASN C 58 8.94 -13.46 -0.66
C ASN C 58 7.64 -14.17 -1.07
N PRO C 59 6.79 -14.59 -0.09
CA PRO C 59 5.53 -15.32 -0.44
C PRO C 59 4.62 -14.58 -1.44
N THR C 60 4.48 -13.27 -1.28
CA THR C 60 3.56 -12.53 -2.16
C THR C 60 4.15 -12.55 -3.59
N VAL C 61 5.47 -12.38 -3.69
CA VAL C 61 6.12 -12.31 -4.98
C VAL C 61 6.08 -13.71 -5.63
N GLU C 62 6.35 -14.75 -4.83
CA GLU C 62 6.28 -16.13 -5.32
C GLU C 62 4.89 -16.53 -5.86
N GLN C 63 3.82 -16.08 -5.21
CA GLN C 63 2.48 -16.25 -5.77
C GLN C 63 2.36 -15.66 -7.19
N PHE C 64 2.91 -14.45 -7.41
CA PHE C 64 2.80 -13.82 -8.73
C PHE C 64 3.61 -14.65 -9.73
N GLU C 65 4.79 -15.10 -9.31
CA GLU C 65 5.66 -15.95 -10.15
C GLU C 65 4.95 -17.24 -10.63
N GLU C 66 4.24 -17.93 -9.75
CA GLU C 66 3.49 -19.13 -10.09
CA GLU C 66 3.52 -19.14 -10.14
C GLU C 66 2.37 -18.87 -11.11
N MET C 67 1.67 -17.76 -10.96
CA MET C 67 0.67 -17.39 -11.96
C MET C 67 1.29 -17.27 -13.38
N VAL C 68 2.41 -16.55 -13.50
CA VAL C 68 3.10 -16.40 -14.79
C VAL C 68 3.59 -17.78 -15.32
N CYS C 69 4.21 -18.54 -14.43
CA CYS C 69 4.74 -19.84 -14.75
C CYS C 69 3.65 -20.75 -15.31
N SER C 70 2.46 -20.72 -14.71
CA SER C 70 1.33 -21.51 -15.21
C SER C 70 0.85 -21.05 -16.59
N ILE C 71 0.94 -19.78 -16.94
CA ILE C 71 0.46 -19.46 -18.28
C ILE C 71 1.53 -19.67 -19.37
N GLU C 72 2.80 -19.49 -19.00
CA GLU C 72 3.94 -19.65 -19.93
C GLU C 72 4.23 -21.14 -20.20
N GLY C 73 3.80 -22.03 -19.29
CA GLY C 73 4.18 -23.47 -19.33
C GLY C 73 5.66 -23.71 -19.02
N ALA C 74 6.19 -22.94 -18.08
CA ALA C 74 7.62 -22.95 -17.74
C ALA C 74 7.96 -23.93 -16.61
N ALA C 75 9.25 -24.15 -16.36
CA ALA C 75 9.70 -24.89 -15.19
C ALA C 75 9.69 -23.96 -13.96
N GLY C 76 9.83 -22.64 -14.17
CA GLY C 76 9.72 -21.63 -13.07
C GLY C 76 9.81 -20.20 -13.62
N SER C 77 9.32 -19.24 -12.85
CA SER C 77 9.42 -17.84 -13.21
C SER C 77 10.10 -17.03 -12.12
N ALA C 78 10.70 -15.91 -12.48
CA ALA C 78 11.29 -15.01 -11.52
C ALA C 78 10.77 -13.60 -11.79
N ALA C 79 10.30 -12.91 -10.74
CA ALA C 79 9.80 -11.55 -10.85
C ALA C 79 10.94 -10.54 -10.58
N PHE C 80 10.85 -9.34 -11.16
CA PHE C 80 11.91 -8.31 -11.02
C PHE C 80 11.27 -6.94 -10.83
N GLY C 81 12.10 -5.96 -10.43
CA GLY C 81 11.68 -4.56 -10.23
C GLY C 81 11.32 -3.84 -11.53
N SER C 82 11.69 -4.42 -12.68
CA SER C 82 11.37 -3.81 -13.98
C SER C 82 11.60 -4.82 -15.09
N GLY C 83 10.94 -4.60 -16.23
CA GLY C 83 11.27 -5.29 -17.47
C GLY C 83 12.77 -5.31 -17.73
N MET C 84 13.43 -4.15 -17.62
CA MET C 84 14.90 -4.09 -17.86
C MET C 84 15.64 -5.02 -16.87
N GLY C 85 15.06 -5.18 -15.68
CA GLY C 85 15.64 -6.06 -14.67
C GLY C 85 15.53 -7.50 -15.16
N ALA C 86 14.39 -7.86 -15.76
CA ALA C 86 14.22 -9.22 -16.28
C ALA C 86 15.16 -9.45 -17.46
N ILE C 87 15.32 -8.44 -18.31
CA ILE C 87 16.18 -8.56 -19.48
C ILE C 87 17.65 -8.70 -19.13
N SER C 88 18.16 -7.81 -18.27
CA SER C 88 19.53 -7.94 -17.73
C SER C 88 19.81 -9.31 -17.14
N SER C 89 18.91 -9.77 -16.29
CA SER C 89 19.12 -11.07 -15.62
C SER C 89 18.91 -12.29 -16.54
N SER C 90 18.22 -12.14 -17.67
CA SER C 90 17.99 -13.28 -18.59
C SER C 90 19.13 -13.36 -19.62
N THR C 91 20.00 -12.36 -19.65
CA THR C 91 21.10 -12.34 -20.59
C THR C 91 22.40 -12.49 -19.83
N LEU C 92 22.67 -11.56 -18.93
CA LEU C 92 23.94 -11.56 -18.20
C LEU C 92 24.06 -12.66 -17.14
N ALA C 93 22.97 -13.35 -16.83
CA ALA C 93 23.11 -14.54 -16.01
C ALA C 93 23.82 -15.67 -16.76
N PHE C 94 23.82 -15.62 -18.09
CA PHE C 94 24.46 -16.69 -18.89
C PHE C 94 25.65 -16.24 -19.75
N LEU C 95 25.64 -15.00 -20.24
CA LEU C 95 26.70 -14.57 -21.15
C LEU C 95 27.88 -14.10 -20.35
N GLN C 96 29.08 -14.49 -20.77
CA GLN C 96 30.28 -14.01 -20.13
C GLN C 96 31.28 -13.55 -21.20
N LYS C 97 32.38 -12.95 -20.76
CA LYS C 97 33.43 -12.46 -21.64
C LYS C 97 33.84 -13.55 -22.68
N GLY C 98 33.91 -13.16 -23.95
CA GLY C 98 34.26 -14.11 -25.00
C GLY C 98 33.04 -14.71 -25.71
N ASP C 99 31.84 -14.62 -25.09
CA ASP C 99 30.59 -15.10 -25.71
C ASP C 99 30.05 -14.13 -26.75
N HIS C 100 29.20 -14.64 -27.65
CA HIS C 100 28.58 -13.82 -28.71
C HIS C 100 27.09 -13.90 -28.62
N LEU C 101 26.48 -12.73 -28.65
CA LEU C 101 25.02 -12.61 -28.69
C LEU C 101 24.57 -12.13 -30.05
N ILE C 102 23.57 -12.81 -30.65
CA ILE C 102 22.81 -12.22 -31.77
C ILE C 102 21.51 -11.64 -31.23
N ALA C 103 21.26 -10.35 -31.46
CA ALA C 103 19.94 -9.79 -31.07
C ALA C 103 19.21 -9.13 -32.25
N GLY C 104 17.89 -8.99 -32.17
CA GLY C 104 17.16 -8.23 -33.20
C GLY C 104 17.69 -6.80 -33.38
N ASP C 105 17.64 -6.30 -34.62
CA ASP C 105 18.03 -4.92 -34.89
C ASP C 105 16.93 -3.91 -34.53
N THR C 106 15.74 -4.38 -34.14
CA THR C 106 14.70 -3.43 -33.73
C THR C 106 14.24 -3.85 -32.37
N LEU C 107 14.59 -3.06 -31.38
CA LEU C 107 14.26 -3.43 -30.02
C LEU C 107 13.83 -2.19 -29.30
N TYR C 108 13.11 -2.39 -28.19
CA TYR C 108 12.95 -1.37 -27.17
C TYR C 108 14.25 -0.58 -26.93
N GLY C 109 14.17 0.76 -26.90
CA GLY C 109 15.36 1.61 -26.86
C GLY C 109 16.34 1.28 -25.75
N CYS C 110 15.84 0.98 -24.55
CA CYS C 110 16.74 0.74 -23.39
C CYS C 110 17.41 -0.64 -23.45
N THR C 111 16.78 -1.58 -24.17
CA THR C 111 17.42 -2.85 -24.53
C THR C 111 18.59 -2.60 -25.51
N VAL C 112 18.40 -1.74 -26.50
CA VAL C 112 19.51 -1.38 -27.39
C VAL C 112 20.63 -0.78 -26.51
N SER C 113 20.26 0.07 -25.53
CA SER C 113 21.25 0.70 -24.64
C SER C 113 22.05 -0.35 -23.85
N LEU C 114 21.33 -1.27 -23.19
CA LEU C 114 21.94 -2.41 -22.49
C LEU C 114 22.92 -3.20 -23.38
N PHE C 115 22.47 -3.55 -24.58
CA PHE C 115 23.24 -4.43 -25.49
C PHE C 115 24.43 -3.74 -26.17
N THR C 116 24.30 -2.44 -26.43
CA THR C 116 25.34 -1.75 -27.23
C THR C 116 26.26 -0.95 -26.34
N HIS C 117 25.82 -0.59 -25.14
CA HIS C 117 26.75 0.07 -24.21
C HIS C 117 27.30 -0.85 -23.11
N TRP C 118 26.44 -1.55 -22.36
CA TRP C 118 26.92 -2.33 -21.21
C TRP C 118 27.58 -3.67 -21.56
N LEU C 119 26.95 -4.50 -22.39
CA LEU C 119 27.52 -5.81 -22.67
C LEU C 119 28.95 -5.79 -23.22
N PRO C 120 29.26 -4.90 -24.20
CA PRO C 120 30.62 -4.86 -24.72
C PRO C 120 31.63 -4.48 -23.66
N ARG C 121 31.21 -3.67 -22.69
CA ARG C 121 32.09 -3.31 -21.58
C ARG C 121 32.44 -4.54 -20.75
N PHE C 122 31.59 -5.57 -20.81
CA PHE C 122 31.83 -6.82 -20.08
C PHE C 122 32.45 -7.93 -20.90
N GLY C 123 32.94 -7.62 -22.11
CA GLY C 123 33.68 -8.56 -22.95
C GLY C 123 32.74 -9.38 -23.83
N ILE C 124 31.46 -9.00 -23.88
CA ILE C 124 30.48 -9.77 -24.66
C ILE C 124 30.35 -9.16 -26.04
N GLU C 125 30.40 -9.99 -27.09
CA GLU C 125 30.33 -9.52 -28.47
C GLU C 125 28.87 -9.57 -28.83
N VAL C 126 28.39 -8.52 -29.50
CA VAL C 126 26.99 -8.36 -29.80
C VAL C 126 26.81 -7.93 -31.27
N ASP C 127 25.93 -8.62 -31.99
CA ASP C 127 25.52 -8.10 -33.31
C ASP C 127 24.02 -7.94 -33.34
N LEU C 128 23.56 -6.81 -33.85
CA LEU C 128 22.14 -6.57 -34.03
C LEU C 128 21.78 -6.90 -35.48
N ILE C 129 20.85 -7.81 -35.67
CA ILE C 129 20.66 -8.45 -36.97
C ILE C 129 19.18 -8.40 -37.31
N ASP C 130 18.87 -8.35 -38.60
CA ASP C 130 17.48 -8.51 -39.03
C ASP C 130 16.98 -9.95 -38.80
N THR C 131 16.31 -10.19 -37.68
CA THR C 131 15.85 -11.53 -37.33
C THR C 131 14.54 -11.95 -38.05
N SER C 132 14.00 -11.09 -38.91
CA SER C 132 12.88 -11.48 -39.79
C SER C 132 13.35 -12.44 -40.91
N ASP C 133 14.66 -12.63 -41.03
CA ASP C 133 15.22 -13.48 -42.05
C ASP C 133 16.18 -14.50 -41.41
N VAL C 134 15.77 -15.76 -41.32
CA VAL C 134 16.56 -16.78 -40.65
C VAL C 134 17.97 -16.97 -41.27
N GLU C 135 18.09 -16.71 -42.58
CA GLU C 135 19.39 -16.79 -43.30
C GLU C 135 20.42 -15.73 -42.83
N LYS C 136 19.92 -14.54 -42.51
CA LYS C 136 20.72 -13.49 -41.92
C LYS C 136 21.20 -13.85 -40.51
N VAL C 137 20.33 -14.51 -39.74
CA VAL C 137 20.72 -15.04 -38.45
C VAL C 137 21.82 -16.10 -38.61
N LYS C 138 21.65 -17.02 -39.55
CA LYS C 138 22.67 -18.06 -39.75
C LYS C 138 23.97 -17.43 -40.24
N ALA C 139 23.88 -16.42 -41.10
CA ALA C 139 25.08 -15.77 -41.60
C ALA C 139 25.88 -15.08 -40.50
N ALA C 140 25.18 -14.53 -39.50
CA ALA C 140 25.83 -13.85 -38.36
C ALA C 140 26.36 -14.82 -37.27
N TRP C 141 26.11 -16.11 -37.44
CA TRP C 141 26.46 -17.09 -36.41
C TRP C 141 27.97 -17.34 -36.42
N LYS C 142 28.57 -17.49 -35.23
CA LYS C 142 30.02 -17.75 -35.05
C LYS C 142 30.21 -18.93 -34.12
N PRO C 143 31.46 -19.51 -34.01
CA PRO C 143 31.61 -20.68 -33.12
C PRO C 143 31.29 -20.35 -31.66
N ASN C 144 31.43 -19.08 -31.29
CA ASN C 144 31.16 -18.65 -29.89
C ASN C 144 29.74 -18.05 -29.66
N THR C 145 28.82 -18.15 -30.63
CA THR C 145 27.45 -17.68 -30.40
C THR C 145 26.79 -18.53 -29.30
N LYS C 146 26.34 -17.89 -28.21
CA LYS C 146 25.71 -18.59 -27.06
C LYS C 146 24.21 -18.25 -26.88
N MET C 147 23.78 -17.19 -27.55
CA MET C 147 22.40 -16.69 -27.36
C MET C 147 21.86 -15.91 -28.55
N VAL C 148 20.58 -16.07 -28.80
CA VAL C 148 19.81 -15.19 -29.69
C VAL C 148 18.69 -14.59 -28.86
N TYR C 149 18.57 -13.28 -28.93
CA TYR C 149 17.55 -12.54 -28.19
C TYR C 149 16.59 -11.90 -29.19
N LEU C 150 15.29 -12.19 -29.07
CA LEU C 150 14.32 -11.63 -30.02
C LEU C 150 13.24 -10.87 -29.29
N GLU C 151 12.67 -9.87 -29.96
CA GLU C 151 11.39 -9.26 -29.58
C GLU C 151 10.55 -9.38 -30.83
N SER C 152 9.37 -9.96 -30.74
CA SER C 152 8.53 -10.04 -31.92
C SER C 152 7.06 -10.07 -31.44
N PRO C 153 6.18 -9.21 -32.01
CA PRO C 153 6.45 -8.11 -32.94
C PRO C 153 7.35 -7.06 -32.20
N ALA C 154 8.34 -6.47 -32.88
CA ALA C 154 9.29 -5.55 -32.26
C ALA C 154 8.67 -4.21 -31.84
N ASN C 155 9.21 -3.62 -30.80
CA ASN C 155 8.84 -2.27 -30.38
C ASN C 155 9.79 -1.27 -31.11
N PRO C 156 9.24 -0.35 -31.92
CA PRO C 156 7.80 -0.04 -32.01
C PRO C 156 7.16 -0.41 -33.36
N THR C 157 7.94 -0.99 -34.28
CA THR C 157 7.47 -1.12 -35.68
C THR C 157 6.65 -2.41 -35.93
N CYS C 158 6.55 -3.25 -34.91
CA CYS C 158 5.82 -4.51 -35.03
C CYS C 158 6.47 -5.55 -35.99
N LYS C 159 7.74 -5.32 -36.35
CA LYS C 159 8.47 -6.26 -37.20
C LYS C 159 8.40 -7.67 -36.64
N VAL C 160 7.99 -8.61 -37.49
CA VAL C 160 7.80 -10.00 -37.04
C VAL C 160 9.06 -10.85 -37.31
N SER C 161 9.50 -11.59 -36.30
CA SER C 161 10.55 -12.61 -36.48
C SER C 161 9.97 -14.02 -36.47
N ASP C 162 10.61 -14.91 -37.19
CA ASP C 162 10.24 -16.32 -37.24
C ASP C 162 10.89 -17.02 -36.04
N ILE C 163 10.19 -17.05 -34.91
CA ILE C 163 10.67 -17.59 -33.68
C ILE C 163 10.98 -19.09 -33.78
N LYS C 164 10.03 -19.82 -34.38
CA LYS C 164 10.16 -21.27 -34.57
C LYS C 164 11.36 -21.63 -35.43
N GLY C 165 11.52 -20.99 -36.59
CA GLY C 165 12.68 -21.18 -37.44
C GLY C 165 14.01 -20.87 -36.75
N ILE C 166 14.04 -19.79 -35.98
CA ILE C 166 15.28 -19.39 -35.34
C ILE C 166 15.59 -20.38 -34.19
N ALA C 167 14.55 -20.86 -33.50
CA ALA C 167 14.70 -21.88 -32.43
C ALA C 167 15.38 -23.15 -32.93
N VAL C 168 14.98 -23.62 -34.11
CA VAL C 168 15.58 -24.81 -34.69
C VAL C 168 17.11 -24.63 -34.77
N VAL C 169 17.55 -23.44 -35.24
CA VAL C 169 18.99 -23.17 -35.34
C VAL C 169 19.64 -23.09 -33.93
N CYS C 170 19.03 -22.38 -32.98
CA CYS C 170 19.56 -22.38 -31.61
C CYS C 170 19.72 -23.79 -31.04
N HIS C 171 18.72 -24.63 -31.27
CA HIS C 171 18.71 -25.97 -30.71
C HIS C 171 19.81 -26.82 -31.32
N GLU C 172 20.04 -26.67 -32.61
CA GLU C 172 21.04 -27.47 -33.30
C GLU C 172 22.44 -27.02 -32.96
N ARG C 173 22.61 -25.76 -32.53
CA ARG C 173 23.96 -25.23 -32.42
C ARG C 173 24.35 -24.91 -30.99
N GLY C 174 23.51 -25.26 -30.03
CA GLY C 174 23.80 -25.05 -28.61
C GLY C 174 23.65 -23.59 -28.12
N ALA C 175 22.77 -22.79 -28.72
CA ALA C 175 22.52 -21.45 -28.21
C ALA C 175 21.15 -21.36 -27.47
N ARG C 176 21.06 -20.53 -26.43
CA ARG C 176 19.76 -20.21 -25.82
C ARG C 176 18.99 -19.19 -26.66
N LEU C 177 17.67 -19.38 -26.76
CA LEU C 177 16.79 -18.45 -27.43
C LEU C 177 15.99 -17.78 -26.32
N VAL C 178 16.10 -16.45 -26.28
CA VAL C 178 15.41 -15.63 -25.30
C VAL C 178 14.40 -14.74 -26.05
N VAL C 179 13.12 -14.77 -25.63
CA VAL C 179 12.11 -13.94 -26.32
C VAL C 179 11.42 -12.98 -25.38
N ASP C 180 11.42 -11.70 -25.76
CA ASP C 180 10.69 -10.66 -25.03
C ASP C 180 9.31 -10.57 -25.68
N ALA C 181 8.29 -11.08 -25.00
CA ALA C 181 6.93 -11.13 -25.53
C ALA C 181 6.00 -10.05 -24.95
N THR C 182 6.59 -9.02 -24.37
CA THR C 182 5.84 -7.88 -23.77
C THR C 182 4.66 -7.41 -24.64
N PHE C 183 4.89 -7.21 -25.95
CA PHE C 183 3.91 -6.55 -26.83
C PHE C 183 2.66 -7.38 -27.11
N THR C 184 2.73 -8.67 -26.84
CA THR C 184 1.65 -9.61 -27.19
C THR C 184 0.91 -10.20 -25.99
N SER C 185 1.62 -10.27 -24.87
CA SER C 185 1.16 -10.90 -23.62
C SER C 185 1.22 -12.43 -23.73
N PRO C 186 1.26 -13.12 -22.59
CA PRO C 186 1.34 -14.60 -22.61
C PRO C 186 0.01 -15.25 -22.95
N CYS C 187 -1.05 -14.45 -23.10
CA CYS C 187 -2.29 -14.98 -23.59
C CYS C 187 -2.19 -15.39 -25.03
N PHE C 188 -1.35 -14.71 -25.79
CA PHE C 188 -1.34 -14.82 -27.24
C PHE C 188 -0.04 -15.33 -27.81
N LEU C 189 1.04 -15.19 -27.05
CA LEU C 189 2.36 -15.62 -27.49
C LEU C 189 3.02 -16.37 -26.36
N LYS C 190 3.36 -17.64 -26.61
CA LYS C 190 4.00 -18.47 -25.60
C LYS C 190 5.28 -18.96 -26.21
N PRO C 191 6.38 -18.23 -25.99
CA PRO C 191 7.60 -18.59 -26.72
C PRO C 191 8.15 -19.96 -26.32
N LEU C 192 7.92 -20.41 -25.09
CA LEU C 192 8.35 -21.76 -24.71
C LEU C 192 7.64 -22.85 -25.52
N GLU C 193 6.45 -22.60 -26.03
CA GLU C 193 5.82 -23.57 -26.95
C GLU C 193 6.40 -23.54 -28.36
N LEU C 194 7.12 -22.46 -28.71
CA LEU C 194 7.65 -22.30 -30.04
C LEU C 194 9.11 -22.71 -30.08
N GLY C 195 9.67 -23.13 -28.95
CA GLY C 195 11.08 -23.55 -28.93
C GLY C 195 12.01 -22.61 -28.20
N ALA C 196 11.52 -21.49 -27.64
CA ALA C 196 12.41 -20.60 -26.87
C ALA C 196 12.87 -21.26 -25.55
N ASP C 197 14.03 -20.86 -25.04
CA ASP C 197 14.45 -21.32 -23.73
C ASP C 197 14.02 -20.42 -22.59
N ILE C 198 13.82 -19.13 -22.89
CA ILE C 198 13.39 -18.13 -21.93
C ILE C 198 12.37 -17.20 -22.57
N ALA C 199 11.29 -16.93 -21.82
CA ALA C 199 10.27 -16.01 -22.25
C ALA C 199 10.17 -14.91 -21.17
N LEU C 200 10.18 -13.64 -21.56
CA LEU C 200 10.15 -12.60 -20.54
C LEU C 200 9.18 -11.48 -20.92
N HIS C 201 8.79 -10.68 -19.93
CA HIS C 201 7.90 -9.56 -20.15
C HIS C 201 8.26 -8.40 -19.29
N SER C 202 8.09 -7.20 -19.83
CA SER C 202 7.81 -6.09 -18.93
C SER C 202 6.36 -6.25 -18.42
N VAL C 203 6.22 -6.57 -17.13
CA VAL C 203 4.93 -6.68 -16.48
C VAL C 203 4.23 -5.32 -16.40
N SER C 204 5.01 -4.24 -16.56
CA SER C 204 4.51 -2.88 -16.53
C SER C 204 3.46 -2.63 -17.60
N LYS C 205 3.39 -3.50 -18.60
CA LYS C 205 2.53 -3.25 -19.74
C LYS C 205 1.24 -4.08 -19.51
N TYR C 206 0.92 -5.04 -20.40
CA TYR C 206 -0.37 -5.80 -20.35
C TYR C 206 -0.58 -6.61 -19.09
N ILE C 207 0.45 -7.28 -18.60
CA ILE C 207 0.23 -8.23 -17.51
C ILE C 207 -0.38 -7.55 -16.30
N ASN C 208 0.26 -6.49 -15.82
CA ASN C 208 -0.36 -5.72 -14.77
C ASN C 208 -1.56 -4.96 -15.34
N GLY C 209 -1.35 -4.27 -16.46
CA GLY C 209 -2.46 -3.70 -17.24
C GLY C 209 -3.05 -2.37 -16.78
N HIS C 210 -2.66 -1.89 -15.60
CA HIS C 210 -3.38 -0.77 -14.99
C HIS C 210 -2.48 0.47 -14.83
N GLY C 211 -1.28 0.45 -15.43
CA GLY C 211 -0.46 1.66 -15.48
C GLY C 211 0.06 2.13 -14.14
N ASP C 212 0.14 1.23 -13.16
CA ASP C 212 0.49 1.75 -11.83
C ASP C 212 1.64 0.99 -11.18
N VAL C 213 2.31 0.12 -11.94
CA VAL C 213 3.53 -0.54 -11.47
C VAL C 213 4.55 -0.77 -12.55
N ILE C 214 5.81 -0.73 -12.13
CA ILE C 214 6.94 -1.15 -12.97
C ILE C 214 7.43 -2.50 -12.46
N GLY C 215 7.57 -3.46 -13.39
CA GLY C 215 8.04 -4.77 -12.98
C GLY C 215 8.38 -5.59 -14.19
N GLY C 216 9.07 -6.70 -13.95
CA GLY C 216 9.51 -7.59 -15.02
C GLY C 216 9.32 -9.02 -14.53
N VAL C 217 9.29 -9.96 -15.47
CA VAL C 217 9.20 -11.39 -15.14
C VAL C 217 9.96 -12.15 -16.22
N SER C 218 10.63 -13.22 -15.83
CA SER C 218 11.26 -14.07 -16.79
C SER C 218 10.94 -15.52 -16.46
N SER C 219 10.61 -16.32 -17.48
CA SER C 219 10.27 -17.76 -17.25
C SER C 219 11.19 -18.66 -18.10
N ALA C 220 11.69 -19.75 -17.52
CA ALA C 220 12.61 -20.64 -18.22
C ALA C 220 12.02 -22.02 -18.37
N LYS C 221 12.38 -22.64 -19.48
CA LYS C 221 11.94 -23.99 -19.80
C LYS C 221 12.53 -25.06 -18.83
N THR C 222 13.66 -24.76 -18.21
CA THR C 222 14.40 -25.75 -17.42
C THR C 222 14.59 -25.24 -15.96
N ALA C 223 14.48 -26.14 -14.98
CA ALA C 223 14.74 -25.80 -13.57
C ALA C 223 16.14 -25.20 -13.40
N GLU C 224 17.12 -25.76 -14.08
CA GLU C 224 18.46 -25.24 -13.97
C GLU C 224 18.59 -23.78 -14.39
N ASP C 225 17.93 -23.40 -15.50
CA ASP C 225 18.03 -22.03 -16.02
C ASP C 225 17.31 -21.04 -15.11
N ILE C 226 16.12 -21.40 -14.63
CA ILE C 226 15.45 -20.49 -13.69
C ILE C 226 16.25 -20.32 -12.37
N ALA C 227 16.90 -21.38 -11.90
CA ALA C 227 17.77 -21.28 -10.72
C ALA C 227 18.96 -20.31 -10.96
N THR C 228 19.55 -20.36 -12.14
CA THR C 228 20.69 -19.50 -12.49
C THR C 228 20.22 -18.03 -12.57
N ILE C 229 19.06 -17.83 -13.18
CA ILE C 229 18.46 -16.50 -13.24
C ILE C 229 18.26 -15.93 -11.83
N LYS C 230 17.71 -16.74 -10.92
CA LYS C 230 17.45 -16.31 -9.53
C LYS C 230 18.76 -16.10 -8.74
N PHE C 231 19.80 -16.88 -9.09
CA PHE C 231 21.12 -16.68 -8.51
C PHE C 231 21.65 -15.31 -8.94
N TYR C 232 21.50 -15.00 -10.23
CA TYR C 232 21.91 -13.69 -10.75
C TYR C 232 21.12 -12.55 -10.06
N ARG C 233 19.79 -12.75 -9.95
CA ARG C 233 18.91 -11.76 -9.33
C ARG C 233 19.31 -11.43 -7.90
N LYS C 234 19.70 -12.44 -7.14
CA LYS C 234 20.08 -12.27 -5.74
C LYS C 234 21.31 -11.35 -5.60
N ASP C 235 22.20 -11.38 -6.59
CA ASP C 235 23.38 -10.51 -6.55
C ASP C 235 23.18 -9.21 -7.30
N ALA C 236 22.34 -9.18 -8.33
CA ALA C 236 22.12 -7.94 -9.08
C ALA C 236 21.04 -7.07 -8.42
N GLY C 237 20.17 -7.72 -7.65
CA GLY C 237 19.27 -7.02 -6.76
C GLY C 237 18.06 -6.35 -7.37
N SER C 238 17.62 -6.77 -8.56
CA SER C 238 16.39 -6.20 -9.13
C SER C 238 15.17 -7.00 -8.65
N LEU C 239 14.56 -6.54 -7.56
CA LEU C 239 13.50 -7.28 -6.88
C LEU C 239 12.16 -6.68 -7.18
N MET C 240 11.13 -7.50 -7.27
CA MET C 240 9.76 -6.98 -7.27
C MET C 240 9.35 -6.74 -5.80
N ALA C 241 8.87 -5.55 -5.48
CA ALA C 241 8.39 -5.24 -4.14
C ALA C 241 7.10 -6.03 -3.81
N PRO C 242 6.87 -6.41 -2.52
CA PRO C 242 5.67 -7.17 -2.11
C PRO C 242 4.38 -6.45 -2.54
N MET C 243 4.27 -5.15 -2.31
CA MET C 243 3.09 -4.40 -2.74
C MET C 243 2.92 -4.42 -4.27
N ASP C 244 4.02 -4.28 -5.01
CA ASP C 244 3.96 -4.36 -6.47
C ASP C 244 3.54 -5.76 -6.96
N ALA C 245 3.98 -6.82 -6.27
CA ALA C 245 3.54 -8.18 -6.64
C ALA C 245 2.07 -8.37 -6.36
N PHE C 246 1.57 -7.84 -5.25
CA PHE C 246 0.16 -7.92 -4.93
C PHE C 246 -0.61 -7.24 -6.06
N LEU C 247 -0.15 -6.06 -6.48
CA LEU C 247 -0.86 -5.33 -7.57
C LEU C 247 -0.78 -6.05 -8.93
N CYS C 248 0.37 -6.63 -9.28
CA CYS C 248 0.50 -7.37 -10.56
C CYS C 248 -0.35 -8.64 -10.55
N ALA C 249 -0.34 -9.36 -9.41
CA ALA C 249 -1.21 -10.54 -9.33
C ALA C 249 -2.67 -10.10 -9.49
N ARG C 250 -3.03 -9.01 -8.86
CA ARG C 250 -4.42 -8.54 -8.98
C ARG C 250 -4.74 -8.12 -10.44
N GLY C 251 -3.85 -7.34 -11.07
CA GLY C 251 -4.08 -6.98 -12.49
C GLY C 251 -4.25 -8.22 -13.40
N MET C 252 -3.46 -9.25 -13.13
CA MET C 252 -3.41 -10.43 -14.00
C MET C 252 -4.70 -11.26 -13.89
N LYS C 253 -5.46 -11.10 -12.81
CA LYS C 253 -6.77 -11.78 -12.68
CA LYS C 253 -6.75 -11.80 -12.69
C LYS C 253 -7.71 -11.45 -13.83
N THR C 254 -7.55 -10.28 -14.48
CA THR C 254 -8.41 -9.91 -15.63
C THR C 254 -7.66 -9.91 -16.98
N LEU C 255 -6.45 -10.46 -16.99
CA LEU C 255 -5.61 -10.45 -18.20
C LEU C 255 -6.32 -11.06 -19.43
N PRO C 256 -6.88 -12.31 -19.30
CA PRO C 256 -7.51 -12.88 -20.49
C PRO C 256 -8.66 -12.03 -21.06
N ILE C 257 -9.54 -11.52 -20.21
CA ILE C 257 -10.61 -10.70 -20.77
C ILE C 257 -10.10 -9.33 -21.30
N ARG C 258 -9.15 -8.70 -20.63
CA ARG C 258 -8.57 -7.46 -21.15
C ARG C 258 -7.94 -7.67 -22.55
N MET C 259 -7.17 -8.74 -22.67
CA MET C 259 -6.47 -9.04 -23.92
C MET C 259 -7.41 -9.28 -25.03
N GLN C 260 -8.52 -9.95 -24.75
CA GLN C 260 -9.53 -10.15 -25.79
C GLN C 260 -10.05 -8.78 -26.30
N ILE C 261 -10.35 -7.87 -25.38
CA ILE C 261 -10.86 -6.54 -25.80
C ILE C 261 -9.75 -5.73 -26.49
N HIS C 262 -8.52 -5.75 -25.94
CA HIS C 262 -7.42 -5.05 -26.60
C HIS C 262 -7.25 -5.55 -28.05
N MET C 263 -7.25 -6.87 -28.20
CA MET C 263 -6.96 -7.43 -29.51
C MET C 263 -8.02 -6.93 -30.51
N GLU C 264 -9.28 -7.03 -30.14
CA GLU C 264 -10.34 -6.63 -31.08
C GLU C 264 -10.40 -5.12 -31.32
N ASN C 265 -10.25 -4.32 -30.27
CA ASN C 265 -10.19 -2.86 -30.41
C ASN C 265 -9.02 -2.50 -31.33
N GLY C 266 -7.83 -3.06 -31.04
CA GLY C 266 -6.67 -2.66 -31.82
C GLY C 266 -6.80 -2.94 -33.31
N LEU C 267 -7.40 -4.07 -33.64
CA LEU C 267 -7.56 -4.45 -35.03
C LEU C 267 -8.53 -3.50 -35.71
N LYS C 268 -9.58 -3.11 -35.00
CA LYS C 268 -10.60 -2.25 -35.57
C LYS C 268 -10.05 -0.83 -35.78
N VAL C 269 -9.19 -0.39 -34.85
CA VAL C 269 -8.59 0.93 -34.96
C VAL C 269 -7.58 0.93 -36.12
N ALA C 270 -6.83 -0.17 -36.26
CA ALA C 270 -5.88 -0.28 -37.36
C ALA C 270 -6.59 -0.29 -38.72
N LYS C 271 -7.73 -0.97 -38.83
CA LYS C 271 -8.45 -0.94 -40.09
C LYS C 271 -9.02 0.46 -40.39
N PHE C 272 -9.59 1.11 -39.39
CA PHE C 272 -10.04 2.49 -39.56
C PHE C 272 -8.91 3.38 -40.10
N LEU C 273 -7.74 3.31 -39.44
CA LEU C 273 -6.57 4.12 -39.82
C LEU C 273 -6.12 3.79 -41.22
N GLU C 274 -6.11 2.50 -41.56
CA GLU C 274 -5.64 2.04 -42.86
C GLU C 274 -6.46 2.58 -44.03
N GLN C 275 -7.75 2.80 -43.82
CA GLN C 275 -8.58 3.32 -44.89
C GLN C 275 -8.66 4.84 -44.81
N HIS C 276 -8.00 5.47 -43.85
CA HIS C 276 -8.14 6.92 -43.74
C HIS C 276 -7.15 7.67 -44.68
N GLU C 277 -7.65 8.69 -45.38
CA GLU C 277 -6.86 9.51 -46.34
C GLU C 277 -5.57 10.13 -45.76
N LYS C 278 -5.61 10.51 -44.48
CA LYS C 278 -4.44 11.13 -43.82
C LYS C 278 -3.33 10.09 -43.54
N ILE C 279 -3.67 8.80 -43.57
CA ILE C 279 -2.76 7.78 -43.08
C ILE C 279 -2.04 7.15 -44.26
N VAL C 280 -0.71 7.09 -44.20
CA VAL C 280 0.08 6.59 -45.32
C VAL C 280 0.17 5.06 -45.27
N LYS C 281 0.42 4.54 -44.07
CA LYS C 281 0.70 3.11 -43.86
C LYS C 281 0.31 2.78 -42.41
N VAL C 282 -0.07 1.52 -42.14
CA VAL C 282 -0.33 1.06 -40.77
C VAL C 282 0.46 -0.24 -40.57
N ASN C 283 1.28 -0.30 -39.53
CA ASN C 283 2.06 -1.50 -39.18
C ASN C 283 1.37 -2.21 -38.00
N HIS C 284 0.42 -3.10 -38.30
CA HIS C 284 -0.22 -3.93 -37.30
C HIS C 284 -0.09 -5.37 -37.86
N PRO C 285 0.50 -6.31 -37.09
CA PRO C 285 0.80 -7.65 -37.62
C PRO C 285 -0.48 -8.48 -37.93
N GLY C 286 -1.64 -8.01 -37.46
CA GLY C 286 -2.93 -8.62 -37.81
C GLY C 286 -3.52 -8.17 -39.15
N LEU C 287 -2.90 -7.16 -39.79
CA LEU C 287 -3.39 -6.73 -41.12
C LEU C 287 -2.80 -7.61 -42.21
N GLU C 288 -3.58 -8.01 -43.18
CA GLU C 288 -3.05 -8.82 -44.27
C GLU C 288 -2.01 -8.06 -45.08
N SER C 289 -2.06 -6.74 -45.05
CA SER C 289 -1.09 -5.95 -45.80
C SER C 289 0.30 -5.99 -45.16
N PHE C 290 0.40 -6.44 -43.90
CA PHE C 290 1.68 -6.33 -43.16
C PHE C 290 2.69 -7.45 -43.51
N PRO C 291 3.94 -7.11 -43.85
CA PRO C 291 4.90 -8.18 -44.13
C PRO C 291 5.12 -9.04 -42.86
N GLY C 292 5.06 -10.35 -42.98
CA GLY C 292 5.16 -11.16 -41.77
C GLY C 292 3.82 -11.42 -41.06
N HIS C 293 2.73 -10.91 -41.61
CA HIS C 293 1.39 -11.33 -41.15
C HIS C 293 1.21 -12.84 -41.16
N ASP C 294 1.70 -13.51 -42.20
CA ASP C 294 1.58 -14.98 -42.30
C ASP C 294 2.28 -15.71 -41.16
N ILE C 295 3.51 -15.28 -40.82
CA ILE C 295 4.21 -15.80 -39.64
C ILE C 295 3.51 -15.49 -38.32
N ALA C 296 3.08 -14.23 -38.09
CA ALA C 296 2.39 -13.87 -36.83
C ALA C 296 1.14 -14.73 -36.60
N LYS C 297 0.34 -14.89 -37.65
CA LYS C 297 -0.87 -15.71 -37.63
C LYS C 297 -0.63 -17.15 -37.22
N LYS C 298 0.48 -17.73 -37.64
CA LYS C 298 0.77 -19.13 -37.38
C LYS C 298 1.35 -19.32 -35.99
N GLN C 299 2.10 -18.33 -35.50
CA GLN C 299 2.90 -18.54 -34.27
C GLN C 299 2.29 -17.91 -33.03
N MET C 300 1.26 -17.10 -33.23
CA MET C 300 0.52 -16.45 -32.12
C MET C 300 -0.95 -16.82 -32.19
N THR C 301 -1.66 -16.68 -31.07
CA THR C 301 -3.06 -17.02 -31.07
C THR C 301 -3.88 -15.76 -30.94
N GLY C 302 -3.26 -14.58 -31.14
CA GLY C 302 -3.93 -13.29 -31.14
C GLY C 302 -2.90 -12.17 -31.28
N TYR C 303 -3.32 -10.93 -31.02
CA TYR C 303 -2.43 -9.77 -31.21
C TYR C 303 -2.60 -8.85 -30.05
N GLY C 304 -1.49 -8.29 -29.54
CA GLY C 304 -1.59 -7.12 -28.66
C GLY C 304 -2.19 -5.93 -29.43
N SER C 305 -2.29 -4.77 -28.78
CA SER C 305 -2.99 -3.63 -29.40
C SER C 305 -2.14 -2.37 -29.53
N THR C 306 -0.81 -2.54 -29.50
CA THR C 306 0.13 -1.49 -29.66
C THR C 306 0.77 -1.62 -31.04
N PHE C 307 0.66 -0.56 -31.84
CA PHE C 307 1.17 -0.63 -33.21
C PHE C 307 1.50 0.78 -33.71
N LEU C 308 2.01 0.88 -34.91
CA LEU C 308 2.54 2.13 -35.35
C LEU C 308 1.89 2.47 -36.69
N PHE C 309 1.75 3.77 -36.97
CA PHE C 309 1.27 4.19 -38.29
C PHE C 309 2.02 5.41 -38.77
N GLU C 310 1.96 5.64 -40.08
CA GLU C 310 2.69 6.71 -40.75
C GLU C 310 1.73 7.84 -41.23
N MET C 311 1.99 9.06 -40.76
CA MET C 311 1.32 10.27 -41.24
C MET C 311 2.08 10.85 -42.44
N LYS C 312 1.55 11.92 -43.04
CA LYS C 312 2.21 12.49 -44.21
C LYS C 312 3.36 13.40 -43.84
N SER C 313 3.44 13.80 -42.57
CA SER C 313 4.49 14.72 -42.15
C SER C 313 4.61 14.74 -40.65
N PHE C 314 5.74 15.22 -40.15
CA PHE C 314 5.95 15.42 -38.73
C PHE C 314 4.87 16.38 -38.18
N GLU C 315 4.60 17.46 -38.92
CA GLU C 315 3.62 18.44 -38.50
C GLU C 315 2.22 17.85 -38.37
N ALA C 316 1.86 16.94 -39.27
CA ALA C 316 0.56 16.24 -39.21
C ALA C 316 0.51 15.29 -38.03
N ALA C 317 1.61 14.62 -37.73
CA ALA C 317 1.67 13.70 -36.59
C ALA C 317 1.46 14.49 -35.29
N LYS C 318 2.14 15.63 -35.17
CA LYS C 318 2.08 16.47 -33.99
C LYS C 318 0.67 17.02 -33.81
N LYS C 319 0.01 17.41 -34.90
CA LYS C 319 -1.33 17.97 -34.79
C LYS C 319 -2.33 16.89 -34.34
N LEU C 320 -2.16 15.67 -34.86
CA LEU C 320 -2.94 14.55 -34.42
C LEU C 320 -2.74 14.32 -32.90
N MET C 321 -1.47 14.17 -32.47
CA MET C 321 -1.13 13.75 -31.11
C MET C 321 -1.62 14.73 -30.06
N GLU C 322 -1.63 16.01 -30.42
CA GLU C 322 -1.98 17.07 -29.51
C GLU C 322 -3.45 17.45 -29.46
N HIS C 323 -4.30 16.80 -30.24
CA HIS C 323 -5.70 17.22 -30.24
C HIS C 323 -6.65 16.07 -29.95
N LEU C 324 -6.17 15.09 -29.19
CA LEU C 324 -6.95 13.95 -28.78
C LEU C 324 -7.51 14.18 -27.39
N LYS C 325 -8.75 13.74 -27.15
CA LYS C 325 -9.38 13.95 -25.85
C LYS C 325 -9.50 12.63 -25.12
N VAL C 326 -9.57 11.52 -25.83
CA VAL C 326 -9.60 10.23 -25.15
C VAL C 326 -8.17 9.66 -25.01
N CYS C 327 -7.45 9.52 -26.12
CA CYS C 327 -6.07 9.07 -26.06
C CYS C 327 -5.24 10.00 -25.19
N THR C 328 -4.28 9.46 -24.46
CA THR C 328 -3.41 10.27 -23.62
C THR C 328 -1.98 10.27 -24.20
N LEU C 329 -1.36 11.43 -24.31
CA LEU C 329 0.03 11.55 -24.84
C LEU C 329 1.05 11.20 -23.71
N ALA C 330 1.78 10.10 -23.86
CA ALA C 330 2.62 9.55 -22.77
C ALA C 330 3.31 8.33 -23.34
N VAL C 331 4.46 7.96 -22.78
CA VAL C 331 5.09 6.72 -23.18
C VAL C 331 4.44 5.58 -22.40
N SER C 332 4.88 4.35 -22.72
CA SER C 332 4.35 3.10 -22.19
C SER C 332 3.17 2.56 -23.01
N LEU C 333 2.64 1.41 -22.60
CA LEU C 333 1.67 0.73 -23.43
C LEU C 333 1.02 -0.33 -22.58
N GLY C 334 -0.04 -0.92 -23.09
CA GLY C 334 -0.64 -2.11 -22.42
C GLY C 334 -1.52 -1.72 -21.23
N CYS C 335 -1.88 -0.45 -21.12
CA CYS C 335 -2.75 0.05 -20.07
CA CYS C 335 -2.75 0.05 -20.07
C CYS C 335 -4.19 -0.10 -20.51
N VAL C 336 -5.12 -0.10 -19.54
CA VAL C 336 -6.54 -0.17 -19.85
C VAL C 336 -7.03 1.04 -20.68
N ASP C 337 -6.37 2.18 -20.55
CA ASP C 337 -6.76 3.34 -21.34
C ASP C 337 -5.75 3.58 -22.49
N THR C 338 -6.17 4.27 -23.53
CA THR C 338 -5.37 4.39 -24.74
C THR C 338 -4.24 5.42 -24.58
N LEU C 339 -3.05 5.04 -25.02
CA LEU C 339 -1.89 5.90 -24.97
C LEU C 339 -1.33 6.12 -26.38
N ILE C 340 -0.67 7.27 -26.59
CA ILE C 340 -0.11 7.61 -27.87
C ILE C 340 1.23 8.35 -27.66
N GLU C 341 2.18 8.21 -28.58
CA GLU C 341 3.59 8.57 -28.35
C GLU C 341 4.22 8.80 -29.73
N HIS C 342 5.37 9.47 -29.74
CA HIS C 342 6.15 9.74 -30.96
C HIS C 342 7.56 9.08 -30.84
N PRO C 343 7.72 7.88 -31.39
CA PRO C 343 8.93 7.11 -31.14
C PRO C 343 10.23 7.90 -31.44
N ALA C 344 10.22 8.69 -32.51
CA ALA C 344 11.45 9.35 -32.95
C ALA C 344 11.99 10.29 -31.87
N SER C 345 11.11 10.90 -31.06
CA SER C 345 11.57 11.91 -30.08
C SER C 345 11.37 11.47 -28.62
N MET C 346 10.87 10.26 -28.43
CA MET C 346 10.47 9.78 -27.13
C MET C 346 11.05 8.39 -26.82
N THR C 347 10.29 7.30 -26.99
CA THR C 347 10.83 5.95 -26.63
C THR C 347 12.19 5.58 -27.28
N HIS C 348 12.43 6.07 -28.50
CA HIS C 348 13.61 5.68 -29.30
C HIS C 348 14.49 6.86 -29.65
N ALA C 349 14.30 7.98 -28.94
CA ALA C 349 15.14 9.20 -29.16
C ALA C 349 16.64 9.02 -28.85
N ALA C 350 16.97 8.17 -27.88
CA ALA C 350 18.37 7.89 -27.52
C ALA C 350 19.03 6.76 -28.34
N VAL C 351 18.26 6.12 -29.23
CA VAL C 351 18.80 5.11 -30.15
C VAL C 351 19.81 5.76 -31.15
N PRO C 352 21.06 5.23 -31.20
CA PRO C 352 22.06 5.73 -32.18
C PRO C 352 21.47 5.75 -33.61
N GLU C 353 21.78 6.79 -34.37
CA GLU C 353 21.10 7.01 -35.65
C GLU C 353 21.34 5.90 -36.68
N ASN C 354 22.53 5.31 -36.63
CA ASN C 354 22.88 4.00 -37.20
C ASN C 354 21.70 3.01 -37.07
N ILE C 355 21.34 2.71 -35.83
CA ILE C 355 20.31 1.73 -35.53
C ILE C 355 18.90 2.29 -35.86
N MET C 356 18.72 3.60 -35.66
CA MET C 356 17.46 4.32 -35.93
C MET C 356 16.94 4.09 -37.36
N ARG C 357 17.85 4.07 -38.33
CA ARG C 357 17.49 3.85 -39.74
C ARG C 357 17.39 2.41 -40.18
N LYS C 358 18.15 1.50 -39.57
CA LYS C 358 17.80 0.10 -39.81
C LYS C 358 16.49 -0.31 -39.14
N GLN C 359 16.08 0.39 -38.07
CA GLN C 359 14.78 0.17 -37.44
C GLN C 359 13.65 0.76 -38.29
N GLY C 360 13.97 1.72 -39.15
CA GLY C 360 12.95 2.40 -39.97
C GLY C 360 12.13 3.45 -39.22
N ILE C 361 12.73 4.10 -38.23
CA ILE C 361 11.98 5.04 -37.39
C ILE C 361 12.16 6.49 -37.86
N THR C 362 11.04 7.11 -38.27
CA THR C 362 11.06 8.46 -38.82
C THR C 362 10.11 9.42 -38.08
N PRO C 363 10.27 10.74 -38.31
CA PRO C 363 9.42 11.70 -37.63
C PRO C 363 7.96 11.62 -38.00
N GLU C 364 7.61 10.92 -39.07
CA GLU C 364 6.19 10.79 -39.47
C GLU C 364 5.42 9.69 -38.73
N LEU C 365 6.11 8.91 -37.88
CA LEU C 365 5.50 7.73 -37.25
C LEU C 365 4.95 8.07 -35.88
N VAL C 366 3.79 7.50 -35.58
CA VAL C 366 3.13 7.67 -34.32
C VAL C 366 2.86 6.24 -33.80
N ARG C 367 3.12 5.99 -32.53
CA ARG C 367 2.78 4.68 -31.98
C ARG C 367 1.56 4.83 -31.08
N ILE C 368 0.60 3.93 -31.23
CA ILE C 368 -0.60 3.99 -30.41
C ILE C 368 -0.76 2.68 -29.64
N SER C 369 -1.15 2.77 -28.38
CA SER C 369 -1.44 1.58 -27.61
C SER C 369 -2.92 1.55 -27.24
N VAL C 370 -3.69 0.70 -27.90
CA VAL C 370 -5.14 0.87 -27.84
C VAL C 370 -5.66 0.17 -26.58
N GLY C 371 -6.42 0.91 -25.75
CA GLY C 371 -6.94 0.37 -24.49
C GLY C 371 -8.27 -0.33 -24.66
N ILE C 372 -8.98 -0.48 -23.55
CA ILE C 372 -10.29 -1.18 -23.54
C ILE C 372 -11.53 -0.29 -23.49
N GLU C 373 -11.35 1.02 -23.71
CA GLU C 373 -12.48 1.93 -23.96
C GLU C 373 -13.39 1.38 -25.10
N ASN C 374 -14.63 1.85 -25.16
CA ASN C 374 -15.46 1.48 -26.30
C ASN C 374 -14.75 1.93 -27.58
N VAL C 375 -14.58 0.98 -28.50
CA VAL C 375 -13.79 1.22 -29.72
C VAL C 375 -14.36 2.35 -30.61
N ASP C 376 -15.68 2.51 -30.64
CA ASP C 376 -16.28 3.63 -31.37
C ASP C 376 -15.92 5.03 -30.79
N ASP C 377 -15.74 5.12 -29.46
CA ASP C 377 -15.30 6.36 -28.83
C ASP C 377 -13.84 6.66 -29.18
N ILE C 378 -12.98 5.63 -29.20
CA ILE C 378 -11.60 5.76 -29.65
C ILE C 378 -11.52 6.20 -31.12
N ILE C 379 -12.25 5.52 -31.99
CA ILE C 379 -12.22 5.89 -33.39
C ILE C 379 -12.77 7.34 -33.61
N ALA C 380 -13.81 7.73 -32.89
CA ALA C 380 -14.37 9.08 -33.06
C ALA C 380 -13.36 10.14 -32.59
N ASP C 381 -12.56 9.81 -31.58
CA ASP C 381 -11.53 10.74 -31.08
C ASP C 381 -10.43 10.94 -32.12
N LEU C 382 -10.00 9.85 -32.73
CA LEU C 382 -8.99 9.91 -33.83
C LEU C 382 -9.55 10.64 -35.06
N LYS C 383 -10.79 10.32 -35.41
CA LYS C 383 -11.40 10.92 -36.58
C LYS C 383 -11.48 12.46 -36.43
N GLN C 384 -11.95 12.93 -35.28
CA GLN C 384 -12.10 14.35 -35.10
C GLN C 384 -10.77 15.11 -35.19
N ALA C 385 -9.72 14.50 -34.65
CA ALA C 385 -8.41 15.09 -34.67
C ALA C 385 -7.82 15.04 -36.11
N LEU C 386 -8.05 13.94 -36.82
CA LEU C 386 -7.59 13.82 -38.21
C LEU C 386 -8.30 14.80 -39.18
N GLU C 387 -9.51 15.20 -38.82
CA GLU C 387 -10.30 16.07 -39.68
C GLU C 387 -10.28 17.57 -39.27
N LEU C 388 -9.33 17.93 -38.43
CA LEU C 388 -9.22 19.29 -37.93
C LEU C 388 -8.95 20.32 -38.98
N TRP C 389 -9.60 21.46 -38.85
CA TRP C 389 -9.22 22.67 -39.56
C TRP C 389 -7.69 22.85 -39.64
N ASP D 5 10.40 -1.28 30.16
CA ASP D 5 9.39 -0.23 29.91
C ASP D 5 8.37 -0.68 28.86
N ILE D 6 7.52 0.25 28.45
CA ILE D 6 6.47 -0.01 27.47
C ILE D 6 7.05 -0.35 26.07
N THR D 7 8.31 0.05 25.82
CA THR D 7 8.94 -0.14 24.49
C THR D 7 9.10 -1.61 24.07
N THR D 8 9.60 -2.45 25.00
CA THR D 8 9.82 -3.88 24.78
C THR D 8 8.52 -4.63 24.50
N THR D 9 7.47 -4.26 25.26
CA THR D 9 6.14 -4.81 25.09
C THR D 9 5.63 -4.55 23.67
N LEU D 10 5.73 -3.30 23.21
CA LEU D 10 5.25 -2.89 21.88
C LEU D 10 5.98 -3.57 20.72
N LEU D 11 7.30 -3.73 20.86
CA LEU D 11 8.12 -4.42 19.85
C LEU D 11 7.99 -5.95 19.95
N HIS D 12 7.46 -6.46 21.05
CA HIS D 12 7.26 -7.91 21.17
C HIS D 12 5.81 -8.29 21.44
N PRO D 13 4.92 -7.99 20.48
CA PRO D 13 3.49 -8.26 20.70
C PRO D 13 3.26 -9.77 20.81
N LYS D 14 2.26 -10.17 21.59
CA LYS D 14 1.89 -11.58 21.67
C LYS D 14 1.21 -12.07 20.37
N GLY D 15 1.20 -13.38 20.19
CA GLY D 15 0.70 -13.99 18.95
C GLY D 15 1.75 -14.76 18.17
N ASP D 16 1.27 -15.61 17.26
CA ASP D 16 2.13 -16.41 16.39
C ASP D 16 2.52 -15.63 15.13
N HIS D 17 3.68 -15.97 14.58
CA HIS D 17 4.09 -15.46 13.26
C HIS D 17 3.26 -16.09 12.13
N VAL D 18 3.07 -15.33 11.07
CA VAL D 18 2.40 -15.85 9.90
C VAL D 18 3.48 -16.24 8.89
N LEU D 19 3.49 -17.52 8.51
CA LEU D 19 4.56 -18.06 7.64
C LEU D 19 5.97 -17.59 8.03
N HIS D 20 6.24 -17.46 9.34
CA HIS D 20 7.56 -17.07 9.84
C HIS D 20 7.95 -15.63 9.50
N SER D 21 6.99 -14.86 8.98
CA SER D 21 7.28 -13.50 8.64
C SER D 21 7.60 -12.72 9.89
N HIS D 22 8.69 -11.97 9.84
CA HIS D 22 9.11 -11.13 10.98
C HIS D 22 8.13 -9.96 11.17
N ALA D 23 7.89 -9.19 10.10
CA ALA D 23 6.88 -8.12 10.10
C ALA D 23 5.51 -8.76 9.92
N TYR D 24 4.50 -8.31 10.64
CA TYR D 24 3.18 -8.94 10.52
C TYR D 24 2.54 -8.59 9.17
N PRO D 25 2.04 -9.59 8.38
CA PRO D 25 1.58 -9.32 7.01
C PRO D 25 0.36 -8.42 6.96
N ILE D 26 0.16 -7.81 5.81
CA ILE D 26 -0.99 -6.95 5.62
C ILE D 26 -2.05 -7.82 4.97
N PHE D 27 -3.13 -8.08 5.71
CA PHE D 27 -4.22 -8.91 5.20
C PHE D 27 -5.20 -8.06 4.44
N GLN D 28 -4.81 -7.69 3.21
CA GLN D 28 -5.60 -6.86 2.32
C GLN D 28 -6.63 -7.77 1.61
N THR D 29 -7.65 -8.15 2.37
CA THR D 29 -8.66 -9.11 1.90
C THR D 29 -10.00 -8.69 2.49
N SER D 30 -11.06 -9.03 1.80
CA SER D 30 -12.41 -8.82 2.36
C SER D 30 -12.84 -10.09 3.10
N THR D 31 -12.74 -11.23 2.45
CA THR D 31 -13.33 -12.45 2.97
C THR D 31 -12.30 -13.54 3.24
N PHE D 32 -12.72 -14.59 3.97
CA PHE D 32 -11.88 -15.75 4.34
C PHE D 32 -12.60 -17.02 3.96
N CYS D 33 -11.84 -18.05 3.59
CA CYS D 33 -12.38 -19.33 3.19
CA CYS D 33 -12.45 -19.29 3.20
C CYS D 33 -12.68 -20.16 4.42
N PHE D 34 -13.65 -21.07 4.28
CA PHE D 34 -14.01 -22.02 5.31
C PHE D 34 -13.56 -23.43 4.92
N ASP D 35 -13.23 -24.26 5.91
CA ASP D 35 -12.83 -25.65 5.62
C ASP D 35 -14.04 -26.53 5.35
N SER D 36 -15.22 -26.13 5.86
CA SER D 36 -16.43 -26.96 5.83
C SER D 36 -17.58 -26.06 6.22
N THR D 37 -18.80 -26.48 5.92
CA THR D 37 -19.98 -25.76 6.38
C THR D 37 -20.02 -25.55 7.91
N GLN D 38 -19.72 -26.62 8.66
CA GLN D 38 -19.74 -26.62 10.12
C GLN D 38 -18.74 -25.63 10.73
N GLN D 39 -17.54 -25.60 10.18
CA GLN D 39 -16.49 -24.71 10.64
C GLN D 39 -16.92 -23.23 10.43
N GLY D 40 -17.47 -22.93 9.25
CA GLY D 40 -18.04 -21.62 8.94
C GLY D 40 -19.19 -21.30 9.89
N ALA D 41 -20.13 -22.24 10.04
CA ALA D 41 -21.27 -22.04 10.97
C ALA D 41 -20.81 -21.79 12.42
N ASP D 42 -19.82 -22.57 12.87
CA ASP D 42 -19.27 -22.44 14.21
C ASP D 42 -18.69 -21.05 14.45
N LEU D 43 -17.91 -20.55 13.49
CA LEU D 43 -17.35 -19.20 13.64
C LEU D 43 -18.42 -18.10 13.74
N PHE D 44 -19.49 -18.22 12.95
CA PHE D 44 -20.63 -17.30 13.08
C PHE D 44 -21.30 -17.36 14.46
N MET D 45 -21.19 -18.52 15.14
CA MET D 45 -21.75 -18.63 16.49
CA MET D 45 -21.72 -18.75 16.48
C MET D 45 -20.68 -18.37 17.54
N GLY D 46 -19.54 -17.85 17.09
CA GLY D 46 -18.43 -17.52 18.00
C GLY D 46 -17.66 -18.69 18.60
N LYS D 47 -17.81 -19.89 18.06
CA LYS D 47 -17.00 -21.01 18.55
C LYS D 47 -15.86 -21.36 17.62
N GLY D 48 -14.74 -21.73 18.24
CA GLY D 48 -13.52 -21.99 17.50
C GLY D 48 -12.78 -20.70 17.21
N GLU D 49 -11.69 -20.82 16.49
CA GLU D 49 -10.78 -19.71 16.29
C GLU D 49 -10.68 -19.51 14.80
N GLY D 50 -10.60 -18.25 14.38
CA GLY D 50 -10.47 -17.98 12.96
C GLY D 50 -11.22 -16.73 12.53
N HIS D 51 -11.38 -16.59 11.22
CA HIS D 51 -11.86 -15.37 10.62
C HIS D 51 -12.95 -15.65 9.59
N ILE D 52 -13.77 -14.64 9.35
CA ILE D 52 -14.92 -14.77 8.47
C ILE D 52 -14.84 -13.71 7.37
N TYR D 53 -14.66 -12.45 7.80
CA TYR D 53 -14.90 -11.31 6.90
C TYR D 53 -14.33 -10.08 7.59
N SER D 54 -13.59 -9.27 6.85
CA SER D 54 -12.77 -8.19 7.50
C SER D 54 -13.58 -7.19 8.37
N ARG D 55 -14.84 -6.92 8.01
CA ARG D 55 -15.68 -6.08 8.90
C ARG D 55 -15.92 -6.72 10.30
N LEU D 56 -16.02 -8.04 10.37
CA LEU D 56 -16.09 -8.72 11.69
C LEU D 56 -14.70 -8.84 12.35
N GLY D 57 -13.64 -8.90 11.56
CA GLY D 57 -12.30 -9.14 12.12
C GLY D 57 -11.25 -9.41 11.05
N ASN D 58 -10.16 -8.64 11.12
CA ASN D 58 -9.03 -8.72 10.19
C ASN D 58 -7.75 -8.92 11.00
N PRO D 59 -6.90 -9.89 10.59
CA PRO D 59 -5.76 -10.20 11.45
C PRO D 59 -4.78 -9.02 11.67
N THR D 60 -4.53 -8.24 10.62
CA THR D 60 -3.64 -7.09 10.71
C THR D 60 -4.22 -6.03 11.68
N VAL D 61 -5.52 -5.78 11.57
CA VAL D 61 -6.19 -4.84 12.46
C VAL D 61 -6.16 -5.38 13.91
N GLU D 62 -6.46 -6.66 14.10
CA GLU D 62 -6.45 -7.25 15.46
C GLU D 62 -5.09 -7.18 16.17
N GLN D 63 -4.02 -7.29 15.41
CA GLN D 63 -2.68 -7.12 15.92
C GLN D 63 -2.52 -5.69 16.46
N PHE D 64 -2.98 -4.70 15.71
CA PHE D 64 -2.93 -3.32 16.19
C PHE D 64 -3.78 -3.15 17.47
N GLU D 65 -5.00 -3.70 17.45
CA GLU D 65 -5.90 -3.71 18.61
C GLU D 65 -5.23 -4.30 19.86
N GLU D 66 -4.56 -5.43 19.72
CA GLU D 66 -3.84 -6.10 20.84
CA GLU D 66 -3.93 -6.06 20.89
C GLU D 66 -2.77 -5.21 21.45
N MET D 67 -2.05 -4.50 20.57
CA MET D 67 -0.97 -3.60 21.01
C MET D 67 -1.51 -2.46 21.88
N VAL D 68 -2.61 -1.84 21.47
CA VAL D 68 -3.21 -0.78 22.27
C VAL D 68 -3.81 -1.35 23.54
N CYS D 69 -4.50 -2.48 23.42
CA CYS D 69 -5.06 -3.14 24.58
C CYS D 69 -3.98 -3.39 25.65
N SER D 70 -2.78 -3.81 25.25
CA SER D 70 -1.72 -4.10 26.22
C SER D 70 -1.26 -2.88 27.02
N ILE D 71 -1.16 -1.73 26.38
CA ILE D 71 -0.71 -0.54 27.12
C ILE D 71 -1.85 0.20 27.86
N GLU D 72 -3.09 0.02 27.42
CA GLU D 72 -4.24 0.60 28.14
C GLU D 72 -4.59 -0.14 29.43
N GLY D 73 -4.17 -1.41 29.54
CA GLY D 73 -4.67 -2.33 30.56
C GLY D 73 -6.14 -2.73 30.44
N ALA D 74 -6.62 -2.94 29.22
CA ALA D 74 -8.04 -3.19 28.94
C ALA D 74 -8.40 -4.66 28.82
N ALA D 75 -9.70 -4.97 28.87
CA ALA D 75 -10.20 -6.29 28.46
C ALA D 75 -10.16 -6.47 26.94
N GLY D 76 -10.18 -5.37 26.21
CA GLY D 76 -10.19 -5.41 24.73
C GLY D 76 -10.23 -4.05 24.07
N SER D 77 -9.79 -3.99 22.81
CA SER D 77 -9.72 -2.75 22.02
C SER D 77 -10.32 -2.94 20.64
N ALA D 78 -10.91 -1.86 20.11
CA ALA D 78 -11.51 -1.88 18.77
C ALA D 78 -10.92 -0.69 17.96
N ALA D 79 -10.47 -0.95 16.72
CA ALA D 79 -9.92 0.08 15.85
C ALA D 79 -11.01 0.56 14.91
N PHE D 80 -10.88 1.81 14.50
CA PHE D 80 -11.88 2.44 13.66
C PHE D 80 -11.22 3.26 12.55
N GLY D 81 -12.05 3.72 11.64
CA GLY D 81 -11.62 4.56 10.51
C GLY D 81 -11.20 5.97 10.90
N SER D 82 -11.53 6.40 12.13
CA SER D 82 -11.16 7.74 12.61
C SER D 82 -11.41 7.80 14.10
N GLY D 83 -10.80 8.77 14.76
CA GLY D 83 -11.20 9.12 16.13
C GLY D 83 -12.72 9.36 16.25
N MET D 84 -13.32 10.05 15.28
CA MET D 84 -14.76 10.28 15.36
C MET D 84 -15.54 8.97 15.40
N GLY D 85 -15.09 7.97 14.63
CA GLY D 85 -15.66 6.61 14.67
C GLY D 85 -15.54 5.96 16.04
N ALA D 86 -14.37 6.13 16.69
CA ALA D 86 -14.21 5.63 18.04
C ALA D 86 -15.18 6.33 18.99
N ILE D 87 -15.29 7.64 18.83
CA ILE D 87 -16.10 8.42 19.74
C ILE D 87 -17.62 8.08 19.61
N SER D 88 -18.11 8.03 18.37
CA SER D 88 -19.51 7.68 18.10
C SER D 88 -19.81 6.31 18.64
N SER D 89 -18.92 5.37 18.33
CA SER D 89 -19.08 3.98 18.76
C SER D 89 -18.93 3.77 20.26
N SER D 90 -18.24 4.65 20.95
CA SER D 90 -18.04 4.48 22.39
C SER D 90 -19.13 5.13 23.18
N THR D 91 -19.99 5.87 22.48
CA THR D 91 -21.07 6.61 23.12
C THR D 91 -22.42 6.03 22.68
N LEU D 92 -22.67 6.04 21.38
CA LEU D 92 -23.95 5.58 20.83
C LEU D 92 -24.14 4.06 20.87
N ALA D 93 -23.09 3.31 21.13
CA ALA D 93 -23.22 1.87 21.43
C ALA D 93 -23.99 1.66 22.73
N PHE D 94 -23.99 2.68 23.60
CA PHE D 94 -24.59 2.57 24.94
C PHE D 94 -25.80 3.47 25.19
N LEU D 95 -25.74 4.68 24.67
CA LEU D 95 -26.75 5.69 24.95
C LEU D 95 -27.96 5.44 24.06
N GLN D 96 -29.14 5.58 24.64
CA GLN D 96 -30.38 5.46 23.85
C GLN D 96 -31.41 6.52 24.26
N LYS D 97 -32.43 6.68 23.43
CA LYS D 97 -33.53 7.60 23.69
C LYS D 97 -33.95 7.57 25.17
N GLY D 98 -33.97 8.73 25.81
CA GLY D 98 -34.38 8.80 27.22
C GLY D 98 -33.20 8.92 28.17
N ASP D 99 -32.01 8.59 27.68
CA ASP D 99 -30.77 8.68 28.46
C ASP D 99 -30.23 10.10 28.52
N HIS D 100 -29.37 10.36 29.50
CA HIS D 100 -28.78 11.66 29.70
C HIS D 100 -27.25 11.50 29.74
N LEU D 101 -26.56 12.41 29.08
CA LEU D 101 -25.10 12.40 28.99
C LEU D 101 -24.54 13.71 29.53
N ILE D 102 -23.59 13.64 30.46
CA ILE D 102 -22.83 14.84 30.87
C ILE D 102 -21.48 14.81 30.14
N ALA D 103 -21.16 15.86 29.39
CA ALA D 103 -19.86 15.94 28.74
C ALA D 103 -19.13 17.24 29.09
N GLY D 104 -17.79 17.20 29.07
CA GLY D 104 -16.97 18.40 29.23
C GLY D 104 -17.42 19.59 28.38
N ASP D 105 -17.34 20.80 28.93
CA ASP D 105 -17.77 21.98 28.17
C ASP D 105 -16.76 22.40 27.09
N THR D 106 -15.53 21.92 27.17
CA THR D 106 -14.55 22.19 26.11
C THR D 106 -13.98 20.90 25.48
N LEU D 107 -14.35 20.70 24.21
CA LEU D 107 -14.09 19.47 23.50
C LEU D 107 -13.68 19.79 22.10
N TYR D 108 -13.03 18.82 21.45
CA TYR D 108 -12.71 18.95 20.05
C TYR D 108 -14.00 19.30 19.25
N GLY D 109 -13.87 20.21 18.28
CA GLY D 109 -14.99 20.73 17.49
C GLY D 109 -15.99 19.69 17.01
N CYS D 110 -15.49 18.62 16.41
CA CYS D 110 -16.41 17.67 15.78
C CYS D 110 -17.15 16.81 16.81
N THR D 111 -16.53 16.63 17.99
CA THR D 111 -17.21 16.06 19.15
C THR D 111 -18.38 16.93 19.65
N VAL D 112 -18.18 18.26 19.68
CA VAL D 112 -19.28 19.19 19.94
C VAL D 112 -20.39 19.01 18.91
N SER D 113 -20.03 18.93 17.65
CA SER D 113 -20.99 18.67 16.57
C SER D 113 -21.81 17.37 16.81
N LEU D 114 -21.12 16.26 17.12
CA LEU D 114 -21.79 15.00 17.41
C LEU D 114 -22.76 15.11 18.62
N PHE D 115 -22.26 15.67 19.72
CA PHE D 115 -22.99 15.73 20.98
C PHE D 115 -24.14 16.74 20.89
N THR D 116 -23.99 17.70 20.01
CA THR D 116 -24.87 18.88 19.91
C THR D 116 -25.93 18.77 18.80
N HIS D 117 -25.57 18.13 17.69
CA HIS D 117 -26.49 17.98 16.57
C HIS D 117 -27.09 16.58 16.53
N TRP D 118 -26.25 15.54 16.48
CA TRP D 118 -26.76 14.19 16.29
C TRP D 118 -27.41 13.57 17.53
N LEU D 119 -26.75 13.62 18.68
CA LEU D 119 -27.33 12.94 19.84
C LEU D 119 -28.75 13.38 20.20
N PRO D 120 -29.03 14.70 20.23
CA PRO D 120 -30.42 15.08 20.55
C PRO D 120 -31.46 14.61 19.51
N ARG D 121 -31.06 14.47 18.25
CA ARG D 121 -31.93 13.96 17.21
C ARG D 121 -32.32 12.50 17.50
N PHE D 122 -31.48 11.80 18.26
CA PHE D 122 -31.74 10.42 18.65
C PHE D 122 -32.35 10.33 20.07
N GLY D 123 -32.82 11.46 20.57
CA GLY D 123 -33.54 11.52 21.84
C GLY D 123 -32.64 11.44 23.06
N ILE D 124 -31.34 11.72 22.89
CA ILE D 124 -30.37 11.71 24.01
C ILE D 124 -30.17 13.13 24.58
N GLU D 125 -30.37 13.28 25.89
CA GLU D 125 -30.19 14.56 26.55
C GLU D 125 -28.70 14.78 26.85
N VAL D 126 -28.20 15.97 26.49
CA VAL D 126 -26.79 16.32 26.67
C VAL D 126 -26.59 17.67 27.37
N ASP D 127 -25.83 17.67 28.45
CA ASP D 127 -25.39 18.92 29.05
C ASP D 127 -23.87 18.99 28.99
N LEU D 128 -23.36 20.15 28.58
CA LEU D 128 -21.93 20.40 28.59
C LEU D 128 -21.63 21.22 29.83
N ILE D 129 -20.67 20.76 30.63
CA ILE D 129 -20.36 21.45 31.87
C ILE D 129 -18.87 21.42 32.22
N ASP D 130 -18.46 22.37 33.06
CA ASP D 130 -17.07 22.50 33.49
C ASP D 130 -16.65 21.31 34.35
N THR D 131 -15.97 20.35 33.74
CA THR D 131 -15.65 19.10 34.42
C THR D 131 -14.37 19.15 35.24
N SER D 132 -13.78 20.35 35.35
CA SER D 132 -12.64 20.57 36.23
C SER D 132 -13.12 20.67 37.69
N ASP D 133 -14.41 20.89 37.87
CA ASP D 133 -15.06 21.05 39.17
C ASP D 133 -16.03 19.89 39.40
N VAL D 134 -15.62 18.94 40.24
CA VAL D 134 -16.36 17.71 40.47
C VAL D 134 -17.79 17.93 41.02
N GLU D 135 -17.97 18.96 41.84
CA GLU D 135 -19.29 19.30 42.39
C GLU D 135 -20.24 19.78 41.30
N LYS D 136 -19.70 20.48 40.31
CA LYS D 136 -20.50 20.87 39.14
C LYS D 136 -21.06 19.65 38.40
N VAL D 137 -20.26 18.58 38.30
CA VAL D 137 -20.73 17.30 37.74
C VAL D 137 -21.87 16.69 38.58
N LYS D 138 -21.70 16.70 39.90
CA LYS D 138 -22.72 16.17 40.82
C LYS D 138 -24.06 16.91 40.70
N ALA D 139 -24.01 18.21 40.41
CA ALA D 139 -25.21 19.06 40.35
C ALA D 139 -25.98 18.93 39.05
N ALA D 140 -25.28 18.62 37.97
CA ALA D 140 -25.92 18.37 36.68
C ALA D 140 -26.57 16.99 36.63
N TRP D 141 -26.27 16.16 37.62
CA TRP D 141 -26.74 14.77 37.65
C TRP D 141 -28.25 14.64 37.67
N LYS D 142 -28.76 13.69 36.90
CA LYS D 142 -30.19 13.41 36.82
C LYS D 142 -30.47 11.93 37.07
N PRO D 143 -31.75 11.54 37.23
CA PRO D 143 -31.97 10.11 37.47
C PRO D 143 -31.71 9.26 36.24
N ASN D 144 -31.78 9.86 35.06
CA ASN D 144 -31.51 9.12 33.82
C ASN D 144 -30.10 9.32 33.28
N THR D 145 -29.17 9.78 34.12
CA THR D 145 -27.79 10.00 33.68
C THR D 145 -27.03 8.68 33.55
N LYS D 146 -26.64 8.35 32.32
CA LYS D 146 -26.01 7.06 32.01
C LYS D 146 -24.52 7.12 31.67
N MET D 147 -24.00 8.33 31.40
CA MET D 147 -22.59 8.43 30.94
C MET D 147 -22.01 9.79 31.28
N VAL D 148 -20.71 9.82 31.55
CA VAL D 148 -19.97 11.07 31.56
C VAL D 148 -18.83 10.96 30.55
N TYR D 149 -18.69 11.97 29.69
CA TYR D 149 -17.68 11.93 28.64
C TYR D 149 -16.67 13.06 28.88
N LEU D 150 -15.40 12.69 29.03
CA LEU D 150 -14.33 13.67 29.34
C LEU D 150 -13.23 13.71 28.29
N GLU D 151 -12.65 14.89 28.10
CA GLU D 151 -11.43 15.06 27.34
C GLU D 151 -10.47 15.83 28.23
N SER D 152 -9.38 15.21 28.66
CA SER D 152 -8.46 15.91 29.54
C SER D 152 -7.02 15.54 29.24
N PRO D 153 -6.11 16.54 29.08
CA PRO D 153 -6.41 17.97 28.98
C PRO D 153 -7.23 18.23 27.72
N ALA D 154 -8.11 19.23 27.76
CA ALA D 154 -9.06 19.46 26.66
C ALA D 154 -8.40 20.07 25.42
N ASN D 155 -8.99 19.84 24.26
CA ASN D 155 -8.60 20.48 23.01
C ASN D 155 -9.53 21.71 22.79
N PRO D 156 -8.96 22.93 22.64
CA PRO D 156 -7.56 23.27 22.50
C PRO D 156 -6.91 23.87 23.76
N THR D 157 -7.74 24.29 24.72
CA THR D 157 -7.29 25.08 25.88
C THR D 157 -6.50 24.34 26.96
N CYS D 158 -6.38 23.03 26.79
CA CYS D 158 -5.74 22.13 27.77
C CYS D 158 -6.40 22.08 29.16
N LYS D 159 -7.66 22.50 29.27
CA LYS D 159 -8.34 22.50 30.58
C LYS D 159 -8.29 21.09 31.18
N VAL D 160 -7.87 20.98 32.44
CA VAL D 160 -7.73 19.68 33.11
C VAL D 160 -8.98 19.33 33.93
N SER D 161 -9.52 18.13 33.72
CA SER D 161 -10.59 17.60 34.56
C SER D 161 -10.04 16.59 35.58
N ASP D 162 -10.75 16.45 36.71
CA ASP D 162 -10.39 15.45 37.72
C ASP D 162 -11.05 14.12 37.37
N ILE D 163 -10.35 13.34 36.55
CA ILE D 163 -10.86 12.07 36.06
C ILE D 163 -11.17 11.09 37.19
N LYS D 164 -10.27 11.02 38.16
CA LYS D 164 -10.38 10.06 39.25
C LYS D 164 -11.55 10.38 40.17
N GLY D 165 -11.78 11.66 40.43
CA GLY D 165 -12.90 12.09 41.28
C GLY D 165 -14.23 11.88 40.58
N ILE D 166 -14.28 12.23 39.31
CA ILE D 166 -15.48 11.97 38.52
C ILE D 166 -15.72 10.46 38.43
N ALA D 167 -14.65 9.68 38.30
CA ALA D 167 -14.80 8.22 38.23
C ALA D 167 -15.52 7.63 39.45
N VAL D 168 -15.22 8.15 40.63
CA VAL D 168 -15.90 7.73 41.86
C VAL D 168 -17.41 8.02 41.80
N VAL D 169 -17.78 9.22 41.40
CA VAL D 169 -19.18 9.59 41.24
C VAL D 169 -19.86 8.62 40.26
N CYS D 170 -19.22 8.37 39.12
CA CYS D 170 -19.75 7.46 38.11
C CYS D 170 -19.95 6.04 38.67
N HIS D 171 -18.95 5.50 39.35
CA HIS D 171 -19.09 4.20 39.98
C HIS D 171 -20.29 4.15 40.96
N GLU D 172 -20.36 5.10 41.88
CA GLU D 172 -21.41 5.12 42.90
C GLU D 172 -22.81 5.23 42.34
N ARG D 173 -22.94 6.01 41.26
CA ARG D 173 -24.23 6.41 40.72
C ARG D 173 -24.66 5.63 39.47
N GLY D 174 -23.87 4.64 39.07
CA GLY D 174 -24.25 3.75 37.97
C GLY D 174 -24.14 4.35 36.58
N ALA D 175 -23.02 5.00 36.28
CA ALA D 175 -22.79 5.61 34.97
C ALA D 175 -21.45 5.19 34.40
N ARG D 176 -21.36 5.10 33.07
CA ARG D 176 -20.10 4.85 32.40
C ARG D 176 -19.27 6.12 32.32
N LEU D 177 -17.97 6.02 32.57
CA LEU D 177 -17.04 7.12 32.28
C LEU D 177 -16.20 6.83 31.01
N VAL D 178 -16.36 7.70 30.01
CA VAL D 178 -15.57 7.65 28.77
C VAL D 178 -14.55 8.81 28.72
N VAL D 179 -13.30 8.50 28.44
CA VAL D 179 -12.22 9.49 28.36
C VAL D 179 -11.48 9.40 27.01
N ASP D 180 -11.51 10.52 26.30
CA ASP D 180 -10.68 10.79 25.12
C ASP D 180 -9.30 11.26 25.61
N ALA D 181 -8.31 10.39 25.49
CA ALA D 181 -6.96 10.68 25.94
C ALA D 181 -5.98 11.01 24.77
N THR D 182 -6.56 11.37 23.62
CA THR D 182 -5.80 11.75 22.42
C THR D 182 -4.59 12.68 22.68
N PHE D 183 -4.79 13.74 23.44
CA PHE D 183 -3.77 14.77 23.64
C PHE D 183 -2.54 14.33 24.42
N THR D 184 -2.64 13.19 25.11
CA THR D 184 -1.58 12.76 26.03
C THR D 184 -0.92 11.45 25.64
N SER D 185 -1.67 10.59 24.97
CA SER D 185 -1.22 9.26 24.55
C SER D 185 -1.31 8.29 25.72
N PRO D 186 -1.41 6.98 25.42
CA PRO D 186 -1.50 5.96 26.47
C PRO D 186 -0.18 5.71 27.19
N CYS D 187 0.88 6.40 26.79
CA CYS D 187 2.13 6.34 27.55
C CYS D 187 2.03 7.14 28.83
N PHE D 188 1.23 8.21 28.80
CA PHE D 188 1.20 9.17 29.89
C PHE D 188 -0.13 9.26 30.62
N LEU D 189 -1.22 8.91 29.94
CA LEU D 189 -2.54 8.89 30.55
C LEU D 189 -3.25 7.55 30.27
N LYS D 190 -3.57 6.82 31.34
CA LYS D 190 -4.23 5.52 31.25
C LYS D 190 -5.55 5.58 32.05
N PRO D 191 -6.61 6.11 31.41
CA PRO D 191 -7.90 6.36 32.08
C PRO D 191 -8.52 5.17 32.80
N LEU D 192 -8.37 3.96 32.27
CA LEU D 192 -8.93 2.78 32.94
C LEU D 192 -8.24 2.51 34.29
N GLU D 193 -6.97 2.86 34.40
CA GLU D 193 -6.22 2.82 35.66
C GLU D 193 -6.72 3.90 36.62
N LEU D 194 -7.51 4.85 36.12
CA LEU D 194 -8.06 5.91 36.99
C LEU D 194 -9.54 5.71 37.38
N GLY D 195 -10.20 4.68 36.85
CA GLY D 195 -11.59 4.36 37.21
C GLY D 195 -12.52 4.45 36.01
N ALA D 196 -12.00 4.95 34.88
CA ALA D 196 -12.77 5.07 33.66
C ALA D 196 -13.15 3.69 33.15
N ASP D 197 -14.22 3.65 32.35
CA ASP D 197 -14.76 2.42 31.79
C ASP D 197 -14.29 2.22 30.34
N ILE D 198 -13.97 3.33 29.68
CA ILE D 198 -13.55 3.32 28.29
C ILE D 198 -12.52 4.43 28.12
N ALA D 199 -11.43 4.09 27.43
CA ALA D 199 -10.40 5.05 27.04
C ALA D 199 -10.28 5.03 25.52
N LEU D 200 -10.23 6.21 24.90
CA LEU D 200 -10.18 6.25 23.45
C LEU D 200 -9.19 7.30 22.93
N HIS D 201 -8.76 7.11 21.69
CA HIS D 201 -7.81 8.01 21.02
C HIS D 201 -8.14 8.16 19.56
N SER D 202 -7.94 9.36 19.04
CA SER D 202 -7.62 9.54 17.64
C SER D 202 -6.18 9.03 17.43
N VAL D 203 -6.08 7.90 16.74
CA VAL D 203 -4.82 7.30 16.41
C VAL D 203 -4.11 8.18 15.40
N SER D 204 -4.89 8.98 14.67
CA SER D 204 -4.38 9.98 13.73
C SER D 204 -3.27 10.84 14.29
N LYS D 205 -3.23 10.96 15.62
CA LYS D 205 -2.32 11.87 16.28
C LYS D 205 -1.04 11.15 16.70
N TYR D 206 -0.76 11.13 18.01
CA TYR D 206 0.50 10.59 18.54
C TYR D 206 0.72 9.11 18.29
N ILE D 207 -0.33 8.31 18.43
CA ILE D 207 -0.16 6.86 18.39
C ILE D 207 0.49 6.48 17.07
N ASN D 208 -0.10 6.93 15.95
CA ASN D 208 0.55 6.73 14.67
C ASN D 208 1.75 7.70 14.55
N GLY D 209 1.48 8.99 14.79
CA GLY D 209 2.49 10.02 14.89
C GLY D 209 3.26 10.44 13.65
N HIS D 210 2.98 9.85 12.50
CA HIS D 210 3.69 10.23 11.28
C HIS D 210 2.82 11.02 10.26
N GLY D 211 1.67 11.50 10.71
CA GLY D 211 0.83 12.38 9.91
C GLY D 211 0.32 11.76 8.60
N ASP D 212 0.25 10.43 8.53
CA ASP D 212 -0.16 9.84 7.27
C ASP D 212 -1.33 8.84 7.37
N VAL D 213 -2.05 8.86 8.49
CA VAL D 213 -3.17 7.94 8.71
C VAL D 213 -4.25 8.65 9.52
N ILE D 214 -5.52 8.40 9.21
CA ILE D 214 -6.61 8.76 10.11
C ILE D 214 -7.13 7.44 10.68
N GLY D 215 -7.28 7.39 12.00
CA GLY D 215 -7.78 6.18 12.64
C GLY D 215 -8.20 6.48 14.06
N GLY D 216 -9.02 5.59 14.63
CA GLY D 216 -9.43 5.72 16.01
C GLY D 216 -9.25 4.41 16.72
N VAL D 217 -9.23 4.45 18.05
CA VAL D 217 -9.23 3.23 18.82
C VAL D 217 -9.98 3.48 20.12
N SER D 218 -10.73 2.48 20.56
CA SER D 218 -11.44 2.52 21.84
C SER D 218 -11.14 1.26 22.65
N SER D 219 -10.84 1.42 23.94
CA SER D 219 -10.51 0.28 24.82
C SER D 219 -11.45 0.23 26.02
N ALA D 220 -11.95 -0.95 26.35
CA ALA D 220 -12.96 -1.07 27.40
C ALA D 220 -12.40 -1.85 28.57
N LYS D 221 -12.82 -1.46 29.77
CA LYS D 221 -12.48 -2.16 30.99
C LYS D 221 -13.06 -3.58 31.00
N THR D 222 -14.30 -3.76 30.54
CA THR D 222 -14.92 -5.09 30.65
C THR D 222 -15.04 -5.73 29.28
N ALA D 223 -15.01 -7.07 29.28
CA ALA D 223 -15.21 -7.87 28.07
C ALA D 223 -16.60 -7.61 27.47
N GLU D 224 -17.60 -7.41 28.31
CA GLU D 224 -18.94 -7.13 27.77
C GLU D 224 -19.03 -5.78 27.04
N ASP D 225 -18.31 -4.77 27.54
CA ASP D 225 -18.40 -3.43 26.93
C ASP D 225 -17.67 -3.35 25.59
N ILE D 226 -16.54 -4.04 25.47
CA ILE D 226 -15.86 -4.07 24.19
C ILE D 226 -16.62 -4.92 23.16
N ALA D 227 -17.28 -5.99 23.60
CA ALA D 227 -18.13 -6.77 22.69
C ALA D 227 -19.31 -5.92 22.15
N THR D 228 -19.91 -5.08 23.00
CA THR D 228 -21.00 -4.18 22.59
C THR D 228 -20.50 -3.18 21.55
N ILE D 229 -19.32 -2.62 21.81
CA ILE D 229 -18.68 -1.62 20.96
C ILE D 229 -18.41 -2.22 19.59
N LYS D 230 -17.88 -3.44 19.57
CA LYS D 230 -17.65 -4.15 18.31
C LYS D 230 -18.93 -4.53 17.58
N PHE D 231 -20.00 -4.78 18.34
CA PHE D 231 -21.30 -5.08 17.75
C PHE D 231 -21.83 -3.82 17.08
N TYR D 232 -21.68 -2.68 17.74
CA TYR D 232 -22.05 -1.41 17.11
C TYR D 232 -21.21 -1.15 15.83
N ARG D 233 -19.90 -1.40 15.90
CA ARG D 233 -19.02 -1.14 14.77
C ARG D 233 -19.40 -2.00 13.55
N LYS D 234 -19.87 -3.22 13.82
CA LYS D 234 -20.27 -4.14 12.78
C LYS D 234 -21.41 -3.50 11.94
N ASP D 235 -22.31 -2.80 12.61
CA ASP D 235 -23.47 -2.18 12.01
C ASP D 235 -23.21 -0.72 11.58
N ALA D 236 -22.37 0.02 12.29
CA ALA D 236 -22.11 1.42 11.92
C ALA D 236 -20.99 1.52 10.86
N GLY D 237 -20.02 0.62 10.91
CA GLY D 237 -19.13 0.46 9.76
C GLY D 237 -17.90 1.35 9.69
N SER D 238 -17.51 1.97 10.80
CA SER D 238 -16.25 2.73 10.80
C SER D 238 -15.10 1.75 11.08
N LEU D 239 -14.41 1.32 10.02
CA LEU D 239 -13.35 0.30 10.15
C LEU D 239 -12.01 0.91 9.87
N MET D 240 -10.97 0.39 10.51
CA MET D 240 -9.61 0.71 10.13
C MET D 240 -9.22 -0.20 8.96
N ALA D 241 -8.72 0.39 7.87
CA ALA D 241 -8.24 -0.41 6.72
C ALA D 241 -6.96 -1.20 7.11
N PRO D 242 -6.77 -2.39 6.54
CA PRO D 242 -5.61 -3.22 6.87
C PRO D 242 -4.29 -2.47 6.68
N MET D 243 -4.17 -1.69 5.60
CA MET D 243 -2.97 -0.92 5.34
C MET D 243 -2.72 0.17 6.41
N ASP D 244 -3.78 0.85 6.85
CA ASP D 244 -3.68 1.85 7.91
C ASP D 244 -3.29 1.20 9.24
N ALA D 245 -3.81 -0.02 9.49
CA ALA D 245 -3.45 -0.77 10.71
C ALA D 245 -1.98 -1.19 10.69
N PHE D 246 -1.47 -1.60 9.52
CA PHE D 246 -0.04 -1.92 9.36
C PHE D 246 0.76 -0.65 9.68
N LEU D 247 0.33 0.48 9.16
CA LEU D 247 1.05 1.75 9.37
C LEU D 247 0.95 2.22 10.82
N CYS D 248 -0.22 2.06 11.44
CA CYS D 248 -0.39 2.44 12.85
C CYS D 248 0.45 1.58 13.75
N ALA D 249 0.46 0.27 13.52
CA ALA D 249 1.30 -0.63 14.34
C ALA D 249 2.78 -0.28 14.19
N ARG D 250 3.19 0.02 12.95
CA ARG D 250 4.55 0.41 12.67
C ARG D 250 4.87 1.72 13.40
N GLY D 251 3.98 2.70 13.32
CA GLY D 251 4.20 3.97 14.03
C GLY D 251 4.30 3.80 15.53
N MET D 252 3.52 2.87 16.05
CA MET D 252 3.49 2.64 17.47
C MET D 252 4.79 2.07 18.06
N LYS D 253 5.63 1.46 17.23
CA LYS D 253 6.90 0.90 17.70
C LYS D 253 7.84 1.97 18.27
N THR D 254 7.71 3.20 17.81
CA THR D 254 8.54 4.28 18.31
C THR D 254 7.74 5.20 19.22
N LEU D 255 6.53 4.78 19.58
CA LEU D 255 5.67 5.65 20.39
C LEU D 255 6.34 6.07 21.72
N PRO D 256 6.85 5.11 22.52
CA PRO D 256 7.41 5.54 23.80
C PRO D 256 8.54 6.53 23.64
N ILE D 257 9.38 6.32 22.64
CA ILE D 257 10.54 7.17 22.44
C ILE D 257 10.13 8.55 21.89
N ARG D 258 9.14 8.58 21.02
CA ARG D 258 8.64 9.83 20.47
C ARG D 258 7.96 10.66 21.55
N MET D 259 7.22 10.01 22.44
CA MET D 259 6.52 10.74 23.50
C MET D 259 7.49 11.44 24.43
N GLN D 260 8.57 10.74 24.79
CA GLN D 260 9.62 11.30 25.66
C GLN D 260 10.11 12.63 25.09
N ILE D 261 10.36 12.70 23.78
CA ILE D 261 10.84 13.92 23.13
C ILE D 261 9.74 14.98 22.96
N HIS D 262 8.56 14.58 22.48
CA HIS D 262 7.40 15.48 22.48
C HIS D 262 7.26 16.19 23.84
N MET D 263 7.21 15.42 24.93
CA MET D 263 7.02 16.00 26.26
C MET D 263 8.12 17.00 26.65
N GLU D 264 9.37 16.62 26.49
CA GLU D 264 10.46 17.52 26.86
C GLU D 264 10.55 18.72 25.93
N ASN D 265 10.45 18.51 24.61
CA ASN D 265 10.38 19.62 23.67
C ASN D 265 9.25 20.59 23.98
N GLY D 266 8.06 20.04 24.23
CA GLY D 266 6.89 20.82 24.60
C GLY D 266 7.11 21.69 25.84
N LEU D 267 7.67 21.11 26.90
CA LEU D 267 7.87 21.85 28.14
C LEU D 267 8.75 23.06 27.87
N LYS D 268 9.85 22.82 27.16
CA LYS D 268 10.81 23.86 26.82
C LYS D 268 10.21 24.97 25.94
N VAL D 269 9.48 24.60 24.89
CA VAL D 269 8.88 25.62 24.03
C VAL D 269 7.91 26.52 24.82
N ALA D 270 7.10 25.91 25.68
CA ALA D 270 6.10 26.62 26.48
C ALA D 270 6.75 27.66 27.38
N LYS D 271 7.90 27.31 27.95
CA LYS D 271 8.65 28.21 28.84
C LYS D 271 9.25 29.37 28.08
N PHE D 272 9.84 29.10 26.92
CA PHE D 272 10.26 30.16 26.00
C PHE D 272 9.10 31.13 25.76
N LEU D 273 7.93 30.58 25.41
CA LEU D 273 6.75 31.41 25.19
C LEU D 273 6.28 32.15 26.45
N GLU D 274 6.25 31.45 27.59
CA GLU D 274 5.72 32.08 28.82
C GLU D 274 6.52 33.32 29.20
N GLN D 275 7.83 33.26 29.02
CA GLN D 275 8.68 34.41 29.37
C GLN D 275 9.01 35.38 28.21
N HIS D 276 8.29 35.24 27.09
CA HIS D 276 8.45 36.16 25.96
C HIS D 276 7.45 37.32 26.03
N GLU D 277 7.97 38.54 25.89
CA GLU D 277 7.21 39.79 26.06
C GLU D 277 5.98 39.95 25.14
N LYS D 278 5.97 39.24 24.02
CA LYS D 278 4.91 39.38 23.04
C LYS D 278 3.79 38.38 23.33
N ILE D 279 3.99 37.55 24.36
CA ILE D 279 3.06 36.50 24.74
C ILE D 279 2.32 36.80 26.05
N VAL D 280 1.00 36.88 25.95
CA VAL D 280 0.13 37.21 27.08
C VAL D 280 0.08 36.05 28.07
N LYS D 281 -0.14 34.85 27.57
CA LYS D 281 -0.46 33.69 28.42
C LYS D 281 -0.18 32.38 27.66
N VAL D 282 0.20 31.33 28.40
CA VAL D 282 0.52 30.02 27.83
C VAL D 282 -0.24 28.92 28.59
N ASN D 283 -1.00 28.13 27.86
CA ASN D 283 -1.81 27.07 28.44
C ASN D 283 -1.14 25.71 28.27
N HIS D 284 -0.21 25.37 29.16
CA HIS D 284 0.44 24.05 29.11
C HIS D 284 0.39 23.43 30.50
N PRO D 285 -0.24 22.25 30.60
CA PRO D 285 -0.49 21.55 31.87
C PRO D 285 0.75 21.31 32.74
N GLY D 286 1.92 21.23 32.13
CA GLY D 286 3.18 21.02 32.88
C GLY D 286 3.77 22.25 33.55
N LEU D 287 3.18 23.41 33.29
CA LEU D 287 3.62 24.66 33.93
C LEU D 287 2.98 24.82 35.31
N GLU D 288 3.78 25.27 36.28
CA GLU D 288 3.30 25.49 37.64
C GLU D 288 2.24 26.58 37.66
N SER D 289 2.33 27.52 36.72
CA SER D 289 1.40 28.65 36.65
C SER D 289 0.00 28.26 36.12
N PHE D 290 -0.10 27.11 35.48
CA PHE D 290 -1.37 26.64 34.89
C PHE D 290 -2.33 26.08 35.94
N PRO D 291 -3.61 26.47 35.88
CA PRO D 291 -4.63 25.91 36.79
C PRO D 291 -4.90 24.44 36.45
N GLY D 292 -4.86 23.58 37.47
CA GLY D 292 -5.00 22.14 37.22
C GLY D 292 -3.70 21.37 37.07
N HIS D 293 -2.56 22.07 37.22
CA HIS D 293 -1.25 21.45 37.19
C HIS D 293 -1.12 20.36 38.25
N ASP D 294 -1.65 20.64 39.44
CA ASP D 294 -1.62 19.69 40.56
C ASP D 294 -2.42 18.41 40.23
N ILE D 295 -3.61 18.59 39.65
CA ILE D 295 -4.42 17.44 39.28
C ILE D 295 -3.74 16.62 38.18
N ALA D 296 -3.19 17.32 37.18
CA ALA D 296 -2.53 16.67 36.04
C ALA D 296 -1.24 15.94 36.41
N LYS D 297 -0.43 16.52 37.31
CA LYS D 297 0.77 15.84 37.80
C LYS D 297 0.40 14.58 38.61
N LYS D 298 -0.68 14.65 39.39
CA LYS D 298 -1.22 13.50 40.11
C LYS D 298 -1.70 12.40 39.16
N GLN D 299 -2.46 12.75 38.13
CA GLN D 299 -3.23 11.74 37.36
C GLN D 299 -2.57 11.23 36.08
N MET D 300 -1.48 11.88 35.68
CA MET D 300 -0.75 11.51 34.47
C MET D 300 0.72 11.27 34.82
N THR D 301 1.43 10.50 33.99
CA THR D 301 2.86 10.28 34.23
C THR D 301 3.73 11.11 33.28
N GLY D 302 3.07 11.94 32.46
CA GLY D 302 3.73 12.89 31.57
C GLY D 302 2.74 13.77 30.82
N TYR D 303 3.23 14.55 29.85
CA TYR D 303 2.38 15.50 29.14
C TYR D 303 2.58 15.38 27.64
N GLY D 304 1.51 15.65 26.88
CA GLY D 304 1.59 15.78 25.44
C GLY D 304 2.32 17.07 25.09
N SER D 305 2.52 17.30 23.79
CA SER D 305 3.25 18.50 23.34
C SER D 305 2.38 19.51 22.57
N THR D 306 1.06 19.36 22.67
CA THR D 306 0.12 20.26 22.02
C THR D 306 -0.50 21.18 23.06
N PHE D 307 -0.36 22.49 22.85
CA PHE D 307 -0.84 23.46 23.81
C PHE D 307 -1.11 24.79 23.12
N LEU D 308 -1.72 25.70 23.87
CA LEU D 308 -2.27 26.90 23.32
C LEU D 308 -1.61 28.12 23.99
N PHE D 309 -1.37 29.20 23.23
CA PHE D 309 -0.93 30.47 23.84
C PHE D 309 -1.71 31.65 23.28
N GLU D 310 -1.70 32.76 24.03
CA GLU D 310 -2.40 34.00 23.70
C GLU D 310 -1.46 35.12 23.23
N MET D 311 -1.72 35.67 22.05
CA MET D 311 -1.03 36.88 21.56
C MET D 311 -1.82 38.10 22.01
N LYS D 312 -1.30 39.30 21.70
CA LYS D 312 -1.94 40.56 22.08
C LYS D 312 -3.07 40.98 21.15
N SER D 313 -3.02 40.57 19.89
CA SER D 313 -4.10 40.85 18.94
C SER D 313 -4.22 39.78 17.85
N PHE D 314 -5.26 39.89 17.02
CA PHE D 314 -5.42 38.98 15.89
C PHE D 314 -4.35 39.22 14.81
N GLU D 315 -3.96 40.48 14.60
CA GLU D 315 -2.93 40.84 13.62
C GLU D 315 -1.61 40.15 13.94
N ALA D 316 -1.27 40.13 15.22
CA ALA D 316 -0.02 39.56 15.72
C ALA D 316 0.02 38.02 15.65
N ALA D 317 -1.13 37.38 15.85
CA ALA D 317 -1.24 35.93 15.67
C ALA D 317 -1.04 35.56 14.20
N LYS D 318 -1.66 36.35 13.33
CA LYS D 318 -1.53 36.22 11.87
C LYS D 318 -0.08 36.45 11.45
N LYS D 319 0.52 37.50 11.99
CA LYS D 319 1.93 37.82 11.75
C LYS D 319 2.83 36.63 12.10
N LEU D 320 2.64 36.06 13.29
CA LEU D 320 3.47 34.95 13.75
C LEU D 320 3.26 33.69 12.91
N MET D 321 2.00 33.34 12.68
CA MET D 321 1.65 32.10 12.01
C MET D 321 2.07 32.08 10.55
N GLU D 322 2.19 33.25 9.93
CA GLU D 322 2.42 33.32 8.48
C GLU D 322 3.88 33.58 8.08
N HIS D 323 4.75 33.74 9.08
CA HIS D 323 6.18 34.02 8.85
C HIS D 323 7.14 33.01 9.52
N LEU D 324 6.63 31.82 9.79
CA LEU D 324 7.45 30.73 10.32
C LEU D 324 8.04 29.92 9.18
N LYS D 325 9.28 29.47 9.36
CA LYS D 325 9.99 28.74 8.31
C LYS D 325 10.02 27.22 8.54
N VAL D 326 9.98 26.78 9.80
CA VAL D 326 10.06 25.36 10.16
C VAL D 326 8.66 24.79 10.48
N CYS D 327 7.97 25.40 11.44
CA CYS D 327 6.57 25.08 11.72
C CYS D 327 5.68 25.25 10.48
N THR D 328 4.70 24.36 10.35
CA THR D 328 3.80 24.32 9.23
C THR D 328 2.42 24.77 9.72
N LEU D 329 1.78 25.65 8.97
CA LEU D 329 0.43 26.06 9.28
C LEU D 329 -0.53 24.95 8.80
N ALA D 330 -1.08 24.18 9.74
CA ALA D 330 -2.00 23.10 9.42
C ALA D 330 -2.82 22.63 10.62
N VAL D 331 -4.00 22.04 10.38
CA VAL D 331 -4.75 21.43 11.48
C VAL D 331 -4.11 20.07 11.81
N SER D 332 -4.55 19.46 12.91
CA SER D 332 -4.00 18.22 13.42
C SER D 332 -2.90 18.48 14.44
N LEU D 333 -2.38 17.38 14.99
CA LEU D 333 -1.44 17.42 16.09
C LEU D 333 -0.75 16.07 16.27
N GLY D 334 0.32 16.07 17.08
CA GLY D 334 0.99 14.84 17.46
C GLY D 334 1.77 14.15 16.34
N CYS D 335 2.17 14.95 15.34
CA CYS D 335 3.01 14.47 14.26
CA CYS D 335 3.01 14.49 14.25
C CYS D 335 4.46 14.72 14.64
N VAL D 336 5.38 14.01 13.97
CA VAL D 336 6.82 14.16 14.20
C VAL D 336 7.35 15.57 13.95
N ASP D 337 6.70 16.31 13.05
CA ASP D 337 7.10 17.71 12.82
C ASP D 337 6.12 18.70 13.49
N THR D 338 6.56 19.94 13.70
CA THR D 338 5.76 20.93 14.41
C THR D 338 4.59 21.53 13.58
N LEU D 339 3.41 21.58 14.20
CA LEU D 339 2.22 22.11 13.55
C LEU D 339 1.72 23.32 14.33
N ILE D 340 1.07 24.24 13.64
CA ILE D 340 0.51 25.44 14.25
C ILE D 340 -0.86 25.78 13.61
N GLU D 341 -1.78 26.29 14.43
CA GLU D 341 -3.20 26.34 14.05
C GLU D 341 -3.87 27.52 14.74
N HIS D 342 -4.96 28.04 14.17
CA HIS D 342 -5.75 29.13 14.76
C HIS D 342 -7.16 28.61 15.00
N PRO D 343 -7.46 28.18 16.24
CA PRO D 343 -8.71 27.48 16.61
C PRO D 343 -10.01 28.21 16.26
N ALA D 344 -10.04 29.52 16.50
CA ALA D 344 -11.24 30.32 16.31
C ALA D 344 -11.78 30.23 14.89
N SER D 345 -10.88 30.14 13.91
CA SER D 345 -11.25 30.16 12.49
C SER D 345 -10.96 28.84 11.77
N MET D 346 -10.49 27.84 12.51
CA MET D 346 -10.17 26.54 11.91
C MET D 346 -10.83 25.36 12.67
N THR D 347 -10.07 24.66 13.53
CA THR D 347 -10.61 23.49 14.27
C THR D 347 -11.95 23.73 15.01
N HIS D 348 -12.11 24.93 15.58
CA HIS D 348 -13.32 25.26 16.35
C HIS D 348 -14.19 26.35 15.70
N ALA D 349 -14.02 26.54 14.40
CA ALA D 349 -14.78 27.55 13.62
C ALA D 349 -16.29 27.32 13.64
N ALA D 350 -16.70 26.03 13.66
CA ALA D 350 -18.11 25.61 13.60
C ALA D 350 -18.81 25.50 14.97
N VAL D 351 -18.03 25.58 16.06
CA VAL D 351 -18.56 25.55 17.42
C VAL D 351 -19.50 26.76 17.65
N PRO D 352 -20.74 26.50 18.14
CA PRO D 352 -21.71 27.58 18.41
C PRO D 352 -21.15 28.70 19.29
N GLU D 353 -21.52 29.95 18.97
CA GLU D 353 -21.07 31.16 19.69
C GLU D 353 -21.00 30.96 21.21
N ASN D 354 -22.10 30.47 21.80
CA ASN D 354 -22.24 30.34 23.25
C ASN D 354 -21.32 29.28 23.86
N ILE D 355 -21.06 28.20 23.10
CA ILE D 355 -20.09 27.19 23.50
C ILE D 355 -18.66 27.74 23.28
N MET D 356 -18.51 28.61 22.28
CA MET D 356 -17.26 29.35 22.00
C MET D 356 -16.82 30.23 23.18
N ARG D 357 -17.78 30.97 23.77
CA ARG D 357 -17.53 31.81 24.95
C ARG D 357 -17.13 31.00 26.18
N LYS D 358 -17.95 30.00 26.53
CA LYS D 358 -17.72 29.16 27.71
C LYS D 358 -16.40 28.37 27.63
N GLN D 359 -15.97 28.04 26.40
CA GLN D 359 -14.69 27.36 26.17
C GLN D 359 -13.48 28.29 26.33
N GLY D 360 -13.70 29.59 26.12
CA GLY D 360 -12.65 30.61 26.15
C GLY D 360 -11.86 30.77 24.86
N ILE D 361 -12.47 30.44 23.71
CA ILE D 361 -11.76 30.53 22.43
C ILE D 361 -11.98 31.88 21.77
N THR D 362 -10.87 32.59 21.55
CA THR D 362 -10.89 33.95 21.01
C THR D 362 -9.93 34.05 19.82
N PRO D 363 -10.11 35.05 18.94
CA PRO D 363 -9.20 35.25 17.80
C PRO D 363 -7.72 35.49 18.19
N GLU D 364 -7.44 35.71 19.48
CA GLU D 364 -6.08 35.95 19.94
C GLU D 364 -5.28 34.68 20.23
N LEU D 365 -5.94 33.52 20.20
CA LEU D 365 -5.30 32.25 20.59
C LEU D 365 -4.67 31.53 19.42
N VAL D 366 -3.47 30.97 19.63
CA VAL D 366 -2.74 30.17 18.64
C VAL D 366 -2.37 28.81 19.26
N ARG D 367 -2.66 27.70 18.58
CA ARG D 367 -2.36 26.39 19.13
C ARG D 367 -1.14 25.83 18.43
N ILE D 368 -0.21 25.29 19.20
CA ILE D 368 0.96 24.65 18.63
C ILE D 368 1.05 23.20 19.06
N SER D 369 1.54 22.36 18.15
CA SER D 369 1.81 20.95 18.39
C SER D 369 3.29 20.73 18.12
N VAL D 370 4.08 20.70 19.18
CA VAL D 370 5.56 20.64 19.07
C VAL D 370 6.03 19.25 18.69
N GLY D 371 6.82 19.15 17.63
CA GLY D 371 7.34 17.86 17.14
C GLY D 371 8.58 17.39 17.85
N ILE D 372 9.31 16.46 17.22
CA ILE D 372 10.57 15.90 17.73
C ILE D 372 11.82 16.46 17.04
N GLU D 373 11.64 17.55 16.28
CA GLU D 373 12.79 18.36 15.80
C GLU D 373 13.64 18.80 16.97
N ASN D 374 14.90 19.09 16.73
CA ASN D 374 15.74 19.74 17.73
C ASN D 374 15.02 20.98 18.28
N VAL D 375 14.90 21.06 19.62
CA VAL D 375 14.16 22.15 20.28
C VAL D 375 14.64 23.58 19.96
N ASP D 376 15.94 23.72 19.83
CA ASP D 376 16.55 25.02 19.65
C ASP D 376 16.22 25.57 18.27
N ASP D 377 16.10 24.66 17.29
CA ASP D 377 15.70 25.00 15.93
C ASP D 377 14.25 25.48 15.88
N ILE D 378 13.39 24.82 16.69
CA ILE D 378 11.99 25.22 16.87
C ILE D 378 11.91 26.60 17.56
N ILE D 379 12.70 26.78 18.60
CA ILE D 379 12.70 28.06 19.33
C ILE D 379 13.21 29.21 18.45
N ALA D 380 14.31 29.01 17.75
CA ALA D 380 14.82 30.01 16.82
C ALA D 380 13.82 30.35 15.70
N ASP D 381 12.98 29.39 15.30
CA ASP D 381 11.95 29.68 14.29
C ASP D 381 10.85 30.62 14.85
N LEU D 382 10.38 30.29 16.06
CA LEU D 382 9.39 31.11 16.75
C LEU D 382 9.96 32.50 17.00
N LYS D 383 11.24 32.53 17.41
CA LYS D 383 11.96 33.78 17.72
C LYS D 383 11.96 34.77 16.55
N GLN D 384 12.47 34.35 15.39
CA GLN D 384 12.53 35.23 14.20
C GLN D 384 11.13 35.70 13.75
N ALA D 385 10.13 34.84 13.90
CA ALA D 385 8.75 35.19 13.55
C ALA D 385 8.12 36.19 14.53
N LEU D 386 8.38 36.02 15.81
CA LEU D 386 7.89 36.95 16.85
C LEU D 386 8.59 38.30 16.82
N GLU D 387 9.90 38.28 16.59
CA GLU D 387 10.72 39.49 16.74
C GLU D 387 10.88 40.30 15.44
N LEU D 388 10.44 39.72 14.33
CA LEU D 388 10.50 40.38 13.02
C LEU D 388 9.12 40.46 12.37
C 3LM E . -22.69 -11.15 2.17
N 3LM E . -22.86 -8.78 2.12
O1 3LM E . -21.94 -12.11 1.98
P 3LM E . -20.05 -4.25 3.74
N1 3LM E . -25.61 -4.45 1.30
C2 3LM E . -25.70 -5.64 0.74
C3 3LM E . -24.70 -6.70 1.07
O3 3LM E . -24.81 -7.92 0.48
C4 3LM E . -23.64 -6.39 2.05
C5 3LM E . -23.69 -5.04 2.63
C6 3LM E . -24.69 -4.14 2.22
CA 3LM E . -22.20 -9.86 2.65
CB 3LM E . -21.20 -9.72 3.58
SD 3LM E . -21.28 -11.50 5.71
CE 3LM E . -20.45 -11.19 7.24
CG 3LM E . -20.41 -10.83 4.29
C2A 3LM E . -26.75 -6.00 -0.28
C4A 3LM E . -22.60 -7.40 2.50
C5A 3LM E . -22.66 -4.61 3.67
OP1 3LM E . -20.23 -3.50 4.98
OP2 3LM E . -19.86 -5.71 3.96
OP3 3LM E . -19.10 -3.64 2.71
OP4 3LM E . -21.47 -4.23 2.99
O2 3LM E . -23.91 -11.24 1.90
S SO4 F . -35.37 16.71 5.81
O1 SO4 F . -34.48 15.60 6.18
O2 SO4 F . -35.44 17.57 6.97
O3 SO4 F . -34.80 17.49 4.70
O4 SO4 F . -36.68 16.17 5.44
C1 GOL G . -35.42 -36.05 -1.14
O1 GOL G . -36.28 -36.93 -1.85
C2 GOL G . -34.19 -36.87 -0.76
O2 GOL G . -33.39 -36.17 0.16
C3 GOL G . -33.43 -37.37 -1.97
O3 GOL G . -34.26 -38.26 -2.71
C 3LM H . 22.72 -9.74 6.86
N 3LM H . 22.74 -7.99 5.23
O1 3LM H . 21.97 -10.11 7.80
P 3LM H . 20.12 -6.09 0.71
N1 3LM H . 25.67 -4.55 2.68
C2 3LM H . 25.79 -5.01 3.96
C3 3LM H . 24.82 -6.01 4.44
O3 3LM H . 24.89 -6.48 5.71
C4 3LM H . 23.76 -6.49 3.49
C5 3LM H . 23.78 -5.90 2.12
C6 3LM H . 24.75 -4.96 1.80
CA 3LM H . 22.19 -9.16 5.62
CB 3LM H . 21.22 -9.76 4.84
SD 3LM H . 21.25 -12.47 4.29
CE 3LM H . 20.04 -13.52 3.55
CG 3LM H . 20.49 -11.06 5.10
C2A 3LM H . 26.87 -4.50 4.90
C4A 3LM H . 22.72 -7.52 3.85
C5A 3LM H . 22.76 -6.33 1.09
OP1 3LM H . 20.30 -6.43 -0.75
OP2 3LM H . 19.90 -7.27 1.58
OP3 3LM H . 19.22 -4.90 1.02
OP4 3LM H . 21.57 -5.51 1.16
O2 3LM H . 23.96 -9.84 6.95
S SO4 I . 35.99 6.71 -15.41
O1 SO4 I . 37.34 6.20 -15.16
O2 SO4 I . 35.87 8.09 -14.91
O3 SO4 I . 35.71 6.72 -16.84
O4 SO4 I . 35.05 5.85 -14.72
C 3LM J . 7.69 2.09 -24.08
N 3LM J . 8.51 0.16 -23.03
O1 3LM J . 6.85 2.99 -23.99
P 3LM J . 10.28 -1.76 -18.06
N1 3LM J . 10.53 -4.72 -23.42
C2 3LM J . 9.70 -4.07 -24.24
C3 3LM J . 9.20 -2.73 -23.83
O3 3LM J . 8.37 -2.11 -24.66
C4 3LM J . 9.64 -2.12 -22.57
C5 3LM J . 10.58 -2.95 -21.77
C6 3LM J . 10.96 -4.21 -22.26
CA 3LM J . 8.36 1.52 -22.92
CB 3LM J . 8.82 2.24 -21.86
SD 3LM J . 10.19 4.71 -22.20
CE 3LM J . 11.14 5.25 -20.82
CG 3LM J . 8.74 3.77 -21.67
C2A 3LM J . 9.19 -4.63 -25.55
C4A 3LM J . 9.23 -0.74 -22.08
C5A 3LM J . 11.14 -2.46 -20.46
OP1 3LM J . 11.68 -1.82 -17.52
OP2 3LM J . 9.87 -0.43 -18.63
OP3 3LM J . 9.21 -2.40 -17.21
OP4 3LM J . 10.23 -2.65 -19.39
O2 3LM J . 7.96 1.59 -25.19
S SO4 K . 25.80 -22.67 -19.89
O1 SO4 K . 26.87 -22.52 -18.89
O2 SO4 K . 25.12 -21.39 -19.98
O3 SO4 K . 26.35 -22.99 -21.20
O4 SO4 K . 24.88 -23.73 -19.48
C1 GOL L . 0.06 17.49 -47.37
O1 GOL L . -1.25 17.02 -47.69
C2 GOL L . 1.01 16.31 -47.39
O2 GOL L . 2.16 16.59 -46.60
C3 GOL L . 1.35 15.95 -48.85
O3 GOL L . 0.16 16.02 -49.65
C 3LM M . -7.47 18.88 15.53
N 3LM M . -8.35 16.74 16.11
O1 3LM M . -6.60 19.45 14.82
P 3LM M . -10.06 12.07 13.93
N1 3LM M . -10.31 13.74 19.82
C2 3LM M . -9.48 14.79 19.88
C3 3LM M . -9.03 15.47 18.64
O3 3LM M . -8.17 16.51 18.69
C4 3LM M . -9.54 14.95 17.32
C5 3LM M . -10.47 13.80 17.40
C6 3LM M . -10.79 13.26 18.65
CA 3LM M . -8.11 17.61 15.10
CB 3LM M . -8.50 17.34 13.81
SD 3LM M . -9.70 19.33 12.26
CE 3LM M . -10.73 18.73 10.97
CG 3LM M . -8.31 18.26 12.60
C2A 3LM M . -8.97 15.30 21.22
C4A 3LM M . -9.16 15.54 15.98
C5A 3LM M . -11.02 13.20 16.14
OP1 3LM M . -11.51 11.70 13.64
OP2 3LM M . -9.68 13.34 13.27
OP3 3LM M . -9.08 10.94 13.77
OP4 3LM M . -10.01 12.40 15.50
O2 3LM M . -7.86 19.35 16.63
S SO4 N . -26.29 -0.80 30.03
O1 SO4 N . -25.13 -0.18 29.39
O2 SO4 N . -26.73 0.04 31.15
O3 SO4 N . -27.37 -0.93 29.06
O4 SO4 N . -25.91 -2.13 30.50
#